data_1FXR
# 
_entry.id   1FXR 
# 
_audit_conform.dict_name       mmcif_pdbx.dic 
_audit_conform.dict_version    5.386 
_audit_conform.dict_location   http://mmcif.pdb.org/dictionaries/ascii/mmcif_pdbx.dic 
# 
loop_
_database_2.database_id 
_database_2.database_code 
_database_2.pdbx_database_accession 
_database_2.pdbx_DOI 
PDB   1FXR         pdb_00001fxr 10.2210/pdb1fxr/pdb 
WWPDB D_1000173460 ?            ?                   
# 
loop_
_pdbx_audit_revision_history.ordinal 
_pdbx_audit_revision_history.data_content_type 
_pdbx_audit_revision_history.major_revision 
_pdbx_audit_revision_history.minor_revision 
_pdbx_audit_revision_history.revision_date 
1 'Structure model' 1 0 1995-01-26 
2 'Structure model' 1 1 2008-03-24 
3 'Structure model' 1 2 2011-07-13 
4 'Structure model' 1 3 2024-02-07 
# 
_pdbx_audit_revision_details.ordinal             1 
_pdbx_audit_revision_details.revision_ordinal    1 
_pdbx_audit_revision_details.data_content_type   'Structure model' 
_pdbx_audit_revision_details.provider            repository 
_pdbx_audit_revision_details.type                'Initial release' 
_pdbx_audit_revision_details.description         ? 
_pdbx_audit_revision_details.details             ? 
# 
loop_
_pdbx_audit_revision_group.ordinal 
_pdbx_audit_revision_group.revision_ordinal 
_pdbx_audit_revision_group.data_content_type 
_pdbx_audit_revision_group.group 
1 2 'Structure model' 'Version format compliance' 
2 3 'Structure model' 'Version format compliance' 
3 4 'Structure model' 'Data collection'           
4 4 'Structure model' 'Database references'       
5 4 'Structure model' 'Derived calculations'      
6 4 'Structure model' Other                       
# 
loop_
_pdbx_audit_revision_category.ordinal 
_pdbx_audit_revision_category.revision_ordinal 
_pdbx_audit_revision_category.data_content_type 
_pdbx_audit_revision_category.category 
1 4 'Structure model' chem_comp_atom       
2 4 'Structure model' chem_comp_bond       
3 4 'Structure model' database_2           
4 4 'Structure model' pdbx_database_status 
5 4 'Structure model' struct_site          
# 
loop_
_pdbx_audit_revision_item.ordinal 
_pdbx_audit_revision_item.revision_ordinal 
_pdbx_audit_revision_item.data_content_type 
_pdbx_audit_revision_item.item 
1 4 'Structure model' '_database_2.pdbx_DOI'                
2 4 'Structure model' '_database_2.pdbx_database_accession' 
3 4 'Structure model' '_pdbx_database_status.process_site'  
4 4 'Structure model' '_struct_site.pdbx_auth_asym_id'      
5 4 'Structure model' '_struct_site.pdbx_auth_comp_id'      
6 4 'Structure model' '_struct_site.pdbx_auth_seq_id'       
# 
_pdbx_database_status.status_code                     REL 
_pdbx_database_status.entry_id                        1FXR 
_pdbx_database_status.recvd_initial_deposition_date   1994-11-14 
_pdbx_database_status.deposit_site                    ? 
_pdbx_database_status.process_site                    BNL 
_pdbx_database_status.SG_entry                        . 
_pdbx_database_status.pdb_format_compatible           Y 
_pdbx_database_status.status_code_mr                  ? 
_pdbx_database_status.status_code_sf                  ? 
_pdbx_database_status.status_code_cs                  ? 
_pdbx_database_status.status_code_nmr_data            ? 
_pdbx_database_status.methods_development_category    ? 
# 
loop_
_audit_author.name 
_audit_author.pdbx_ordinal 
'Frey, M.' 1 
'Roth, M.' 2 
# 
_citation.id                        primary 
_citation.title                     'Crystal structure of the ferredoxin I from Desulfovibrio africanus at 2.3 A resolution.' 
_citation.journal_abbrev            Biochemistry 
_citation.journal_volume            33 
_citation.page_first                15408 
_citation.page_last                 15417 
_citation.year                      1994 
_citation.journal_id_ASTM           BICHAW 
_citation.country                   US 
_citation.journal_id_ISSN           0006-2960 
_citation.journal_id_CSD            0033 
_citation.book_publisher            ? 
_citation.pdbx_database_id_PubMed   7803404 
_citation.pdbx_database_id_DOI      10.1021/bi00255a022 
# 
loop_
_citation_author.citation_id 
_citation_author.name 
_citation_author.ordinal 
_citation_author.identifier_ORCID 
primary 'Sery, A.'       1 ? 
primary 'Housset, D.'    2 ? 
primary 'Serre, L.'      3 ? 
primary 'Bonicel, J.'    4 ? 
primary 'Hatchikian, C.' 5 ? 
primary 'Frey, M.'       6 ? 
primary 'Roth, M.'       7 ? 
# 
loop_
_entity.id 
_entity.type 
_entity.src_method 
_entity.pdbx_description 
_entity.formula_weight 
_entity.pdbx_number_of_molecules 
_entity.pdbx_ec 
_entity.pdbx_mutation 
_entity.pdbx_fragment 
_entity.details 
1 polymer     man 'FERREDOXIN I'        7206.928 2  ? ? ? ? 
2 non-polymer syn 'IRON/SULFUR CLUSTER' 351.640  2  ? ? ? ? 
3 non-polymer syn 'SULFATE ION'         96.063   1  ? ? ? ? 
4 water       nat water                 18.015   70 ? ? ? ? 
# 
_entity_poly.entity_id                      1 
_entity_poly.type                           'polypeptide(L)' 
_entity_poly.nstd_linkage                   no 
_entity_poly.nstd_monomer                   no 
_entity_poly.pdbx_seq_one_letter_code       ARKFYVDQDECIACESCVEIAPGAFAMDPEIEKAYVKDVEGASQEEVEEAMDTCPVQCIHWEDE 
_entity_poly.pdbx_seq_one_letter_code_can   ARKFYVDQDECIACESCVEIAPGAFAMDPEIEKAYVKDVEGASQEEVEEAMDTCPVQCIHWEDE 
_entity_poly.pdbx_strand_id                 A,B 
_entity_poly.pdbx_target_identifier         ? 
# 
loop_
_pdbx_entity_nonpoly.entity_id 
_pdbx_entity_nonpoly.name 
_pdbx_entity_nonpoly.comp_id 
2 'IRON/SULFUR CLUSTER' SF4 
3 'SULFATE ION'         SO4 
4 water                 HOH 
# 
loop_
_entity_poly_seq.entity_id 
_entity_poly_seq.num 
_entity_poly_seq.mon_id 
_entity_poly_seq.hetero 
1 1  ALA n 
1 2  ARG n 
1 3  LYS n 
1 4  PHE n 
1 5  TYR n 
1 6  VAL n 
1 7  ASP n 
1 8  GLN n 
1 9  ASP n 
1 10 GLU n 
1 11 CYS n 
1 12 ILE n 
1 13 ALA n 
1 14 CYS n 
1 15 GLU n 
1 16 SER n 
1 17 CYS n 
1 18 VAL n 
1 19 GLU n 
1 20 ILE n 
1 21 ALA n 
1 22 PRO n 
1 23 GLY n 
1 24 ALA n 
1 25 PHE n 
1 26 ALA n 
1 27 MET n 
1 28 ASP n 
1 29 PRO n 
1 30 GLU n 
1 31 ILE n 
1 32 GLU n 
1 33 LYS n 
1 34 ALA n 
1 35 TYR n 
1 36 VAL n 
1 37 LYS n 
1 38 ASP n 
1 39 VAL n 
1 40 GLU n 
1 41 GLY n 
1 42 ALA n 
1 43 SER n 
1 44 GLN n 
1 45 GLU n 
1 46 GLU n 
1 47 VAL n 
1 48 GLU n 
1 49 GLU n 
1 50 ALA n 
1 51 MET n 
1 52 ASP n 
1 53 THR n 
1 54 CYS n 
1 55 PRO n 
1 56 VAL n 
1 57 GLN n 
1 58 CYS n 
1 59 ILE n 
1 60 HIS n 
1 61 TRP n 
1 62 GLU n 
1 63 ASP n 
1 64 GLU n 
# 
_entity_src_gen.entity_id                          1 
_entity_src_gen.pdbx_src_id                        1 
_entity_src_gen.pdbx_alt_source_flag               sample 
_entity_src_gen.pdbx_seq_type                      ? 
_entity_src_gen.pdbx_beg_seq_num                   ? 
_entity_src_gen.pdbx_end_seq_num                   ? 
_entity_src_gen.gene_src_common_name               ? 
_entity_src_gen.gene_src_genus                     Desulfovibrio 
_entity_src_gen.pdbx_gene_src_gene                 ? 
_entity_src_gen.gene_src_species                   ? 
_entity_src_gen.gene_src_strain                    ? 
_entity_src_gen.gene_src_tissue                    ? 
_entity_src_gen.gene_src_tissue_fraction           ? 
_entity_src_gen.gene_src_details                   ? 
_entity_src_gen.pdbx_gene_src_fragment             ? 
_entity_src_gen.pdbx_gene_src_scientific_name      'Desulfovibrio africanus' 
_entity_src_gen.pdbx_gene_src_ncbi_taxonomy_id     873 
_entity_src_gen.pdbx_gene_src_variant              ? 
_entity_src_gen.pdbx_gene_src_cell_line            ? 
_entity_src_gen.pdbx_gene_src_atcc                 ? 
_entity_src_gen.pdbx_gene_src_organ                ? 
_entity_src_gen.pdbx_gene_src_organelle            ? 
_entity_src_gen.pdbx_gene_src_cell                 ? 
_entity_src_gen.pdbx_gene_src_cellular_location    ? 
_entity_src_gen.host_org_common_name               ? 
_entity_src_gen.pdbx_host_org_scientific_name      ? 
_entity_src_gen.pdbx_host_org_ncbi_taxonomy_id     ? 
_entity_src_gen.host_org_genus                     ? 
_entity_src_gen.pdbx_host_org_gene                 ? 
_entity_src_gen.pdbx_host_org_organ                ? 
_entity_src_gen.host_org_species                   ? 
_entity_src_gen.pdbx_host_org_tissue               ? 
_entity_src_gen.pdbx_host_org_tissue_fraction      ? 
_entity_src_gen.pdbx_host_org_strain               ? 
_entity_src_gen.pdbx_host_org_variant              ? 
_entity_src_gen.pdbx_host_org_cell_line            ? 
_entity_src_gen.pdbx_host_org_atcc                 ? 
_entity_src_gen.pdbx_host_org_culture_collection   ? 
_entity_src_gen.pdbx_host_org_cell                 ? 
_entity_src_gen.pdbx_host_org_organelle            ? 
_entity_src_gen.pdbx_host_org_cellular_location    ? 
_entity_src_gen.pdbx_host_org_vector_type          ? 
_entity_src_gen.pdbx_host_org_vector               ? 
_entity_src_gen.host_org_details                   ? 
_entity_src_gen.expression_system_id               ? 
_entity_src_gen.plasmid_name                       ? 
_entity_src_gen.plasmid_details                    ? 
_entity_src_gen.pdbx_description                   ? 
# 
loop_
_chem_comp.id 
_chem_comp.type 
_chem_comp.mon_nstd_flag 
_chem_comp.name 
_chem_comp.pdbx_synonyms 
_chem_comp.formula 
_chem_comp.formula_weight 
ALA 'L-peptide linking' y ALANINE               ? 'C3 H7 N O2'     89.093  
ARG 'L-peptide linking' y ARGININE              ? 'C6 H15 N4 O2 1' 175.209 
ASP 'L-peptide linking' y 'ASPARTIC ACID'       ? 'C4 H7 N O4'     133.103 
CYS 'L-peptide linking' y CYSTEINE              ? 'C3 H7 N O2 S'   121.158 
GLN 'L-peptide linking' y GLUTAMINE             ? 'C5 H10 N2 O3'   146.144 
GLU 'L-peptide linking' y 'GLUTAMIC ACID'       ? 'C5 H9 N O4'     147.129 
GLY 'peptide linking'   y GLYCINE               ? 'C2 H5 N O2'     75.067  
HIS 'L-peptide linking' y HISTIDINE             ? 'C6 H10 N3 O2 1' 156.162 
HOH non-polymer         . WATER                 ? 'H2 O'           18.015  
ILE 'L-peptide linking' y ISOLEUCINE            ? 'C6 H13 N O2'    131.173 
LYS 'L-peptide linking' y LYSINE                ? 'C6 H15 N2 O2 1' 147.195 
MET 'L-peptide linking' y METHIONINE            ? 'C5 H11 N O2 S'  149.211 
PHE 'L-peptide linking' y PHENYLALANINE         ? 'C9 H11 N O2'    165.189 
PRO 'L-peptide linking' y PROLINE               ? 'C5 H9 N O2'     115.130 
SER 'L-peptide linking' y SERINE                ? 'C3 H7 N O3'     105.093 
SF4 non-polymer         . 'IRON/SULFUR CLUSTER' ? 'Fe4 S4'         351.640 
SO4 non-polymer         . 'SULFATE ION'         ? 'O4 S -2'        96.063  
THR 'L-peptide linking' y THREONINE             ? 'C4 H9 N O3'     119.119 
TRP 'L-peptide linking' y TRYPTOPHAN            ? 'C11 H12 N2 O2'  204.225 
TYR 'L-peptide linking' y TYROSINE              ? 'C9 H11 N O3'    181.189 
VAL 'L-peptide linking' y VALINE                ? 'C5 H11 N O2'    117.146 
# 
loop_
_pdbx_poly_seq_scheme.asym_id 
_pdbx_poly_seq_scheme.entity_id 
_pdbx_poly_seq_scheme.seq_id 
_pdbx_poly_seq_scheme.mon_id 
_pdbx_poly_seq_scheme.ndb_seq_num 
_pdbx_poly_seq_scheme.pdb_seq_num 
_pdbx_poly_seq_scheme.auth_seq_num 
_pdbx_poly_seq_scheme.pdb_mon_id 
_pdbx_poly_seq_scheme.auth_mon_id 
_pdbx_poly_seq_scheme.pdb_strand_id 
_pdbx_poly_seq_scheme.pdb_ins_code 
_pdbx_poly_seq_scheme.hetero 
A 1 1  ALA 1  1  1  ALA ALA A . n 
A 1 2  ARG 2  2  2  ARG ARG A . n 
A 1 3  LYS 3  3  3  LYS LYS A . n 
A 1 4  PHE 4  4  4  PHE PHE A . n 
A 1 5  TYR 5  5  5  TYR TYR A . n 
A 1 6  VAL 6  6  6  VAL VAL A . n 
A 1 7  ASP 7  7  7  ASP ASP A . n 
A 1 8  GLN 8  8  8  GLN GLN A . n 
A 1 9  ASP 9  9  9  ASP ASP A . n 
A 1 10 GLU 10 10 10 GLU GLU A . n 
A 1 11 CYS 11 11 11 CYS CYS A . n 
A 1 12 ILE 12 12 12 ILE ILE A . n 
A 1 13 ALA 13 13 13 ALA ALA A . n 
A 1 14 CYS 14 14 14 CYS CYS A . n 
A 1 15 GLU 15 15 15 GLU GLU A . n 
A 1 16 SER 16 16 16 SER SER A . n 
A 1 17 CYS 17 17 17 CYS CYS A . n 
A 1 18 VAL 18 18 18 VAL VAL A . n 
A 1 19 GLU 19 19 19 GLU GLU A . n 
A 1 20 ILE 20 20 20 ILE ILE A . n 
A 1 21 ALA 21 21 21 ALA ALA A . n 
A 1 22 PRO 22 22 22 PRO PRO A . n 
A 1 23 GLY 23 23 23 GLY GLY A . n 
A 1 24 ALA 24 24 24 ALA ALA A . n 
A 1 25 PHE 25 25 25 PHE PHE A . n 
A 1 26 ALA 26 26 26 ALA ALA A . n 
A 1 27 MET 27 27 27 MET MET A . n 
A 1 28 ASP 28 28 28 ASP ASP A . n 
A 1 29 PRO 29 29 29 PRO PRO A . n 
A 1 30 GLU 30 30 30 GLU GLU A . n 
A 1 31 ILE 31 31 31 ILE ILE A . n 
A 1 32 GLU 32 32 32 GLU GLU A . n 
A 1 33 LYS 33 33 33 LYS LYS A . n 
A 1 34 ALA 34 34 34 ALA ALA A . n 
A 1 35 TYR 35 35 35 TYR TYR A . n 
A 1 36 VAL 36 36 36 VAL VAL A . n 
A 1 37 LYS 37 37 37 LYS LYS A . n 
A 1 38 ASP 38 38 38 ASP ASP A . n 
A 1 39 VAL 39 39 39 VAL VAL A . n 
A 1 40 GLU 40 40 40 GLU GLU A . n 
A 1 41 GLY 41 41 41 GLY GLY A . n 
A 1 42 ALA 42 42 42 ALA ALA A . n 
A 1 43 SER 43 43 43 SER SER A . n 
A 1 44 GLN 44 44 44 GLN GLN A . n 
A 1 45 GLU 45 45 45 GLU GLU A . n 
A 1 46 GLU 46 46 46 GLU GLU A . n 
A 1 47 VAL 47 47 47 VAL VAL A . n 
A 1 48 GLU 48 48 48 GLU GLU A . n 
A 1 49 GLU 49 49 49 GLU GLU A . n 
A 1 50 ALA 50 50 50 ALA ALA A . n 
A 1 51 MET 51 51 51 MET MET A . n 
A 1 52 ASP 52 52 52 ASP ASP A . n 
A 1 53 THR 53 53 53 THR THR A . n 
A 1 54 CYS 54 54 54 CYS CYS A . n 
A 1 55 PRO 55 55 55 PRO PRO A . n 
A 1 56 VAL 56 56 56 VAL VAL A . n 
A 1 57 GLN 57 57 57 GLN GLN A . n 
A 1 58 CYS 58 58 58 CYS CYS A . n 
A 1 59 ILE 59 59 59 ILE ILE A . n 
A 1 60 HIS 60 60 60 HIS HIS A . n 
A 1 61 TRP 61 61 61 TRP TRP A . n 
A 1 62 GLU 62 62 62 GLU GLU A . n 
A 1 63 ASP 63 63 63 ASP ASP A . n 
A 1 64 GLU 64 64 64 GLU GLU A . n 
B 1 1  ALA 1  1  1  ALA ALA B . n 
B 1 2  ARG 2  2  2  ARG ARG B . n 
B 1 3  LYS 3  3  3  LYS LYS B . n 
B 1 4  PHE 4  4  4  PHE PHE B . n 
B 1 5  TYR 5  5  5  TYR TYR B . n 
B 1 6  VAL 6  6  6  VAL VAL B . n 
B 1 7  ASP 7  7  7  ASP ASP B . n 
B 1 8  GLN 8  8  8  GLN GLN B . n 
B 1 9  ASP 9  9  9  ASP ASP B . n 
B 1 10 GLU 10 10 10 GLU GLU B . n 
B 1 11 CYS 11 11 11 CYS CYS B . n 
B 1 12 ILE 12 12 12 ILE ILE B . n 
B 1 13 ALA 13 13 13 ALA ALA B . n 
B 1 14 CYS 14 14 14 CYS CYS B . n 
B 1 15 GLU 15 15 15 GLU GLU B . n 
B 1 16 SER 16 16 16 SER SER B . n 
B 1 17 CYS 17 17 17 CYS CYS B . n 
B 1 18 VAL 18 18 18 VAL VAL B . n 
B 1 19 GLU 19 19 19 GLU GLU B . n 
B 1 20 ILE 20 20 20 ILE ILE B . n 
B 1 21 ALA 21 21 21 ALA ALA B . n 
B 1 22 PRO 22 22 22 PRO PRO B . n 
B 1 23 GLY 23 23 23 GLY GLY B . n 
B 1 24 ALA 24 24 24 ALA ALA B . n 
B 1 25 PHE 25 25 25 PHE PHE B . n 
B 1 26 ALA 26 26 26 ALA ALA B . n 
B 1 27 MET 27 27 27 MET MET B . n 
B 1 28 ASP 28 28 28 ASP ASP B . n 
B 1 29 PRO 29 29 29 PRO PRO B . n 
B 1 30 GLU 30 30 30 GLU GLU B . n 
B 1 31 ILE 31 31 31 ILE ILE B . n 
B 1 32 GLU 32 32 32 GLU GLU B . n 
B 1 33 LYS 33 33 33 LYS LYS B . n 
B 1 34 ALA 34 34 34 ALA ALA B . n 
B 1 35 TYR 35 35 35 TYR TYR B . n 
B 1 36 VAL 36 36 36 VAL VAL B . n 
B 1 37 LYS 37 37 37 LYS LYS B . n 
B 1 38 ASP 38 38 38 ASP ASP B . n 
B 1 39 VAL 39 39 39 VAL VAL B . n 
B 1 40 GLU 40 40 40 GLU GLU B . n 
B 1 41 GLY 41 41 41 GLY GLY B . n 
B 1 42 ALA 42 42 42 ALA ALA B . n 
B 1 43 SER 43 43 43 SER SER B . n 
B 1 44 GLN 44 44 44 GLN GLN B . n 
B 1 45 GLU 45 45 45 GLU GLU B . n 
B 1 46 GLU 46 46 46 GLU GLU B . n 
B 1 47 VAL 47 47 47 VAL VAL B . n 
B 1 48 GLU 48 48 48 GLU GLU B . n 
B 1 49 GLU 49 49 49 GLU GLU B . n 
B 1 50 ALA 50 50 50 ALA ALA B . n 
B 1 51 MET 51 51 51 MET MET B . n 
B 1 52 ASP 52 52 52 ASP ASP B . n 
B 1 53 THR 53 53 53 THR THR B . n 
B 1 54 CYS 54 54 54 CYS CYS B . n 
B 1 55 PRO 55 55 55 PRO PRO B . n 
B 1 56 VAL 56 56 56 VAL VAL B . n 
B 1 57 GLN 57 57 57 GLN GLN B . n 
B 1 58 CYS 58 58 58 CYS CYS B . n 
B 1 59 ILE 59 59 59 ILE ILE B . n 
B 1 60 HIS 60 60 60 HIS HIS B . n 
B 1 61 TRP 61 61 61 TRP TRP B . n 
B 1 62 GLU 62 62 62 GLU GLU B . n 
B 1 63 ASP 63 63 63 ASP ASP B . n 
B 1 64 GLU 64 64 64 GLU GLU B . n 
# 
loop_
_pdbx_nonpoly_scheme.asym_id 
_pdbx_nonpoly_scheme.entity_id 
_pdbx_nonpoly_scheme.mon_id 
_pdbx_nonpoly_scheme.ndb_seq_num 
_pdbx_nonpoly_scheme.pdb_seq_num 
_pdbx_nonpoly_scheme.auth_seq_num 
_pdbx_nonpoly_scheme.pdb_mon_id 
_pdbx_nonpoly_scheme.auth_mon_id 
_pdbx_nonpoly_scheme.pdb_strand_id 
_pdbx_nonpoly_scheme.pdb_ins_code 
C 2 SF4 1  65  65 SF4 FS4 A . 
D 3 SO4 1  65  1  SO4 SO4 B . 
E 2 SF4 1  66  65 SF4 FS4 B . 
F 4 HOH 1  66  2  HOH HOH A . 
F 4 HOH 2  67  3  HOH HOH A . 
F 4 HOH 3  68  4  HOH HOH A . 
F 4 HOH 4  69  5  HOH HOH A . 
F 4 HOH 5  70  6  HOH HOH A . 
F 4 HOH 6  71  7  HOH HOH A . 
F 4 HOH 7  72  8  HOH HOH A . 
F 4 HOH 8  73  9  HOH HOH A . 
F 4 HOH 9  74  10 HOH HOH A . 
F 4 HOH 10 75  11 HOH HOH A . 
F 4 HOH 11 76  12 HOH HOH A . 
F 4 HOH 12 77  13 HOH HOH A . 
F 4 HOH 13 78  14 HOH HOH A . 
F 4 HOH 14 79  15 HOH HOH A . 
F 4 HOH 15 80  16 HOH HOH A . 
F 4 HOH 16 81  18 HOH HOH A . 
F 4 HOH 17 82  19 HOH HOH A . 
F 4 HOH 18 83  20 HOH HOH A . 
F 4 HOH 19 84  21 HOH HOH A . 
F 4 HOH 20 85  23 HOH HOH A . 
F 4 HOH 21 86  24 HOH HOH A . 
F 4 HOH 22 87  25 HOH HOH A . 
F 4 HOH 23 88  26 HOH HOH A . 
F 4 HOH 24 89  27 HOH HOH A . 
F 4 HOH 25 90  28 HOH HOH A . 
F 4 HOH 26 91  29 HOH HOH A . 
F 4 HOH 27 92  30 HOH HOH A . 
F 4 HOH 28 93  31 HOH HOH A . 
F 4 HOH 29 94  32 HOH HOH A . 
F 4 HOH 30 95  33 HOH HOH A . 
F 4 HOH 31 96  34 HOH HOH A . 
F 4 HOH 32 97  35 HOH HOH A . 
F 4 HOH 33 98  36 HOH HOH A . 
F 4 HOH 34 99  37 HOH HOH A . 
F 4 HOH 35 100 38 HOH HOH A . 
F 4 HOH 36 101 60 HOH HOH A . 
F 4 HOH 37 102 62 HOH HOH A . 
G 4 HOH 1  67  17 HOH HOH B . 
G 4 HOH 2  68  22 HOH HOH B . 
G 4 HOH 3  69  39 HOH HOH B . 
G 4 HOH 4  70  40 HOH HOH B . 
G 4 HOH 5  71  41 HOH HOH B . 
G 4 HOH 6  72  42 HOH HOH B . 
G 4 HOH 7  73  43 HOH HOH B . 
G 4 HOH 8  74  44 HOH HOH B . 
G 4 HOH 9  75  45 HOH HOH B . 
G 4 HOH 10 76  46 HOH HOH B . 
G 4 HOH 11 77  47 HOH HOH B . 
G 4 HOH 12 78  48 HOH HOH B . 
G 4 HOH 13 79  49 HOH HOH B . 
G 4 HOH 14 80  50 HOH HOH B . 
G 4 HOH 15 81  51 HOH HOH B . 
G 4 HOH 16 82  52 HOH HOH B . 
G 4 HOH 17 83  53 HOH HOH B . 
G 4 HOH 18 84  54 HOH HOH B . 
G 4 HOH 19 85  55 HOH HOH B . 
G 4 HOH 20 86  56 HOH HOH B . 
G 4 HOH 21 87  57 HOH HOH B . 
G 4 HOH 22 88  58 HOH HOH B . 
G 4 HOH 23 89  59 HOH HOH B . 
G 4 HOH 24 90  61 HOH HOH B . 
G 4 HOH 25 91  63 HOH HOH B . 
G 4 HOH 26 92  64 HOH HOH B . 
G 4 HOH 27 93  65 HOH HOH B . 
G 4 HOH 28 94  66 HOH HOH B . 
G 4 HOH 29 95  67 HOH HOH B . 
G 4 HOH 30 96  68 HOH HOH B . 
G 4 HOH 31 97  69 HOH HOH B . 
G 4 HOH 32 98  70 HOH HOH B . 
G 4 HOH 33 99  71 HOH HOH B . 
# 
loop_
_pdbx_unobs_or_zero_occ_atoms.id 
_pdbx_unobs_or_zero_occ_atoms.PDB_model_num 
_pdbx_unobs_or_zero_occ_atoms.polymer_flag 
_pdbx_unobs_or_zero_occ_atoms.occupancy_flag 
_pdbx_unobs_or_zero_occ_atoms.auth_asym_id 
_pdbx_unobs_or_zero_occ_atoms.auth_comp_id 
_pdbx_unobs_or_zero_occ_atoms.auth_seq_id 
_pdbx_unobs_or_zero_occ_atoms.PDB_ins_code 
_pdbx_unobs_or_zero_occ_atoms.auth_atom_id 
_pdbx_unobs_or_zero_occ_atoms.label_alt_id 
_pdbx_unobs_or_zero_occ_atoms.label_asym_id 
_pdbx_unobs_or_zero_occ_atoms.label_comp_id 
_pdbx_unobs_or_zero_occ_atoms.label_seq_id 
_pdbx_unobs_or_zero_occ_atoms.label_atom_id 
1 1 Y 0 A GLU 64 ? OXT ? A GLU 64 OXT 
2 1 Y 0 B GLU 64 ? OXT ? B GLU 64 OXT 
# 
loop_
_software.name 
_software.classification 
_software.version 
_software.citation_id 
_software.pdbx_ordinal 
X-PLOR 'model building' . ? 1 
X-PLOR refinement       . ? 2 
X-PLOR phasing          . ? 3 
# 
_cell.entry_id           1FXR 
_cell.length_a           96.600 
_cell.length_b           58.100 
_cell.length_c           20.700 
_cell.angle_alpha        90.00 
_cell.angle_beta         90.00 
_cell.angle_gamma        90.00 
_cell.Z_PDB              8 
_cell.pdbx_unique_axis   ? 
# 
_symmetry.entry_id                         1FXR 
_symmetry.space_group_name_H-M             'P 21 21 2' 
_symmetry.pdbx_full_space_group_name_H-M   ? 
_symmetry.cell_setting                     ? 
_symmetry.Int_Tables_number                18 
# 
_exptl.entry_id          1FXR 
_exptl.method            'X-RAY DIFFRACTION' 
_exptl.crystals_number   ? 
# 
_exptl_crystal.id                    1 
_exptl_crystal.density_meas          ? 
_exptl_crystal.density_Matthews      2.01 
_exptl_crystal.density_percent_sol   38.93 
_exptl_crystal.description           ? 
# 
_diffrn.id                     1 
_diffrn.ambient_temp           ? 
_diffrn.ambient_temp_details   ? 
_diffrn.crystal_id             1 
# 
_diffrn_radiation.diffrn_id                        1 
_diffrn_radiation.wavelength_id                    1 
_diffrn_radiation.pdbx_monochromatic_or_laue_m_l   ? 
_diffrn_radiation.monochromator                    ? 
_diffrn_radiation.pdbx_diffrn_protocol             ? 
_diffrn_radiation.pdbx_scattering_type             x-ray 
# 
_diffrn_radiation_wavelength.id           1 
_diffrn_radiation_wavelength.wavelength   . 
_diffrn_radiation_wavelength.wt           1.0 
# 
_refine.entry_id                                 1FXR 
_refine.ls_number_reflns_obs                     4815 
_refine.ls_number_reflns_all                     ? 
_refine.pdbx_ls_sigma_I                          ? 
_refine.pdbx_ls_sigma_F                          2. 
_refine.pdbx_data_cutoff_high_absF               ? 
_refine.pdbx_data_cutoff_low_absF                ? 
_refine.pdbx_data_cutoff_high_rms_absF           ? 
_refine.ls_d_res_low                             10.0 
_refine.ls_d_res_high                            2.3 
_refine.ls_percent_reflns_obs                    ? 
_refine.ls_R_factor_obs                          0.182 
_refine.ls_R_factor_all                          ? 
_refine.ls_R_factor_R_work                       0.182 
_refine.ls_R_factor_R_free                       0.227 
_refine.ls_R_factor_R_free_error                 ? 
_refine.ls_R_factor_R_free_error_details         ? 
_refine.ls_percent_reflns_R_free                 ? 
_refine.ls_number_reflns_R_free                  ? 
_refine.ls_number_parameters                     ? 
_refine.ls_number_restraints                     ? 
_refine.occupancy_min                            ? 
_refine.occupancy_max                            ? 
_refine.B_iso_mean                               ? 
_refine.aniso_B[1][1]                            ? 
_refine.aniso_B[2][2]                            ? 
_refine.aniso_B[3][3]                            ? 
_refine.aniso_B[1][2]                            ? 
_refine.aniso_B[1][3]                            ? 
_refine.aniso_B[2][3]                            ? 
_refine.solvent_model_details                    ? 
_refine.solvent_model_param_ksol                 ? 
_refine.solvent_model_param_bsol                 ? 
_refine.pdbx_ls_cross_valid_method               ? 
_refine.details                                  ? 
_refine.pdbx_starting_model                      ? 
_refine.pdbx_method_to_determine_struct          ? 
_refine.pdbx_isotropic_thermal_model             ? 
_refine.pdbx_stereochemistry_target_values       ? 
_refine.pdbx_stereochem_target_val_spec_case     ? 
_refine.pdbx_R_Free_selection_details            ? 
_refine.pdbx_overall_ESU_R                       ? 
_refine.pdbx_overall_ESU_R_Free                  ? 
_refine.overall_SU_ML                            ? 
_refine.overall_SU_B                             ? 
_refine.pdbx_refine_id                           'X-RAY DIFFRACTION' 
_refine.pdbx_diffrn_id                           1 
_refine.pdbx_TLS_residual_ADP_flag               ? 
_refine.correlation_coeff_Fo_to_Fc               ? 
_refine.correlation_coeff_Fo_to_Fc_free          ? 
_refine.pdbx_solvent_vdw_probe_radii             ? 
_refine.pdbx_solvent_ion_probe_radii             ? 
_refine.pdbx_solvent_shrinkage_radii             ? 
_refine.pdbx_overall_phase_error                 ? 
_refine.overall_SU_R_Cruickshank_DPI             ? 
_refine.pdbx_overall_SU_R_free_Cruickshank_DPI   ? 
_refine.pdbx_overall_SU_R_Blow_DPI               ? 
_refine.pdbx_overall_SU_R_free_Blow_DPI          ? 
# 
_refine_analyze.entry_id                        1FXR 
_refine_analyze.Luzzati_coordinate_error_obs    0.22 
_refine_analyze.Luzzati_sigma_a_obs             ? 
_refine_analyze.Luzzati_d_res_low_obs           ? 
_refine_analyze.Luzzati_coordinate_error_free   ? 
_refine_analyze.Luzzati_sigma_a_free            ? 
_refine_analyze.Luzzati_d_res_low_free          ? 
_refine_analyze.number_disordered_residues      ? 
_refine_analyze.occupancy_sum_hydrogen          ? 
_refine_analyze.occupancy_sum_non_hydrogen      ? 
_refine_analyze.pdbx_refine_id                  'X-RAY DIFFRACTION' 
# 
_refine_hist.pdbx_refine_id                   'X-RAY DIFFRACTION' 
_refine_hist.cycle_id                         LAST 
_refine_hist.pdbx_number_atoms_protein        1000 
_refine_hist.pdbx_number_atoms_nucleic_acid   0 
_refine_hist.pdbx_number_atoms_ligand         21 
_refine_hist.number_atoms_solvent             70 
_refine_hist.number_atoms_total               1091 
_refine_hist.d_res_high                       2.3 
_refine_hist.d_res_low                        10.0 
# 
loop_
_refine_ls_restr.type 
_refine_ls_restr.dev_ideal 
_refine_ls_restr.dev_ideal_target 
_refine_ls_restr.weight 
_refine_ls_restr.number 
_refine_ls_restr.pdbx_refine_id 
_refine_ls_restr.pdbx_restraint_function 
x_bond_d                0.013 ? ? ? 'X-RAY DIFFRACTION' ? 
x_bond_d_na             ?     ? ? ? 'X-RAY DIFFRACTION' ? 
x_bond_d_prot           ?     ? ? ? 'X-RAY DIFFRACTION' ? 
x_angle_d               ?     ? ? ? 'X-RAY DIFFRACTION' ? 
x_angle_d_na            ?     ? ? ? 'X-RAY DIFFRACTION' ? 
x_angle_d_prot          ?     ? ? ? 'X-RAY DIFFRACTION' ? 
x_angle_deg             2.93  ? ? ? 'X-RAY DIFFRACTION' ? 
x_angle_deg_na          ?     ? ? ? 'X-RAY DIFFRACTION' ? 
x_angle_deg_prot        ?     ? ? ? 'X-RAY DIFFRACTION' ? 
x_dihedral_angle_d      ?     ? ? ? 'X-RAY DIFFRACTION' ? 
x_dihedral_angle_d_na   ?     ? ? ? 'X-RAY DIFFRACTION' ? 
x_dihedral_angle_d_prot ?     ? ? ? 'X-RAY DIFFRACTION' ? 
x_improper_angle_d      ?     ? ? ? 'X-RAY DIFFRACTION' ? 
x_improper_angle_d_na   ?     ? ? ? 'X-RAY DIFFRACTION' ? 
x_improper_angle_d_prot ?     ? ? ? 'X-RAY DIFFRACTION' ? 
x_mcbond_it             ?     ? ? ? 'X-RAY DIFFRACTION' ? 
x_mcangle_it            ?     ? ? ? 'X-RAY DIFFRACTION' ? 
x_scbond_it             ?     ? ? ? 'X-RAY DIFFRACTION' ? 
x_scangle_it            ?     ? ? ? 'X-RAY DIFFRACTION' ? 
# 
_struct_ncs_oper.id             1 
_struct_ncs_oper.code           given 
_struct_ncs_oper.details        ? 
_struct_ncs_oper.matrix[1][1]   -0.32573288 
_struct_ncs_oper.matrix[1][2]   0.94271256 
_struct_ncs_oper.matrix[1][3]   -0.07205540 
_struct_ncs_oper.matrix[2][1]   0.94283067 
_struct_ncs_oper.matrix[2][2]   0.31819899 
_struct_ncs_oper.matrix[2][3]   -0.09909833 
_struct_ncs_oper.matrix[3][1]   -0.07049282 
_struct_ncs_oper.matrix[3][2]   -0.10021560 
_struct_ncs_oper.matrix[3][3]   -0.99246511 
_struct_ncs_oper.vector[1]      0.01851 
_struct_ncs_oper.vector[2]      -0.01936 
_struct_ncs_oper.vector[3]      -0.07722 
# 
_struct.entry_id                  1FXR 
_struct.title                     'CRYSTAL STRUCTURE OF THE FERREDOXIN I FROM DESULFOVIBRIO AFRICANUS AT 2.3 ANGSTROMS RESOLUTION' 
_struct.pdbx_model_details        ? 
_struct.pdbx_CASP_flag            ? 
_struct.pdbx_model_type_details   ? 
# 
_struct_keywords.entry_id        1FXR 
_struct_keywords.pdbx_keywords   'ELECTRON TRANSPORT' 
_struct_keywords.text            'ELECTRON TRANSPORT' 
# 
loop_
_struct_asym.id 
_struct_asym.pdbx_blank_PDB_chainid_flag 
_struct_asym.pdbx_modified 
_struct_asym.entity_id 
_struct_asym.details 
A N N 1 ? 
B N N 1 ? 
C N N 2 ? 
D N N 3 ? 
E N N 2 ? 
F N N 4 ? 
G N N 4 ? 
# 
_struct_ref.id                         1 
_struct_ref.db_name                    UNP 
_struct_ref.db_code                    FER1_DESAF 
_struct_ref.entity_id                  1 
_struct_ref.pdbx_db_accession          P00210 
_struct_ref.pdbx_align_begin           1 
_struct_ref.pdbx_seq_one_letter_code   ARKFYVDQDECIACESCVEIAPGAFAMDPEIEKAYVKDVEGASQEEVEEAMDTCPVQCIHWEDE 
_struct_ref.pdbx_db_isoform            ? 
# 
loop_
_struct_ref_seq.align_id 
_struct_ref_seq.ref_id 
_struct_ref_seq.pdbx_PDB_id_code 
_struct_ref_seq.pdbx_strand_id 
_struct_ref_seq.seq_align_beg 
_struct_ref_seq.pdbx_seq_align_beg_ins_code 
_struct_ref_seq.seq_align_end 
_struct_ref_seq.pdbx_seq_align_end_ins_code 
_struct_ref_seq.pdbx_db_accession 
_struct_ref_seq.db_align_beg 
_struct_ref_seq.pdbx_db_align_beg_ins_code 
_struct_ref_seq.db_align_end 
_struct_ref_seq.pdbx_db_align_end_ins_code 
_struct_ref_seq.pdbx_auth_seq_align_beg 
_struct_ref_seq.pdbx_auth_seq_align_end 
1 1 1FXR A 1 ? 64 ? P00210 1 ? 64 ? 1 64 
2 1 1FXR B 1 ? 64 ? P00210 1 ? 64 ? 1 64 
# 
_pdbx_struct_assembly.id                   1 
_pdbx_struct_assembly.details              author_and_software_defined_assembly 
_pdbx_struct_assembly.method_details       PISA 
_pdbx_struct_assembly.oligomeric_details   dimeric 
_pdbx_struct_assembly.oligomeric_count     2 
# 
loop_
_pdbx_struct_assembly_prop.biol_id 
_pdbx_struct_assembly_prop.type 
_pdbx_struct_assembly_prop.value 
_pdbx_struct_assembly_prop.details 
1 'ABSA (A^2)' 1630 ? 
1 MORE         -60  ? 
1 'SSA (A^2)'  7000 ? 
# 
_pdbx_struct_assembly_gen.assembly_id       1 
_pdbx_struct_assembly_gen.oper_expression   1 
_pdbx_struct_assembly_gen.asym_id_list      A,B,C,D,E,F,G 
# 
_pdbx_struct_oper_list.id                   1 
_pdbx_struct_oper_list.type                 'identity operation' 
_pdbx_struct_oper_list.name                 1_555 
_pdbx_struct_oper_list.symmetry_operation   x,y,z 
_pdbx_struct_oper_list.matrix[1][1]         1.0000000000 
_pdbx_struct_oper_list.matrix[1][2]         0.0000000000 
_pdbx_struct_oper_list.matrix[1][3]         0.0000000000 
_pdbx_struct_oper_list.vector[1]            0.0000000000 
_pdbx_struct_oper_list.matrix[2][1]         0.0000000000 
_pdbx_struct_oper_list.matrix[2][2]         1.0000000000 
_pdbx_struct_oper_list.matrix[2][3]         0.0000000000 
_pdbx_struct_oper_list.vector[2]            0.0000000000 
_pdbx_struct_oper_list.matrix[3][1]         0.0000000000 
_pdbx_struct_oper_list.matrix[3][2]         0.0000000000 
_pdbx_struct_oper_list.matrix[3][3]         1.0000000000 
_pdbx_struct_oper_list.vector[3]            0.0000000000 
# 
_struct_biol.id   1 
# 
loop_
_struct_conf.conf_type_id 
_struct_conf.id 
_struct_conf.pdbx_PDB_helix_id 
_struct_conf.beg_label_comp_id 
_struct_conf.beg_label_asym_id 
_struct_conf.beg_label_seq_id 
_struct_conf.pdbx_beg_PDB_ins_code 
_struct_conf.end_label_comp_id 
_struct_conf.end_label_asym_id 
_struct_conf.end_label_seq_id 
_struct_conf.pdbx_end_PDB_ins_code 
_struct_conf.beg_auth_comp_id 
_struct_conf.beg_auth_asym_id 
_struct_conf.beg_auth_seq_id 
_struct_conf.end_auth_comp_id 
_struct_conf.end_auth_asym_id 
_struct_conf.end_auth_seq_id 
_struct_conf.pdbx_PDB_helix_class 
_struct_conf.details 
_struct_conf.pdbx_PDB_helix_length 
HELX_P HELX_P1 1 GLU A 15 ? ALA A 21 ? GLU A 15 ALA A 21 1 ? 7  
HELX_P HELX_P2 2 SER A 43 ? CYS A 54 ? SER A 43 CYS A 54 1 ? 12 
HELX_P HELX_P3 3 GLU B 15 ? ALA B 21 ? GLU B 15 ALA B 21 1 ? 7  
HELX_P HELX_P4 4 SER B 43 ? CYS B 54 ? SER B 43 CYS B 54 1 ? 12 
# 
_struct_conf_type.id          HELX_P 
_struct_conf_type.criteria    ? 
_struct_conf_type.reference   ? 
# 
loop_
_struct_conn.id 
_struct_conn.conn_type_id 
_struct_conn.pdbx_leaving_atom_flag 
_struct_conn.pdbx_PDB_id 
_struct_conn.ptnr1_label_asym_id 
_struct_conn.ptnr1_label_comp_id 
_struct_conn.ptnr1_label_seq_id 
_struct_conn.ptnr1_label_atom_id 
_struct_conn.pdbx_ptnr1_label_alt_id 
_struct_conn.pdbx_ptnr1_PDB_ins_code 
_struct_conn.pdbx_ptnr1_standard_comp_id 
_struct_conn.ptnr1_symmetry 
_struct_conn.ptnr2_label_asym_id 
_struct_conn.ptnr2_label_comp_id 
_struct_conn.ptnr2_label_seq_id 
_struct_conn.ptnr2_label_atom_id 
_struct_conn.pdbx_ptnr2_label_alt_id 
_struct_conn.pdbx_ptnr2_PDB_ins_code 
_struct_conn.ptnr1_auth_asym_id 
_struct_conn.ptnr1_auth_comp_id 
_struct_conn.ptnr1_auth_seq_id 
_struct_conn.ptnr2_auth_asym_id 
_struct_conn.ptnr2_auth_comp_id 
_struct_conn.ptnr2_auth_seq_id 
_struct_conn.ptnr2_symmetry 
_struct_conn.pdbx_ptnr3_label_atom_id 
_struct_conn.pdbx_ptnr3_label_seq_id 
_struct_conn.pdbx_ptnr3_label_comp_id 
_struct_conn.pdbx_ptnr3_label_asym_id 
_struct_conn.pdbx_ptnr3_label_alt_id 
_struct_conn.pdbx_ptnr3_PDB_ins_code 
_struct_conn.details 
_struct_conn.pdbx_dist_value 
_struct_conn.pdbx_value_order 
_struct_conn.pdbx_role 
metalc1 metalc ? ? A CYS 11 SG ? ? ? 1_555 C SF4 . FE1 ? ? A CYS 11 A SF4 65 1_555 ? ? ? ? ? ? ? 2.306 ? ? 
metalc2 metalc ? ? A CYS 14 SG ? ? ? 1_555 C SF4 . FE3 ? ? A CYS 14 A SF4 65 1_555 ? ? ? ? ? ? ? 2.007 ? ? 
metalc3 metalc ? ? A CYS 17 SG ? ? ? 1_555 C SF4 . FE2 ? ? A CYS 17 A SF4 65 1_555 ? ? ? ? ? ? ? 2.225 ? ? 
metalc4 metalc ? ? A CYS 54 SG ? ? ? 1_555 C SF4 . FE4 ? ? A CYS 54 A SF4 65 1_555 ? ? ? ? ? ? ? 2.138 ? ? 
metalc5 metalc ? ? B CYS 11 SG ? ? ? 1_555 E SF4 . FE1 ? ? B CYS 11 B SF4 66 1_555 ? ? ? ? ? ? ? 2.141 ? ? 
metalc6 metalc ? ? B CYS 14 SG ? ? ? 1_555 E SF4 . FE3 ? ? B CYS 14 B SF4 66 1_555 ? ? ? ? ? ? ? 2.135 ? ? 
metalc7 metalc ? ? B CYS 17 SG ? ? ? 1_555 E SF4 . FE2 ? ? B CYS 17 B SF4 66 1_555 ? ? ? ? ? ? ? 1.999 ? ? 
metalc8 metalc ? ? B CYS 54 SG ? ? ? 1_555 E SF4 . FE4 ? ? B CYS 54 B SF4 66 1_555 ? ? ? ? ? ? ? 2.186 ? ? 
# 
_struct_conn_type.id          metalc 
_struct_conn_type.criteria    ? 
_struct_conn_type.reference   ? 
# 
loop_
_pdbx_struct_conn_angle.id 
_pdbx_struct_conn_angle.ptnr1_label_atom_id 
_pdbx_struct_conn_angle.ptnr1_label_alt_id 
_pdbx_struct_conn_angle.ptnr1_label_asym_id 
_pdbx_struct_conn_angle.ptnr1_label_comp_id 
_pdbx_struct_conn_angle.ptnr1_label_seq_id 
_pdbx_struct_conn_angle.ptnr1_auth_atom_id 
_pdbx_struct_conn_angle.ptnr1_auth_asym_id 
_pdbx_struct_conn_angle.ptnr1_auth_comp_id 
_pdbx_struct_conn_angle.ptnr1_auth_seq_id 
_pdbx_struct_conn_angle.ptnr1_PDB_ins_code 
_pdbx_struct_conn_angle.ptnr1_symmetry 
_pdbx_struct_conn_angle.ptnr2_label_atom_id 
_pdbx_struct_conn_angle.ptnr2_label_alt_id 
_pdbx_struct_conn_angle.ptnr2_label_asym_id 
_pdbx_struct_conn_angle.ptnr2_label_comp_id 
_pdbx_struct_conn_angle.ptnr2_label_seq_id 
_pdbx_struct_conn_angle.ptnr2_auth_atom_id 
_pdbx_struct_conn_angle.ptnr2_auth_asym_id 
_pdbx_struct_conn_angle.ptnr2_auth_comp_id 
_pdbx_struct_conn_angle.ptnr2_auth_seq_id 
_pdbx_struct_conn_angle.ptnr2_PDB_ins_code 
_pdbx_struct_conn_angle.ptnr2_symmetry 
_pdbx_struct_conn_angle.ptnr3_label_atom_id 
_pdbx_struct_conn_angle.ptnr3_label_alt_id 
_pdbx_struct_conn_angle.ptnr3_label_asym_id 
_pdbx_struct_conn_angle.ptnr3_label_comp_id 
_pdbx_struct_conn_angle.ptnr3_label_seq_id 
_pdbx_struct_conn_angle.ptnr3_auth_atom_id 
_pdbx_struct_conn_angle.ptnr3_auth_asym_id 
_pdbx_struct_conn_angle.ptnr3_auth_comp_id 
_pdbx_struct_conn_angle.ptnr3_auth_seq_id 
_pdbx_struct_conn_angle.ptnr3_PDB_ins_code 
_pdbx_struct_conn_angle.ptnr3_symmetry 
_pdbx_struct_conn_angle.value 
_pdbx_struct_conn_angle.value_esd 
1  SG ? A CYS 11 ? A CYS 11 ? 1_555 FE1 ? C SF4 . ? A SF4 65 ? 1_555 S2 ? C SF4 . ? A SF4 65 ? 1_555 119.6 ? 
2  SG ? A CYS 11 ? A CYS 11 ? 1_555 FE1 ? C SF4 . ? A SF4 65 ? 1_555 S3 ? C SF4 . ? A SF4 65 ? 1_555 112.8 ? 
3  S2 ? C SF4 .  ? A SF4 65 ? 1_555 FE1 ? C SF4 . ? A SF4 65 ? 1_555 S3 ? C SF4 . ? A SF4 65 ? 1_555 106.8 ? 
4  SG ? A CYS 11 ? A CYS 11 ? 1_555 FE1 ? C SF4 . ? A SF4 65 ? 1_555 S4 ? C SF4 . ? A SF4 65 ? 1_555 109.0 ? 
5  S2 ? C SF4 .  ? A SF4 65 ? 1_555 FE1 ? C SF4 . ? A SF4 65 ? 1_555 S4 ? C SF4 . ? A SF4 65 ? 1_555 100.4 ? 
6  S3 ? C SF4 .  ? A SF4 65 ? 1_555 FE1 ? C SF4 . ? A SF4 65 ? 1_555 S4 ? C SF4 . ? A SF4 65 ? 1_555 107.0 ? 
7  SG ? A CYS 14 ? A CYS 14 ? 1_555 FE3 ? C SF4 . ? A SF4 65 ? 1_555 S1 ? C SF4 . ? A SF4 65 ? 1_555 104.4 ? 
8  SG ? A CYS 14 ? A CYS 14 ? 1_555 FE3 ? C SF4 . ? A SF4 65 ? 1_555 S2 ? C SF4 . ? A SF4 65 ? 1_555 118.4 ? 
9  S1 ? C SF4 .  ? A SF4 65 ? 1_555 FE3 ? C SF4 . ? A SF4 65 ? 1_555 S2 ? C SF4 . ? A SF4 65 ? 1_555 109.2 ? 
10 SG ? A CYS 14 ? A CYS 14 ? 1_555 FE3 ? C SF4 . ? A SF4 65 ? 1_555 S4 ? C SF4 . ? A SF4 65 ? 1_555 117.2 ? 
11 S1 ? C SF4 .  ? A SF4 65 ? 1_555 FE3 ? C SF4 . ? A SF4 65 ? 1_555 S4 ? C SF4 . ? A SF4 65 ? 1_555 104.9 ? 
12 S2 ? C SF4 .  ? A SF4 65 ? 1_555 FE3 ? C SF4 . ? A SF4 65 ? 1_555 S4 ? C SF4 . ? A SF4 65 ? 1_555 102.0 ? 
13 SG ? A CYS 17 ? A CYS 17 ? 1_555 FE2 ? C SF4 . ? A SF4 65 ? 1_555 S1 ? C SF4 . ? A SF4 65 ? 1_555 110.8 ? 
14 SG ? A CYS 17 ? A CYS 17 ? 1_555 FE2 ? C SF4 . ? A SF4 65 ? 1_555 S3 ? C SF4 . ? A SF4 65 ? 1_555 121.0 ? 
15 S1 ? C SF4 .  ? A SF4 65 ? 1_555 FE2 ? C SF4 . ? A SF4 65 ? 1_555 S3 ? C SF4 . ? A SF4 65 ? 1_555 104.3 ? 
16 SG ? A CYS 17 ? A CYS 17 ? 1_555 FE2 ? C SF4 . ? A SF4 65 ? 1_555 S4 ? C SF4 . ? A SF4 65 ? 1_555 110.6 ? 
17 S1 ? C SF4 .  ? A SF4 65 ? 1_555 FE2 ? C SF4 . ? A SF4 65 ? 1_555 S4 ? C SF4 . ? A SF4 65 ? 1_555 103.0 ? 
18 S3 ? C SF4 .  ? A SF4 65 ? 1_555 FE2 ? C SF4 . ? A SF4 65 ? 1_555 S4 ? C SF4 . ? A SF4 65 ? 1_555 105.5 ? 
19 SG ? A CYS 54 ? A CYS 54 ? 1_555 FE4 ? C SF4 . ? A SF4 65 ? 1_555 S1 ? C SF4 . ? A SF4 65 ? 1_555 109.1 ? 
20 SG ? A CYS 54 ? A CYS 54 ? 1_555 FE4 ? C SF4 . ? A SF4 65 ? 1_555 S2 ? C SF4 . ? A SF4 65 ? 1_555 108.0 ? 
21 S1 ? C SF4 .  ? A SF4 65 ? 1_555 FE4 ? C SF4 . ? A SF4 65 ? 1_555 S2 ? C SF4 . ? A SF4 65 ? 1_555 107.9 ? 
22 SG ? A CYS 54 ? A CYS 54 ? 1_555 FE4 ? C SF4 . ? A SF4 65 ? 1_555 S3 ? C SF4 . ? A SF4 65 ? 1_555 122.7 ? 
23 S1 ? C SF4 .  ? A SF4 65 ? 1_555 FE4 ? C SF4 . ? A SF4 65 ? 1_555 S3 ? C SF4 . ? A SF4 65 ? 1_555 103.0 ? 
24 S2 ? C SF4 .  ? A SF4 65 ? 1_555 FE4 ? C SF4 . ? A SF4 65 ? 1_555 S3 ? C SF4 . ? A SF4 65 ? 1_555 105.3 ? 
25 SG ? B CYS 11 ? B CYS 11 ? 1_555 FE1 ? E SF4 . ? B SF4 66 ? 1_555 S2 ? E SF4 . ? B SF4 66 ? 1_555 117.2 ? 
26 SG ? B CYS 11 ? B CYS 11 ? 1_555 FE1 ? E SF4 . ? B SF4 66 ? 1_555 S3 ? E SF4 . ? B SF4 66 ? 1_555 117.8 ? 
27 S2 ? E SF4 .  ? B SF4 66 ? 1_555 FE1 ? E SF4 . ? B SF4 66 ? 1_555 S3 ? E SF4 . ? B SF4 66 ? 1_555 105.1 ? 
28 SG ? B CYS 11 ? B CYS 11 ? 1_555 FE1 ? E SF4 . ? B SF4 66 ? 1_555 S4 ? E SF4 . ? B SF4 66 ? 1_555 107.1 ? 
29 S2 ? E SF4 .  ? B SF4 66 ? 1_555 FE1 ? E SF4 . ? B SF4 66 ? 1_555 S4 ? E SF4 . ? B SF4 66 ? 1_555 101.3 ? 
30 S3 ? E SF4 .  ? B SF4 66 ? 1_555 FE1 ? E SF4 . ? B SF4 66 ? 1_555 S4 ? E SF4 . ? B SF4 66 ? 1_555 106.6 ? 
31 SG ? B CYS 14 ? B CYS 14 ? 1_555 FE3 ? E SF4 . ? B SF4 66 ? 1_555 S1 ? E SF4 . ? B SF4 66 ? 1_555 99.9  ? 
32 SG ? B CYS 14 ? B CYS 14 ? 1_555 FE3 ? E SF4 . ? B SF4 66 ? 1_555 S2 ? E SF4 . ? B SF4 66 ? 1_555 116.4 ? 
33 S1 ? E SF4 .  ? B SF4 66 ? 1_555 FE3 ? E SF4 . ? B SF4 66 ? 1_555 S2 ? E SF4 . ? B SF4 66 ? 1_555 110.1 ? 
34 SG ? B CYS 14 ? B CYS 14 ? 1_555 FE3 ? E SF4 . ? B SF4 66 ? 1_555 S4 ? E SF4 . ? B SF4 66 ? 1_555 124.3 ? 
35 S1 ? E SF4 .  ? B SF4 66 ? 1_555 FE3 ? E SF4 . ? B SF4 66 ? 1_555 S4 ? E SF4 . ? B SF4 66 ? 1_555 103.6 ? 
36 S2 ? E SF4 .  ? B SF4 66 ? 1_555 FE3 ? E SF4 . ? B SF4 66 ? 1_555 S4 ? E SF4 . ? B SF4 66 ? 1_555 101.5 ? 
37 SG ? B CYS 17 ? B CYS 17 ? 1_555 FE2 ? E SF4 . ? B SF4 66 ? 1_555 S1 ? E SF4 . ? B SF4 66 ? 1_555 107.2 ? 
38 SG ? B CYS 17 ? B CYS 17 ? 1_555 FE2 ? E SF4 . ? B SF4 66 ? 1_555 S3 ? E SF4 . ? B SF4 66 ? 1_555 121.5 ? 
39 S1 ? E SF4 .  ? B SF4 66 ? 1_555 FE2 ? E SF4 . ? B SF4 66 ? 1_555 S3 ? E SF4 . ? B SF4 66 ? 1_555 106.2 ? 
40 SG ? B CYS 17 ? B CYS 17 ? 1_555 FE2 ? E SF4 . ? B SF4 66 ? 1_555 S4 ? E SF4 . ? B SF4 66 ? 1_555 111.6 ? 
41 S1 ? E SF4 .  ? B SF4 66 ? 1_555 FE2 ? E SF4 . ? B SF4 66 ? 1_555 S4 ? E SF4 . ? B SF4 66 ? 1_555 102.5 ? 
42 S3 ? E SF4 .  ? B SF4 66 ? 1_555 FE2 ? E SF4 . ? B SF4 66 ? 1_555 S4 ? E SF4 . ? B SF4 66 ? 1_555 106.1 ? 
43 SG ? B CYS 54 ? B CYS 54 ? 1_555 FE4 ? E SF4 . ? B SF4 66 ? 1_555 S1 ? E SF4 . ? B SF4 66 ? 1_555 112.4 ? 
44 SG ? B CYS 54 ? B CYS 54 ? 1_555 FE4 ? E SF4 . ? B SF4 66 ? 1_555 S2 ? E SF4 . ? B SF4 66 ? 1_555 112.0 ? 
45 S1 ? E SF4 .  ? B SF4 66 ? 1_555 FE4 ? E SF4 . ? B SF4 66 ? 1_555 S2 ? E SF4 . ? B SF4 66 ? 1_555 107.9 ? 
46 SG ? B CYS 54 ? B CYS 54 ? 1_555 FE4 ? E SF4 . ? B SF4 66 ? 1_555 S3 ? E SF4 . ? B SF4 66 ? 1_555 116.0 ? 
47 S1 ? E SF4 .  ? B SF4 66 ? 1_555 FE4 ? E SF4 . ? B SF4 66 ? 1_555 S3 ? E SF4 . ? B SF4 66 ? 1_555 104.2 ? 
48 S2 ? E SF4 .  ? B SF4 66 ? 1_555 FE4 ? E SF4 . ? B SF4 66 ? 1_555 S3 ? E SF4 . ? B SF4 66 ? 1_555 103.6 ? 
# 
loop_
_struct_sheet.id 
_struct_sheet.type 
_struct_sheet.number_strands 
_struct_sheet.details 
A ? 2 ? 
B ? 2 ? 
C ? 2 ? 
D ? 2 ? 
# 
loop_
_struct_sheet_order.sheet_id 
_struct_sheet_order.range_id_1 
_struct_sheet_order.range_id_2 
_struct_sheet_order.offset 
_struct_sheet_order.sense 
A 1 2 ? anti-parallel 
B 1 2 ? anti-parallel 
C 1 2 ? anti-parallel 
D 1 2 ? anti-parallel 
# 
loop_
_struct_sheet_range.sheet_id 
_struct_sheet_range.id 
_struct_sheet_range.beg_label_comp_id 
_struct_sheet_range.beg_label_asym_id 
_struct_sheet_range.beg_label_seq_id 
_struct_sheet_range.pdbx_beg_PDB_ins_code 
_struct_sheet_range.end_label_comp_id 
_struct_sheet_range.end_label_asym_id 
_struct_sheet_range.end_label_seq_id 
_struct_sheet_range.pdbx_end_PDB_ins_code 
_struct_sheet_range.beg_auth_comp_id 
_struct_sheet_range.beg_auth_asym_id 
_struct_sheet_range.beg_auth_seq_id 
_struct_sheet_range.end_auth_comp_id 
_struct_sheet_range.end_auth_asym_id 
_struct_sheet_range.end_auth_seq_id 
A 1 LYS A 3  ? VAL A 6  ? LYS A 3  VAL A 6  
A 2 ILE A 59 ? GLU A 62 ? ILE A 59 GLU A 62 
B 1 PHE A 25 ? MET A 27 ? PHE A 25 MET A 27 
B 2 ALA A 34 ? VAL A 36 ? ALA A 34 VAL A 36 
C 1 PHE B 4  ? VAL B 6  ? PHE B 4  VAL B 6  
C 2 ILE B 59 ? TRP B 61 ? ILE B 59 TRP B 61 
D 1 PHE B 25 ? MET B 27 ? PHE B 25 MET B 27 
D 2 ALA B 34 ? VAL B 36 ? ALA B 34 VAL B 36 
# 
loop_
_pdbx_struct_sheet_hbond.sheet_id 
_pdbx_struct_sheet_hbond.range_id_1 
_pdbx_struct_sheet_hbond.range_id_2 
_pdbx_struct_sheet_hbond.range_1_label_atom_id 
_pdbx_struct_sheet_hbond.range_1_label_comp_id 
_pdbx_struct_sheet_hbond.range_1_label_asym_id 
_pdbx_struct_sheet_hbond.range_1_label_seq_id 
_pdbx_struct_sheet_hbond.range_1_PDB_ins_code 
_pdbx_struct_sheet_hbond.range_1_auth_atom_id 
_pdbx_struct_sheet_hbond.range_1_auth_comp_id 
_pdbx_struct_sheet_hbond.range_1_auth_asym_id 
_pdbx_struct_sheet_hbond.range_1_auth_seq_id 
_pdbx_struct_sheet_hbond.range_2_label_atom_id 
_pdbx_struct_sheet_hbond.range_2_label_comp_id 
_pdbx_struct_sheet_hbond.range_2_label_asym_id 
_pdbx_struct_sheet_hbond.range_2_label_seq_id 
_pdbx_struct_sheet_hbond.range_2_PDB_ins_code 
_pdbx_struct_sheet_hbond.range_2_auth_atom_id 
_pdbx_struct_sheet_hbond.range_2_auth_comp_id 
_pdbx_struct_sheet_hbond.range_2_auth_asym_id 
_pdbx_struct_sheet_hbond.range_2_auth_seq_id 
A 1 2 O TYR A 5  ? O TYR A 5  N HIS A 60 ? N HIS A 60 
B 1 2 O ALA A 26 ? O ALA A 26 N TYR A 35 ? N TYR A 35 
C 1 2 O TYR B 5  ? O TYR B 5  N HIS B 60 ? N HIS B 60 
D 1 2 N ALA B 26 ? N ALA B 26 O TYR B 35 ? O TYR B 35 
# 
loop_
_struct_site.id 
_struct_site.pdbx_evidence_code 
_struct_site.pdbx_auth_asym_id 
_struct_site.pdbx_auth_comp_id 
_struct_site.pdbx_auth_seq_id 
_struct_site.pdbx_auth_ins_code 
_struct_site.pdbx_num_residues 
_struct_site.details 
AC1 Software B SO4 65 ? 7 'BINDING SITE FOR RESIDUE SO4 B 65' 
AC2 Software A SF4 65 ? 8 'BINDING SITE FOR RESIDUE SF4 A 65' 
AC3 Software B SF4 66 ? 9 'BINDING SITE FOR RESIDUE SF4 B 66' 
# 
loop_
_struct_site_gen.id 
_struct_site_gen.site_id 
_struct_site_gen.pdbx_num_res 
_struct_site_gen.label_comp_id 
_struct_site_gen.label_asym_id 
_struct_site_gen.label_seq_id 
_struct_site_gen.pdbx_auth_ins_code 
_struct_site_gen.auth_comp_id 
_struct_site_gen.auth_asym_id 
_struct_site_gen.auth_seq_id 
_struct_site_gen.label_atom_id 
_struct_site_gen.label_alt_id 
_struct_site_gen.symmetry 
_struct_site_gen.details 
1  AC1 7 SER A 43 ? SER A 43 . ? 1_555 ? 
2  AC1 7 GLN A 44 ? GLN A 44 . ? 1_555 ? 
3  AC1 7 ARG B 2  ? ARG B 2  . ? 1_555 ? 
4  AC1 7 SER B 43 ? SER B 43 . ? 1_555 ? 
5  AC1 7 GLN B 44 ? GLN B 44 . ? 1_555 ? 
6  AC1 7 HOH G .  ? HOH B 67 . ? 1_555 ? 
7  AC1 7 HOH G .  ? HOH B 77 . ? 1_555 ? 
8  AC2 8 CYS A 11 ? CYS A 11 . ? 1_555 ? 
9  AC2 8 ILE A 12 ? ILE A 12 . ? 1_555 ? 
10 AC2 8 CYS A 14 ? CYS A 14 . ? 1_555 ? 
11 AC2 8 GLU A 15 ? GLU A 15 . ? 1_555 ? 
12 AC2 8 CYS A 17 ? CYS A 17 . ? 1_555 ? 
13 AC2 8 CYS A 54 ? CYS A 54 . ? 1_555 ? 
14 AC2 8 VAL A 56 ? VAL A 56 . ? 1_555 ? 
15 AC2 8 CYS A 58 ? CYS A 58 . ? 1_555 ? 
16 AC3 9 VAL B 6  ? VAL B 6  . ? 1_555 ? 
17 AC3 9 CYS B 11 ? CYS B 11 . ? 1_555 ? 
18 AC3 9 ILE B 12 ? ILE B 12 . ? 1_555 ? 
19 AC3 9 CYS B 14 ? CYS B 14 . ? 1_555 ? 
20 AC3 9 GLU B 15 ? GLU B 15 . ? 1_555 ? 
21 AC3 9 CYS B 17 ? CYS B 17 . ? 1_555 ? 
22 AC3 9 CYS B 54 ? CYS B 54 . ? 1_555 ? 
23 AC3 9 VAL B 56 ? VAL B 56 . ? 1_555 ? 
24 AC3 9 CYS B 58 ? CYS B 58 . ? 1_555 ? 
# 
loop_
_pdbx_validate_rmsd_bond.id 
_pdbx_validate_rmsd_bond.PDB_model_num 
_pdbx_validate_rmsd_bond.auth_atom_id_1 
_pdbx_validate_rmsd_bond.auth_asym_id_1 
_pdbx_validate_rmsd_bond.auth_comp_id_1 
_pdbx_validate_rmsd_bond.auth_seq_id_1 
_pdbx_validate_rmsd_bond.PDB_ins_code_1 
_pdbx_validate_rmsd_bond.label_alt_id_1 
_pdbx_validate_rmsd_bond.auth_atom_id_2 
_pdbx_validate_rmsd_bond.auth_asym_id_2 
_pdbx_validate_rmsd_bond.auth_comp_id_2 
_pdbx_validate_rmsd_bond.auth_seq_id_2 
_pdbx_validate_rmsd_bond.PDB_ins_code_2 
_pdbx_validate_rmsd_bond.label_alt_id_2 
_pdbx_validate_rmsd_bond.bond_value 
_pdbx_validate_rmsd_bond.bond_target_value 
_pdbx_validate_rmsd_bond.bond_deviation 
_pdbx_validate_rmsd_bond.bond_standard_deviation 
_pdbx_validate_rmsd_bond.linker_flag 
1 1 NE2 A HIS 60 ? ? CD2 A HIS 60 ? ? 1.297 1.373 -0.076 0.011 N 
2 1 NE2 B HIS 60 ? ? CD2 B HIS 60 ? ? 1.300 1.373 -0.073 0.011 N 
# 
loop_
_pdbx_validate_rmsd_angle.id 
_pdbx_validate_rmsd_angle.PDB_model_num 
_pdbx_validate_rmsd_angle.auth_atom_id_1 
_pdbx_validate_rmsd_angle.auth_asym_id_1 
_pdbx_validate_rmsd_angle.auth_comp_id_1 
_pdbx_validate_rmsd_angle.auth_seq_id_1 
_pdbx_validate_rmsd_angle.PDB_ins_code_1 
_pdbx_validate_rmsd_angle.label_alt_id_1 
_pdbx_validate_rmsd_angle.auth_atom_id_2 
_pdbx_validate_rmsd_angle.auth_asym_id_2 
_pdbx_validate_rmsd_angle.auth_comp_id_2 
_pdbx_validate_rmsd_angle.auth_seq_id_2 
_pdbx_validate_rmsd_angle.PDB_ins_code_2 
_pdbx_validate_rmsd_angle.label_alt_id_2 
_pdbx_validate_rmsd_angle.auth_atom_id_3 
_pdbx_validate_rmsd_angle.auth_asym_id_3 
_pdbx_validate_rmsd_angle.auth_comp_id_3 
_pdbx_validate_rmsd_angle.auth_seq_id_3 
_pdbx_validate_rmsd_angle.PDB_ins_code_3 
_pdbx_validate_rmsd_angle.label_alt_id_3 
_pdbx_validate_rmsd_angle.angle_value 
_pdbx_validate_rmsd_angle.angle_target_value 
_pdbx_validate_rmsd_angle.angle_deviation 
_pdbx_validate_rmsd_angle.angle_standard_deviation 
_pdbx_validate_rmsd_angle.linker_flag 
1 1 CD1 A TRP 61 ? ? CG  A TRP 61 ? ? CD2 A TRP 61 ? ? 112.58 106.30 6.28  0.80 N 
2 1 CB  A TRP 61 ? ? CG  A TRP 61 ? ? CD1 A TRP 61 ? ? 118.73 127.00 -8.27 1.30 N 
3 1 CE2 A TRP 61 ? ? CD2 A TRP 61 ? ? CG  A TRP 61 ? ? 101.51 107.30 -5.79 0.80 N 
4 1 CG  A TRP 61 ? ? CD2 A TRP 61 ? ? CE3 A TRP 61 ? ? 140.04 133.90 6.14  0.90 N 
5 1 NE  B ARG 2  ? ? CZ  B ARG 2  ? ? NH1 B ARG 2  ? ? 123.53 120.30 3.23  0.50 N 
6 1 CD1 B TRP 61 ? ? CG  B TRP 61 ? ? CD2 B TRP 61 ? ? 113.98 106.30 7.68  0.80 N 
7 1 CG  B TRP 61 ? ? CD1 B TRP 61 ? ? NE1 B TRP 61 ? ? 103.98 110.10 -6.12 1.00 N 
8 1 CE2 B TRP 61 ? ? CD2 B TRP 61 ? ? CG  B TRP 61 ? ? 100.83 107.30 -6.47 0.80 N 
# 
loop_
_pdbx_validate_torsion.id 
_pdbx_validate_torsion.PDB_model_num 
_pdbx_validate_torsion.auth_comp_id 
_pdbx_validate_torsion.auth_asym_id 
_pdbx_validate_torsion.auth_seq_id 
_pdbx_validate_torsion.PDB_ins_code 
_pdbx_validate_torsion.label_alt_id 
_pdbx_validate_torsion.phi 
_pdbx_validate_torsion.psi 
1 1 ALA A 13 ? ? 45.22   24.02  
2 1 ALA B 13 ? ? 44.72   23.28  
3 1 ASP B 38 ? ? -165.92 111.74 
4 1 ASP B 63 ? ? 114.52  -5.24  
# 
loop_
_chem_comp_atom.comp_id 
_chem_comp_atom.atom_id 
_chem_comp_atom.type_symbol 
_chem_comp_atom.pdbx_aromatic_flag 
_chem_comp_atom.pdbx_stereo_config 
_chem_comp_atom.pdbx_ordinal 
ALA N    N  N N 1   
ALA CA   C  N S 2   
ALA C    C  N N 3   
ALA O    O  N N 4   
ALA CB   C  N N 5   
ALA OXT  O  N N 6   
ALA H    H  N N 7   
ALA H2   H  N N 8   
ALA HA   H  N N 9   
ALA HB1  H  N N 10  
ALA HB2  H  N N 11  
ALA HB3  H  N N 12  
ALA HXT  H  N N 13  
ARG N    N  N N 14  
ARG CA   C  N S 15  
ARG C    C  N N 16  
ARG O    O  N N 17  
ARG CB   C  N N 18  
ARG CG   C  N N 19  
ARG CD   C  N N 20  
ARG NE   N  N N 21  
ARG CZ   C  N N 22  
ARG NH1  N  N N 23  
ARG NH2  N  N N 24  
ARG OXT  O  N N 25  
ARG H    H  N N 26  
ARG H2   H  N N 27  
ARG HA   H  N N 28  
ARG HB2  H  N N 29  
ARG HB3  H  N N 30  
ARG HG2  H  N N 31  
ARG HG3  H  N N 32  
ARG HD2  H  N N 33  
ARG HD3  H  N N 34  
ARG HE   H  N N 35  
ARG HH11 H  N N 36  
ARG HH12 H  N N 37  
ARG HH21 H  N N 38  
ARG HH22 H  N N 39  
ARG HXT  H  N N 40  
ASP N    N  N N 41  
ASP CA   C  N S 42  
ASP C    C  N N 43  
ASP O    O  N N 44  
ASP CB   C  N N 45  
ASP CG   C  N N 46  
ASP OD1  O  N N 47  
ASP OD2  O  N N 48  
ASP OXT  O  N N 49  
ASP H    H  N N 50  
ASP H2   H  N N 51  
ASP HA   H  N N 52  
ASP HB2  H  N N 53  
ASP HB3  H  N N 54  
ASP HD2  H  N N 55  
ASP HXT  H  N N 56  
CYS N    N  N N 57  
CYS CA   C  N R 58  
CYS C    C  N N 59  
CYS O    O  N N 60  
CYS CB   C  N N 61  
CYS SG   S  N N 62  
CYS OXT  O  N N 63  
CYS H    H  N N 64  
CYS H2   H  N N 65  
CYS HA   H  N N 66  
CYS HB2  H  N N 67  
CYS HB3  H  N N 68  
CYS HG   H  N N 69  
CYS HXT  H  N N 70  
GLN N    N  N N 71  
GLN CA   C  N S 72  
GLN C    C  N N 73  
GLN O    O  N N 74  
GLN CB   C  N N 75  
GLN CG   C  N N 76  
GLN CD   C  N N 77  
GLN OE1  O  N N 78  
GLN NE2  N  N N 79  
GLN OXT  O  N N 80  
GLN H    H  N N 81  
GLN H2   H  N N 82  
GLN HA   H  N N 83  
GLN HB2  H  N N 84  
GLN HB3  H  N N 85  
GLN HG2  H  N N 86  
GLN HG3  H  N N 87  
GLN HE21 H  N N 88  
GLN HE22 H  N N 89  
GLN HXT  H  N N 90  
GLU N    N  N N 91  
GLU CA   C  N S 92  
GLU C    C  N N 93  
GLU O    O  N N 94  
GLU CB   C  N N 95  
GLU CG   C  N N 96  
GLU CD   C  N N 97  
GLU OE1  O  N N 98  
GLU OE2  O  N N 99  
GLU OXT  O  N N 100 
GLU H    H  N N 101 
GLU H2   H  N N 102 
GLU HA   H  N N 103 
GLU HB2  H  N N 104 
GLU HB3  H  N N 105 
GLU HG2  H  N N 106 
GLU HG3  H  N N 107 
GLU HE2  H  N N 108 
GLU HXT  H  N N 109 
GLY N    N  N N 110 
GLY CA   C  N N 111 
GLY C    C  N N 112 
GLY O    O  N N 113 
GLY OXT  O  N N 114 
GLY H    H  N N 115 
GLY H2   H  N N 116 
GLY HA2  H  N N 117 
GLY HA3  H  N N 118 
GLY HXT  H  N N 119 
HIS N    N  N N 120 
HIS CA   C  N S 121 
HIS C    C  N N 122 
HIS O    O  N N 123 
HIS CB   C  N N 124 
HIS CG   C  Y N 125 
HIS ND1  N  Y N 126 
HIS CD2  C  Y N 127 
HIS CE1  C  Y N 128 
HIS NE2  N  Y N 129 
HIS OXT  O  N N 130 
HIS H    H  N N 131 
HIS H2   H  N N 132 
HIS HA   H  N N 133 
HIS HB2  H  N N 134 
HIS HB3  H  N N 135 
HIS HD1  H  N N 136 
HIS HD2  H  N N 137 
HIS HE1  H  N N 138 
HIS HE2  H  N N 139 
HIS HXT  H  N N 140 
HOH O    O  N N 141 
HOH H1   H  N N 142 
HOH H2   H  N N 143 
ILE N    N  N N 144 
ILE CA   C  N S 145 
ILE C    C  N N 146 
ILE O    O  N N 147 
ILE CB   C  N S 148 
ILE CG1  C  N N 149 
ILE CG2  C  N N 150 
ILE CD1  C  N N 151 
ILE OXT  O  N N 152 
ILE H    H  N N 153 
ILE H2   H  N N 154 
ILE HA   H  N N 155 
ILE HB   H  N N 156 
ILE HG12 H  N N 157 
ILE HG13 H  N N 158 
ILE HG21 H  N N 159 
ILE HG22 H  N N 160 
ILE HG23 H  N N 161 
ILE HD11 H  N N 162 
ILE HD12 H  N N 163 
ILE HD13 H  N N 164 
ILE HXT  H  N N 165 
LYS N    N  N N 166 
LYS CA   C  N S 167 
LYS C    C  N N 168 
LYS O    O  N N 169 
LYS CB   C  N N 170 
LYS CG   C  N N 171 
LYS CD   C  N N 172 
LYS CE   C  N N 173 
LYS NZ   N  N N 174 
LYS OXT  O  N N 175 
LYS H    H  N N 176 
LYS H2   H  N N 177 
LYS HA   H  N N 178 
LYS HB2  H  N N 179 
LYS HB3  H  N N 180 
LYS HG2  H  N N 181 
LYS HG3  H  N N 182 
LYS HD2  H  N N 183 
LYS HD3  H  N N 184 
LYS HE2  H  N N 185 
LYS HE3  H  N N 186 
LYS HZ1  H  N N 187 
LYS HZ2  H  N N 188 
LYS HZ3  H  N N 189 
LYS HXT  H  N N 190 
MET N    N  N N 191 
MET CA   C  N S 192 
MET C    C  N N 193 
MET O    O  N N 194 
MET CB   C  N N 195 
MET CG   C  N N 196 
MET SD   S  N N 197 
MET CE   C  N N 198 
MET OXT  O  N N 199 
MET H    H  N N 200 
MET H2   H  N N 201 
MET HA   H  N N 202 
MET HB2  H  N N 203 
MET HB3  H  N N 204 
MET HG2  H  N N 205 
MET HG3  H  N N 206 
MET HE1  H  N N 207 
MET HE2  H  N N 208 
MET HE3  H  N N 209 
MET HXT  H  N N 210 
PHE N    N  N N 211 
PHE CA   C  N S 212 
PHE C    C  N N 213 
PHE O    O  N N 214 
PHE CB   C  N N 215 
PHE CG   C  Y N 216 
PHE CD1  C  Y N 217 
PHE CD2  C  Y N 218 
PHE CE1  C  Y N 219 
PHE CE2  C  Y N 220 
PHE CZ   C  Y N 221 
PHE OXT  O  N N 222 
PHE H    H  N N 223 
PHE H2   H  N N 224 
PHE HA   H  N N 225 
PHE HB2  H  N N 226 
PHE HB3  H  N N 227 
PHE HD1  H  N N 228 
PHE HD2  H  N N 229 
PHE HE1  H  N N 230 
PHE HE2  H  N N 231 
PHE HZ   H  N N 232 
PHE HXT  H  N N 233 
PRO N    N  N N 234 
PRO CA   C  N S 235 
PRO C    C  N N 236 
PRO O    O  N N 237 
PRO CB   C  N N 238 
PRO CG   C  N N 239 
PRO CD   C  N N 240 
PRO OXT  O  N N 241 
PRO H    H  N N 242 
PRO HA   H  N N 243 
PRO HB2  H  N N 244 
PRO HB3  H  N N 245 
PRO HG2  H  N N 246 
PRO HG3  H  N N 247 
PRO HD2  H  N N 248 
PRO HD3  H  N N 249 
PRO HXT  H  N N 250 
SER N    N  N N 251 
SER CA   C  N S 252 
SER C    C  N N 253 
SER O    O  N N 254 
SER CB   C  N N 255 
SER OG   O  N N 256 
SER OXT  O  N N 257 
SER H    H  N N 258 
SER H2   H  N N 259 
SER HA   H  N N 260 
SER HB2  H  N N 261 
SER HB3  H  N N 262 
SER HG   H  N N 263 
SER HXT  H  N N 264 
SF4 FE1  FE N N 265 
SF4 FE2  FE N N 266 
SF4 FE3  FE N N 267 
SF4 FE4  FE N N 268 
SF4 S1   S  N N 269 
SF4 S2   S  N N 270 
SF4 S3   S  N N 271 
SF4 S4   S  N N 272 
SO4 S    S  N N 273 
SO4 O1   O  N N 274 
SO4 O2   O  N N 275 
SO4 O3   O  N N 276 
SO4 O4   O  N N 277 
THR N    N  N N 278 
THR CA   C  N S 279 
THR C    C  N N 280 
THR O    O  N N 281 
THR CB   C  N R 282 
THR OG1  O  N N 283 
THR CG2  C  N N 284 
THR OXT  O  N N 285 
THR H    H  N N 286 
THR H2   H  N N 287 
THR HA   H  N N 288 
THR HB   H  N N 289 
THR HG1  H  N N 290 
THR HG21 H  N N 291 
THR HG22 H  N N 292 
THR HG23 H  N N 293 
THR HXT  H  N N 294 
TRP N    N  N N 295 
TRP CA   C  N S 296 
TRP C    C  N N 297 
TRP O    O  N N 298 
TRP CB   C  N N 299 
TRP CG   C  Y N 300 
TRP CD1  C  Y N 301 
TRP CD2  C  Y N 302 
TRP NE1  N  Y N 303 
TRP CE2  C  Y N 304 
TRP CE3  C  Y N 305 
TRP CZ2  C  Y N 306 
TRP CZ3  C  Y N 307 
TRP CH2  C  Y N 308 
TRP OXT  O  N N 309 
TRP H    H  N N 310 
TRP H2   H  N N 311 
TRP HA   H  N N 312 
TRP HB2  H  N N 313 
TRP HB3  H  N N 314 
TRP HD1  H  N N 315 
TRP HE1  H  N N 316 
TRP HE3  H  N N 317 
TRP HZ2  H  N N 318 
TRP HZ3  H  N N 319 
TRP HH2  H  N N 320 
TRP HXT  H  N N 321 
TYR N    N  N N 322 
TYR CA   C  N S 323 
TYR C    C  N N 324 
TYR O    O  N N 325 
TYR CB   C  N N 326 
TYR CG   C  Y N 327 
TYR CD1  C  Y N 328 
TYR CD2  C  Y N 329 
TYR CE1  C  Y N 330 
TYR CE2  C  Y N 331 
TYR CZ   C  Y N 332 
TYR OH   O  N N 333 
TYR OXT  O  N N 334 
TYR H    H  N N 335 
TYR H2   H  N N 336 
TYR HA   H  N N 337 
TYR HB2  H  N N 338 
TYR HB3  H  N N 339 
TYR HD1  H  N N 340 
TYR HD2  H  N N 341 
TYR HE1  H  N N 342 
TYR HE2  H  N N 343 
TYR HH   H  N N 344 
TYR HXT  H  N N 345 
VAL N    N  N N 346 
VAL CA   C  N S 347 
VAL C    C  N N 348 
VAL O    O  N N 349 
VAL CB   C  N N 350 
VAL CG1  C  N N 351 
VAL CG2  C  N N 352 
VAL OXT  O  N N 353 
VAL H    H  N N 354 
VAL H2   H  N N 355 
VAL HA   H  N N 356 
VAL HB   H  N N 357 
VAL HG11 H  N N 358 
VAL HG12 H  N N 359 
VAL HG13 H  N N 360 
VAL HG21 H  N N 361 
VAL HG22 H  N N 362 
VAL HG23 H  N N 363 
VAL HXT  H  N N 364 
# 
loop_
_chem_comp_bond.comp_id 
_chem_comp_bond.atom_id_1 
_chem_comp_bond.atom_id_2 
_chem_comp_bond.value_order 
_chem_comp_bond.pdbx_aromatic_flag 
_chem_comp_bond.pdbx_stereo_config 
_chem_comp_bond.pdbx_ordinal 
ALA N   CA   sing N N 1   
ALA N   H    sing N N 2   
ALA N   H2   sing N N 3   
ALA CA  C    sing N N 4   
ALA CA  CB   sing N N 5   
ALA CA  HA   sing N N 6   
ALA C   O    doub N N 7   
ALA C   OXT  sing N N 8   
ALA CB  HB1  sing N N 9   
ALA CB  HB2  sing N N 10  
ALA CB  HB3  sing N N 11  
ALA OXT HXT  sing N N 12  
ARG N   CA   sing N N 13  
ARG N   H    sing N N 14  
ARG N   H2   sing N N 15  
ARG CA  C    sing N N 16  
ARG CA  CB   sing N N 17  
ARG CA  HA   sing N N 18  
ARG C   O    doub N N 19  
ARG C   OXT  sing N N 20  
ARG CB  CG   sing N N 21  
ARG CB  HB2  sing N N 22  
ARG CB  HB3  sing N N 23  
ARG CG  CD   sing N N 24  
ARG CG  HG2  sing N N 25  
ARG CG  HG3  sing N N 26  
ARG CD  NE   sing N N 27  
ARG CD  HD2  sing N N 28  
ARG CD  HD3  sing N N 29  
ARG NE  CZ   sing N N 30  
ARG NE  HE   sing N N 31  
ARG CZ  NH1  sing N N 32  
ARG CZ  NH2  doub N N 33  
ARG NH1 HH11 sing N N 34  
ARG NH1 HH12 sing N N 35  
ARG NH2 HH21 sing N N 36  
ARG NH2 HH22 sing N N 37  
ARG OXT HXT  sing N N 38  
ASP N   CA   sing N N 39  
ASP N   H    sing N N 40  
ASP N   H2   sing N N 41  
ASP CA  C    sing N N 42  
ASP CA  CB   sing N N 43  
ASP CA  HA   sing N N 44  
ASP C   O    doub N N 45  
ASP C   OXT  sing N N 46  
ASP CB  CG   sing N N 47  
ASP CB  HB2  sing N N 48  
ASP CB  HB3  sing N N 49  
ASP CG  OD1  doub N N 50  
ASP CG  OD2  sing N N 51  
ASP OD2 HD2  sing N N 52  
ASP OXT HXT  sing N N 53  
CYS N   CA   sing N N 54  
CYS N   H    sing N N 55  
CYS N   H2   sing N N 56  
CYS CA  C    sing N N 57  
CYS CA  CB   sing N N 58  
CYS CA  HA   sing N N 59  
CYS C   O    doub N N 60  
CYS C   OXT  sing N N 61  
CYS CB  SG   sing N N 62  
CYS CB  HB2  sing N N 63  
CYS CB  HB3  sing N N 64  
CYS SG  HG   sing N N 65  
CYS OXT HXT  sing N N 66  
GLN N   CA   sing N N 67  
GLN N   H    sing N N 68  
GLN N   H2   sing N N 69  
GLN CA  C    sing N N 70  
GLN CA  CB   sing N N 71  
GLN CA  HA   sing N N 72  
GLN C   O    doub N N 73  
GLN C   OXT  sing N N 74  
GLN CB  CG   sing N N 75  
GLN CB  HB2  sing N N 76  
GLN CB  HB3  sing N N 77  
GLN CG  CD   sing N N 78  
GLN CG  HG2  sing N N 79  
GLN CG  HG3  sing N N 80  
GLN CD  OE1  doub N N 81  
GLN CD  NE2  sing N N 82  
GLN NE2 HE21 sing N N 83  
GLN NE2 HE22 sing N N 84  
GLN OXT HXT  sing N N 85  
GLU N   CA   sing N N 86  
GLU N   H    sing N N 87  
GLU N   H2   sing N N 88  
GLU CA  C    sing N N 89  
GLU CA  CB   sing N N 90  
GLU CA  HA   sing N N 91  
GLU C   O    doub N N 92  
GLU C   OXT  sing N N 93  
GLU CB  CG   sing N N 94  
GLU CB  HB2  sing N N 95  
GLU CB  HB3  sing N N 96  
GLU CG  CD   sing N N 97  
GLU CG  HG2  sing N N 98  
GLU CG  HG3  sing N N 99  
GLU CD  OE1  doub N N 100 
GLU CD  OE2  sing N N 101 
GLU OE2 HE2  sing N N 102 
GLU OXT HXT  sing N N 103 
GLY N   CA   sing N N 104 
GLY N   H    sing N N 105 
GLY N   H2   sing N N 106 
GLY CA  C    sing N N 107 
GLY CA  HA2  sing N N 108 
GLY CA  HA3  sing N N 109 
GLY C   O    doub N N 110 
GLY C   OXT  sing N N 111 
GLY OXT HXT  sing N N 112 
HIS N   CA   sing N N 113 
HIS N   H    sing N N 114 
HIS N   H2   sing N N 115 
HIS CA  C    sing N N 116 
HIS CA  CB   sing N N 117 
HIS CA  HA   sing N N 118 
HIS C   O    doub N N 119 
HIS C   OXT  sing N N 120 
HIS CB  CG   sing N N 121 
HIS CB  HB2  sing N N 122 
HIS CB  HB3  sing N N 123 
HIS CG  ND1  sing Y N 124 
HIS CG  CD2  doub Y N 125 
HIS ND1 CE1  doub Y N 126 
HIS ND1 HD1  sing N N 127 
HIS CD2 NE2  sing Y N 128 
HIS CD2 HD2  sing N N 129 
HIS CE1 NE2  sing Y N 130 
HIS CE1 HE1  sing N N 131 
HIS NE2 HE2  sing N N 132 
HIS OXT HXT  sing N N 133 
HOH O   H1   sing N N 134 
HOH O   H2   sing N N 135 
ILE N   CA   sing N N 136 
ILE N   H    sing N N 137 
ILE N   H2   sing N N 138 
ILE CA  C    sing N N 139 
ILE CA  CB   sing N N 140 
ILE CA  HA   sing N N 141 
ILE C   O    doub N N 142 
ILE C   OXT  sing N N 143 
ILE CB  CG1  sing N N 144 
ILE CB  CG2  sing N N 145 
ILE CB  HB   sing N N 146 
ILE CG1 CD1  sing N N 147 
ILE CG1 HG12 sing N N 148 
ILE CG1 HG13 sing N N 149 
ILE CG2 HG21 sing N N 150 
ILE CG2 HG22 sing N N 151 
ILE CG2 HG23 sing N N 152 
ILE CD1 HD11 sing N N 153 
ILE CD1 HD12 sing N N 154 
ILE CD1 HD13 sing N N 155 
ILE OXT HXT  sing N N 156 
LYS N   CA   sing N N 157 
LYS N   H    sing N N 158 
LYS N   H2   sing N N 159 
LYS CA  C    sing N N 160 
LYS CA  CB   sing N N 161 
LYS CA  HA   sing N N 162 
LYS C   O    doub N N 163 
LYS C   OXT  sing N N 164 
LYS CB  CG   sing N N 165 
LYS CB  HB2  sing N N 166 
LYS CB  HB3  sing N N 167 
LYS CG  CD   sing N N 168 
LYS CG  HG2  sing N N 169 
LYS CG  HG3  sing N N 170 
LYS CD  CE   sing N N 171 
LYS CD  HD2  sing N N 172 
LYS CD  HD3  sing N N 173 
LYS CE  NZ   sing N N 174 
LYS CE  HE2  sing N N 175 
LYS CE  HE3  sing N N 176 
LYS NZ  HZ1  sing N N 177 
LYS NZ  HZ2  sing N N 178 
LYS NZ  HZ3  sing N N 179 
LYS OXT HXT  sing N N 180 
MET N   CA   sing N N 181 
MET N   H    sing N N 182 
MET N   H2   sing N N 183 
MET CA  C    sing N N 184 
MET CA  CB   sing N N 185 
MET CA  HA   sing N N 186 
MET C   O    doub N N 187 
MET C   OXT  sing N N 188 
MET CB  CG   sing N N 189 
MET CB  HB2  sing N N 190 
MET CB  HB3  sing N N 191 
MET CG  SD   sing N N 192 
MET CG  HG2  sing N N 193 
MET CG  HG3  sing N N 194 
MET SD  CE   sing N N 195 
MET CE  HE1  sing N N 196 
MET CE  HE2  sing N N 197 
MET CE  HE3  sing N N 198 
MET OXT HXT  sing N N 199 
PHE N   CA   sing N N 200 
PHE N   H    sing N N 201 
PHE N   H2   sing N N 202 
PHE CA  C    sing N N 203 
PHE CA  CB   sing N N 204 
PHE CA  HA   sing N N 205 
PHE C   O    doub N N 206 
PHE C   OXT  sing N N 207 
PHE CB  CG   sing N N 208 
PHE CB  HB2  sing N N 209 
PHE CB  HB3  sing N N 210 
PHE CG  CD1  doub Y N 211 
PHE CG  CD2  sing Y N 212 
PHE CD1 CE1  sing Y N 213 
PHE CD1 HD1  sing N N 214 
PHE CD2 CE2  doub Y N 215 
PHE CD2 HD2  sing N N 216 
PHE CE1 CZ   doub Y N 217 
PHE CE1 HE1  sing N N 218 
PHE CE2 CZ   sing Y N 219 
PHE CE2 HE2  sing N N 220 
PHE CZ  HZ   sing N N 221 
PHE OXT HXT  sing N N 222 
PRO N   CA   sing N N 223 
PRO N   CD   sing N N 224 
PRO N   H    sing N N 225 
PRO CA  C    sing N N 226 
PRO CA  CB   sing N N 227 
PRO CA  HA   sing N N 228 
PRO C   O    doub N N 229 
PRO C   OXT  sing N N 230 
PRO CB  CG   sing N N 231 
PRO CB  HB2  sing N N 232 
PRO CB  HB3  sing N N 233 
PRO CG  CD   sing N N 234 
PRO CG  HG2  sing N N 235 
PRO CG  HG3  sing N N 236 
PRO CD  HD2  sing N N 237 
PRO CD  HD3  sing N N 238 
PRO OXT HXT  sing N N 239 
SER N   CA   sing N N 240 
SER N   H    sing N N 241 
SER N   H2   sing N N 242 
SER CA  C    sing N N 243 
SER CA  CB   sing N N 244 
SER CA  HA   sing N N 245 
SER C   O    doub N N 246 
SER C   OXT  sing N N 247 
SER CB  OG   sing N N 248 
SER CB  HB2  sing N N 249 
SER CB  HB3  sing N N 250 
SER OG  HG   sing N N 251 
SER OXT HXT  sing N N 252 
SF4 FE1 S2   sing N N 253 
SF4 FE1 S3   sing N N 254 
SF4 FE1 S4   sing N N 255 
SF4 FE2 S1   sing N N 256 
SF4 FE2 S3   sing N N 257 
SF4 FE2 S4   sing N N 258 
SF4 FE3 S1   sing N N 259 
SF4 FE3 S2   sing N N 260 
SF4 FE3 S4   sing N N 261 
SF4 FE4 S1   sing N N 262 
SF4 FE4 S2   sing N N 263 
SF4 FE4 S3   sing N N 264 
SO4 S   O1   doub N N 265 
SO4 S   O2   doub N N 266 
SO4 S   O3   sing N N 267 
SO4 S   O4   sing N N 268 
THR N   CA   sing N N 269 
THR N   H    sing N N 270 
THR N   H2   sing N N 271 
THR CA  C    sing N N 272 
THR CA  CB   sing N N 273 
THR CA  HA   sing N N 274 
THR C   O    doub N N 275 
THR C   OXT  sing N N 276 
THR CB  OG1  sing N N 277 
THR CB  CG2  sing N N 278 
THR CB  HB   sing N N 279 
THR OG1 HG1  sing N N 280 
THR CG2 HG21 sing N N 281 
THR CG2 HG22 sing N N 282 
THR CG2 HG23 sing N N 283 
THR OXT HXT  sing N N 284 
TRP N   CA   sing N N 285 
TRP N   H    sing N N 286 
TRP N   H2   sing N N 287 
TRP CA  C    sing N N 288 
TRP CA  CB   sing N N 289 
TRP CA  HA   sing N N 290 
TRP C   O    doub N N 291 
TRP C   OXT  sing N N 292 
TRP CB  CG   sing N N 293 
TRP CB  HB2  sing N N 294 
TRP CB  HB3  sing N N 295 
TRP CG  CD1  doub Y N 296 
TRP CG  CD2  sing Y N 297 
TRP CD1 NE1  sing Y N 298 
TRP CD1 HD1  sing N N 299 
TRP CD2 CE2  doub Y N 300 
TRP CD2 CE3  sing Y N 301 
TRP NE1 CE2  sing Y N 302 
TRP NE1 HE1  sing N N 303 
TRP CE2 CZ2  sing Y N 304 
TRP CE3 CZ3  doub Y N 305 
TRP CE3 HE3  sing N N 306 
TRP CZ2 CH2  doub Y N 307 
TRP CZ2 HZ2  sing N N 308 
TRP CZ3 CH2  sing Y N 309 
TRP CZ3 HZ3  sing N N 310 
TRP CH2 HH2  sing N N 311 
TRP OXT HXT  sing N N 312 
TYR N   CA   sing N N 313 
TYR N   H    sing N N 314 
TYR N   H2   sing N N 315 
TYR CA  C    sing N N 316 
TYR CA  CB   sing N N 317 
TYR CA  HA   sing N N 318 
TYR C   O    doub N N 319 
TYR C   OXT  sing N N 320 
TYR CB  CG   sing N N 321 
TYR CB  HB2  sing N N 322 
TYR CB  HB3  sing N N 323 
TYR CG  CD1  doub Y N 324 
TYR CG  CD2  sing Y N 325 
TYR CD1 CE1  sing Y N 326 
TYR CD1 HD1  sing N N 327 
TYR CD2 CE2  doub Y N 328 
TYR CD2 HD2  sing N N 329 
TYR CE1 CZ   doub Y N 330 
TYR CE1 HE1  sing N N 331 
TYR CE2 CZ   sing Y N 332 
TYR CE2 HE2  sing N N 333 
TYR CZ  OH   sing N N 334 
TYR OH  HH   sing N N 335 
TYR OXT HXT  sing N N 336 
VAL N   CA   sing N N 337 
VAL N   H    sing N N 338 
VAL N   H2   sing N N 339 
VAL CA  C    sing N N 340 
VAL CA  CB   sing N N 341 
VAL CA  HA   sing N N 342 
VAL C   O    doub N N 343 
VAL C   OXT  sing N N 344 
VAL CB  CG1  sing N N 345 
VAL CB  CG2  sing N N 346 
VAL CB  HB   sing N N 347 
VAL CG1 HG11 sing N N 348 
VAL CG1 HG12 sing N N 349 
VAL CG1 HG13 sing N N 350 
VAL CG2 HG21 sing N N 351 
VAL CG2 HG22 sing N N 352 
VAL CG2 HG23 sing N N 353 
VAL OXT HXT  sing N N 354 
# 
_atom_sites.entry_id                    1FXR 
_atom_sites.fract_transf_matrix[1][1]   -0.00040968 
_atom_sites.fract_transf_matrix[1][2]   -0.00075848 
_atom_sites.fract_transf_matrix[1][3]   -0.01031604 
_atom_sites.fract_transf_matrix[2][1]   -0.00983377 
_atom_sites.fract_transf_matrix[2][2]   -0.01405427 
_atom_sites.fract_transf_matrix[2][3]   0.00142386 
_atom_sites.fract_transf_matrix[3][1]   -0.03960198 
_atom_sites.fract_transf_matrix[3][2]   0.02766279 
_atom_sites.fract_transf_matrix[3][3]   -0.00046117 
_atom_sites.fract_transf_vector[1]      -0.106834 
_atom_sites.fract_transf_vector[2]      0.269387 
_atom_sites.fract_transf_vector[3]      0.505602 
# 
loop_
_atom_type.symbol 
C  
FE 
N  
O  
S  
# 
loop_
_atom_site.group_PDB 
_atom_site.id 
_atom_site.type_symbol 
_atom_site.label_atom_id 
_atom_site.label_alt_id 
_atom_site.label_comp_id 
_atom_site.label_asym_id 
_atom_site.label_entity_id 
_atom_site.label_seq_id 
_atom_site.pdbx_PDB_ins_code 
_atom_site.Cartn_x 
_atom_site.Cartn_y 
_atom_site.Cartn_z 
_atom_site.occupancy 
_atom_site.B_iso_or_equiv 
_atom_site.pdbx_formal_charge 
_atom_site.auth_seq_id 
_atom_site.auth_comp_id 
_atom_site.auth_asym_id 
_atom_site.auth_atom_id 
_atom_site.pdbx_PDB_model_num 
ATOM   1    N  N   . ALA A 1 1  ? 1.266   11.652  -6.062  1.00 7.03  ? 1   ALA A N   1 
ATOM   2    C  CA  . ALA A 1 1  ? 2.182   10.561  -6.293  1.00 7.27  ? 1   ALA A CA  1 
ATOM   3    C  C   . ALA A 1 1  ? 2.516   10.706  -7.769  1.00 6.95  ? 1   ALA A C   1 
ATOM   4    O  O   . ALA A 1 1  ? 1.633   11.075  -8.547  1.00 8.51  ? 1   ALA A O   1 
ATOM   5    C  CB  . ALA A 1 1  ? 1.530   9.188   -6.124  1.00 5.35  ? 1   ALA A CB  1 
ATOM   6    N  N   . ARG A 1 2  ? 3.755   10.452  -8.169  1.00 6.90  ? 2   ARG A N   1 
ATOM   7    C  CA  . ARG A 1 2  ? 4.154   10.499  -9.567  1.00 6.13  ? 2   ARG A CA  1 
ATOM   8    C  C   . ARG A 1 2  ? 3.282   9.422   -10.219 1.00 6.76  ? 2   ARG A C   1 
ATOM   9    O  O   . ARG A 1 2  ? 3.059   8.402   -9.556  1.00 8.10  ? 2   ARG A O   1 
ATOM   10   C  CB  . ARG A 1 2  ? 5.668   10.186  -9.624  1.00 4.59  ? 2   ARG A CB  1 
ATOM   11   C  CG  . ARG A 1 2  ? 6.418   10.489  -10.908 1.00 2.35  ? 2   ARG A CG  1 
ATOM   12   C  CD  . ARG A 1 2  ? 7.832   9.944   -10.753 1.00 3.56  ? 2   ARG A CD  1 
ATOM   13   N  NE  . ARG A 1 2  ? 8.516   9.907   -12.048 1.00 4.11  ? 2   ARG A NE  1 
ATOM   14   C  CZ  . ARG A 1 2  ? 9.711   9.321   -12.257 1.00 5.12  ? 2   ARG A CZ  1 
ATOM   15   N  NH1 . ARG A 1 2  ? 10.374  8.685   -11.272 1.00 6.17  ? 2   ARG A NH1 1 
ATOM   16   N  NH2 . ARG A 1 2  ? 10.274  9.425   -13.469 1.00 3.20  ? 2   ARG A NH2 1 
ATOM   17   N  N   . LYS A 1 3  ? 2.705   9.583   -11.407 1.00 6.86  ? 3   LYS A N   1 
ATOM   18   C  CA  . LYS A 1 3  ? 1.801   8.566   -11.950 1.00 7.25  ? 3   LYS A CA  1 
ATOM   19   C  C   . LYS A 1 3  ? 2.571   7.392   -12.549 1.00 5.97  ? 3   LYS A C   1 
ATOM   20   O  O   . LYS A 1 3  ? 3.683   7.570   -13.066 1.00 5.62  ? 3   LYS A O   1 
ATOM   21   C  CB  . LYS A 1 3  ? 0.914   9.142   -13.045 1.00 9.03  ? 3   LYS A CB  1 
ATOM   22   C  CG  . LYS A 1 3  ? -0.520  8.656   -12.936 1.00 15.86 ? 3   LYS A CG  1 
ATOM   23   C  CD  . LYS A 1 3  ? -1.248  8.682   -14.283 1.00 20.70 ? 3   LYS A CD  1 
ATOM   24   C  CE  . LYS A 1 3  ? -0.913  7.370   -15.032 1.00 25.07 ? 3   LYS A CE  1 
ATOM   25   N  NZ  . LYS A 1 3  ? -1.823  7.073   -16.129 1.00 24.92 ? 3   LYS A NZ  1 
ATOM   26   N  N   . PHE A 1 4  ? 1.968   6.200   -12.489 1.00 4.06  ? 4   PHE A N   1 
ATOM   27   C  CA  . PHE A 1 4  ? 2.530   4.976   -13.015 1.00 2.29  ? 4   PHE A CA  1 
ATOM   28   C  C   . PHE A 1 4  ? 1.352   4.139   -13.450 1.00 2.00  ? 4   PHE A C   1 
ATOM   29   O  O   . PHE A 1 4  ? 0.236   4.396   -13.010 1.00 2.00  ? 4   PHE A O   1 
ATOM   30   C  CB  . PHE A 1 4  ? 3.357   4.219   -11.958 1.00 2.00  ? 4   PHE A CB  1 
ATOM   31   C  CG  . PHE A 1 4  ? 2.731   3.953   -10.579 1.00 2.92  ? 4   PHE A CG  1 
ATOM   32   C  CD1 . PHE A 1 4  ? 2.755   4.923   -9.595  1.00 2.00  ? 4   PHE A CD1 1 
ATOM   33   C  CD2 . PHE A 1 4  ? 2.139   2.735   -10.298 1.00 3.62  ? 4   PHE A CD2 1 
ATOM   34   C  CE1 . PHE A 1 4  ? 2.195   4.688   -8.359  1.00 3.83  ? 4   PHE A CE1 1 
ATOM   35   C  CE2 . PHE A 1 4  ? 1.577   2.507   -9.053  1.00 4.24  ? 4   PHE A CE2 1 
ATOM   36   C  CZ  . PHE A 1 4  ? 1.600   3.481   -8.083  1.00 3.96  ? 4   PHE A CZ  1 
ATOM   37   N  N   . TYR A 1 5  ? 1.575   3.164   -14.325 1.00 2.58  ? 5   TYR A N   1 
ATOM   38   C  CA  . TYR A 1 5  ? 0.536   2.291   -14.870 1.00 3.12  ? 5   TYR A CA  1 
ATOM   39   C  C   . TYR A 1 5  ? 1.159   0.984   -15.419 1.00 2.00  ? 5   TYR A C   1 
ATOM   40   O  O   . TYR A 1 5  ? 2.352   0.988   -15.778 1.00 2.00  ? 5   TYR A O   1 
ATOM   41   C  CB  . TYR A 1 5  ? -0.239  3.076   -15.998 1.00 2.00  ? 5   TYR A CB  1 
ATOM   42   C  CG  . TYR A 1 5  ? 0.592   3.380   -17.235 1.00 2.00  ? 5   TYR A CG  1 
ATOM   43   C  CD1 . TYR A 1 5  ? 1.358   4.535   -17.317 1.00 2.47  ? 5   TYR A CD1 1 
ATOM   44   C  CD2 . TYR A 1 5  ? 0.623   2.437   -18.247 1.00 3.56  ? 5   TYR A CD2 1 
ATOM   45   C  CE1 . TYR A 1 5  ? 2.180   4.717   -18.415 1.00 3.60  ? 5   TYR A CE1 1 
ATOM   46   C  CE2 . TYR A 1 5  ? 1.435   2.617   -19.345 1.00 3.47  ? 5   TYR A CE2 1 
ATOM   47   C  CZ  . TYR A 1 5  ? 2.204   3.752   -19.413 1.00 4.98  ? 5   TYR A CZ  1 
ATOM   48   O  OH  . TYR A 1 5  ? 3.036   3.884   -20.497 1.00 4.33  ? 5   TYR A OH  1 
ATOM   49   N  N   . VAL A 1 6  ? 0.402   -0.121  -15.481 1.00 2.00  ? 6   VAL A N   1 
ATOM   50   C  CA  . VAL A 1 6  ? 0.864   -1.365  -16.080 1.00 2.83  ? 6   VAL A CA  1 
ATOM   51   C  C   . VAL A 1 6  ? 0.536   -1.374  -17.576 1.00 3.98  ? 6   VAL A C   1 
ATOM   52   O  O   . VAL A 1 6  ? -0.550  -0.940  -17.977 1.00 5.37  ? 6   VAL A O   1 
ATOM   53   C  CB  . VAL A 1 6  ? 0.186   -2.574  -15.397 1.00 2.54  ? 6   VAL A CB  1 
ATOM   54   C  CG1 . VAL A 1 6  ? 0.497   -3.903  -16.101 1.00 2.00  ? 6   VAL A CG1 1 
ATOM   55   C  CG2 . VAL A 1 6  ? 0.724   -2.652  -13.965 1.00 2.00  ? 6   VAL A CG2 1 
ATOM   56   N  N   . ASP A 1 7  ? 1.436   -1.797  -18.461 1.00 3.11  ? 7   ASP A N   1 
ATOM   57   C  CA  . ASP A 1 7  ? 1.114   -1.951  -19.874 1.00 2.42  ? 7   ASP A CA  1 
ATOM   58   C  C   . ASP A 1 7  ? 0.748   -3.425  -19.874 1.00 2.86  ? 7   ASP A C   1 
ATOM   59   O  O   . ASP A 1 7  ? 1.575   -4.352  -19.849 1.00 2.00  ? 7   ASP A O   1 
ATOM   60   C  CB  . ASP A 1 7  ? 2.339   -1.686  -20.776 1.00 4.00  ? 7   ASP A CB  1 
ATOM   61   C  CG  . ASP A 1 7  ? 2.269   -2.098  -22.253 1.00 2.63  ? 7   ASP A CG  1 
ATOM   62   O  OD1 . ASP A 1 7  ? 1.208   -2.407  -22.773 1.00 2.20  ? 7   ASP A OD1 1 
ATOM   63   O  OD2 . ASP A 1 7  ? 3.303   -2.108  -22.904 1.00 2.00  ? 7   ASP A OD2 1 
ATOM   64   N  N   . GLN A 1 8  ? -0.564  -3.611  -19.845 1.00 3.47  ? 8   GLN A N   1 
ATOM   65   C  CA  . GLN A 1 8  ? -1.171  -4.922  -19.761 1.00 4.80  ? 8   GLN A CA  1 
ATOM   66   C  C   . GLN A 1 8  ? -0.971  -5.770  -21.000 1.00 4.94  ? 8   GLN A C   1 
ATOM   67   O  O   . GLN A 1 8  ? -0.977  -6.987  -20.862 1.00 5.28  ? 8   GLN A O   1 
ATOM   68   C  CB  . GLN A 1 8  ? -2.667  -4.788  -19.448 1.00 3.84  ? 8   GLN A CB  1 
ATOM   69   C  CG  . GLN A 1 8  ? -2.816  -4.449  -17.958 1.00 6.96  ? 8   GLN A CG  1 
ATOM   70   C  CD  . GLN A 1 8  ? -4.238  -4.233  -17.497 1.00 7.51  ? 8   GLN A CD  1 
ATOM   71   O  OE1 . GLN A 1 8  ? -5.034  -3.674  -18.229 1.00 13.29 ? 8   GLN A OE1 1 
ATOM   72   N  NE2 . GLN A 1 8  ? -4.673  -4.633  -16.319 1.00 8.78  ? 8   GLN A NE2 1 
ATOM   73   N  N   . ASP A 1 9  ? -0.680  -5.189  -22.175 1.00 5.77  ? 9   ASP A N   1 
ATOM   74   C  CA  . ASP A 1 9  ? -0.378  -5.987  -23.361 1.00 6.33  ? 9   ASP A CA  1 
ATOM   75   C  C   . ASP A 1 9  ? 0.790   -6.941  -23.191 1.00 7.61  ? 9   ASP A C   1 
ATOM   76   O  O   . ASP A 1 9  ? 0.787   -8.055  -23.722 1.00 9.40  ? 9   ASP A O   1 
ATOM   77   C  CB  . ASP A 1 9  ? -0.027  -5.128  -24.558 1.00 7.01  ? 9   ASP A CB  1 
ATOM   78   C  CG  . ASP A 1 9  ? -1.203  -4.759  -25.434 1.00 8.68  ? 9   ASP A CG  1 
ATOM   79   O  OD1 . ASP A 1 9  ? -1.968  -5.645  -25.776 1.00 14.24 ? 9   ASP A OD1 1 
ATOM   80   O  OD2 . ASP A 1 9  ? -1.350  -3.595  -25.787 1.00 13.34 ? 9   ASP A OD2 1 
ATOM   81   N  N   . GLU A 1 10 ? 1.738   -6.433  -22.410 1.00 7.37  ? 10  GLU A N   1 
ATOM   82   C  CA  . GLU A 1 10 ? 3.017   -7.031  -22.168 1.00 7.71  ? 10  GLU A CA  1 
ATOM   83   C  C   . GLU A 1 10 ? 3.083   -7.892  -20.913 1.00 9.70  ? 10  GLU A C   1 
ATOM   84   O  O   . GLU A 1 10 ? 3.891   -8.826  -20.837 1.00 11.28 ? 10  GLU A O   1 
ATOM   85   C  CB  . GLU A 1 10 ? 3.925   -5.834  -22.162 1.00 6.75  ? 10  GLU A CB  1 
ATOM   86   C  CG  . GLU A 1 10 ? 5.389   -6.094  -22.332 1.00 6.66  ? 10  GLU A CG  1 
ATOM   87   C  CD  . GLU A 1 10 ? 5.810   -6.801  -23.608 1.00 9.32  ? 10  GLU A CD  1 
ATOM   88   O  OE1 . GLU A 1 10 ? 5.214   -6.588  -24.664 1.00 10.36 ? 10  GLU A OE1 1 
ATOM   89   O  OE2 . GLU A 1 10 ? 6.786   -7.546  -23.546 1.00 8.24  ? 10  GLU A OE2 1 
ATOM   90   N  N   . CYS A 1 11 ? 2.185   -7.611  -19.955 1.00 9.38  ? 11  CYS A N   1 
ATOM   91   C  CA  . CYS A 1 11 ? 2.154   -8.271  -18.658 1.00 6.08  ? 11  CYS A CA  1 
ATOM   92   C  C   . CYS A 1 11 ? 2.121   -9.799  -18.708 1.00 6.53  ? 11  CYS A C   1 
ATOM   93   O  O   . CYS A 1 11 ? 1.151   -10.366 -19.185 1.00 6.14  ? 11  CYS A O   1 
ATOM   94   C  CB  . CYS A 1 11 ? 0.922   -7.768  -17.859 1.00 2.71  ? 11  CYS A CB  1 
ATOM   95   S  SG  . CYS A 1 11 ? 0.807   -8.415  -16.155 1.00 2.00  ? 11  CYS A SG  1 
ATOM   96   N  N   . ILE A 1 12 ? 3.073   -10.491 -18.079 1.00 6.34  ? 12  ILE A N   1 
ATOM   97   C  CA  . ILE A 1 12 ? 3.112   -11.948 -18.050 1.00 4.64  ? 12  ILE A CA  1 
ATOM   98   C  C   . ILE A 1 12 ? 2.426   -12.602 -16.837 1.00 5.49  ? 12  ILE A C   1 
ATOM   99   O  O   . ILE A 1 12 ? 2.580   -13.789 -16.557 1.00 7.49  ? 12  ILE A O   1 
ATOM   100  C  CB  . ILE A 1 12 ? 4.640   -12.167 -18.241 1.00 3.73  ? 12  ILE A CB  1 
ATOM   101  C  CG1 . ILE A 1 12 ? 4.682   -12.826 -19.597 1.00 5.35  ? 12  ILE A CG1 1 
ATOM   102  C  CG2 . ILE A 1 12 ? 5.399   -12.958 -17.184 1.00 3.42  ? 12  ILE A CG2 1 
ATOM   103  C  CD1 . ILE A 1 12 ? 4.519   -11.894 -20.818 1.00 2.27  ? 12  ILE A CD1 1 
ATOM   104  N  N   . ALA A 1 13 ? 1.575   -11.878 -16.108 1.00 4.58  ? 13  ALA A N   1 
ATOM   105  C  CA  . ALA A 1 13 ? 0.966   -12.331 -14.857 1.00 4.49  ? 13  ALA A CA  1 
ATOM   106  C  C   . ALA A 1 13 ? 1.829   -13.012 -13.805 1.00 6.29  ? 13  ALA A C   1 
ATOM   107  O  O   . ALA A 1 13 ? 1.328   -13.785 -12.992 1.00 8.78  ? 13  ALA A O   1 
ATOM   108  C  CB  . ALA A 1 13 ? -0.203  -13.272 -15.149 1.00 3.73  ? 13  ALA A CB  1 
ATOM   109  N  N   . CYS A 1 14 ? 3.152   -12.797 -13.753 1.00 6.37  ? 14  CYS A N   1 
ATOM   110  C  CA  . CYS A 1 14 ? 3.959   -13.386 -12.671 1.00 6.42  ? 14  CYS A CA  1 
ATOM   111  C  C   . CYS A 1 14 ? 3.530   -13.147 -11.218 1.00 7.30  ? 14  CYS A C   1 
ATOM   112  O  O   . CYS A 1 14 ? 3.962   -13.855 -10.314 1.00 5.96  ? 14  CYS A O   1 
ATOM   113  C  CB  . CYS A 1 14 ? 5.418   -12.903 -12.750 1.00 5.87  ? 14  CYS A CB  1 
ATOM   114  S  SG  . CYS A 1 14 ? 5.568   -11.101 -12.557 1.00 5.32  ? 14  CYS A SG  1 
ATOM   115  N  N   . GLU A 1 15 ? 2.759   -12.076 -10.974 1.00 8.78  ? 15  GLU A N   1 
ATOM   116  C  CA  . GLU A 1 15 ? 2.328   -11.622 -9.658  1.00 8.44  ? 15  GLU A CA  1 
ATOM   117  C  C   . GLU A 1 15 ? 3.352   -10.989 -8.737  1.00 6.20  ? 15  GLU A C   1 
ATOM   118  O  O   . GLU A 1 15 ? 2.961   -10.560 -7.638  1.00 5.03  ? 15  GLU A O   1 
ATOM   119  C  CB  . GLU A 1 15 ? 1.658   -12.787 -8.915  1.00 11.23 ? 15  GLU A CB  1 
ATOM   120  C  CG  . GLU A 1 15 ? 0.418   -13.303 -9.642  1.00 11.54 ? 15  GLU A CG  1 
ATOM   121  C  CD  . GLU A 1 15 ? -0.136  -14.610 -9.119  1.00 15.01 ? 15  GLU A CD  1 
ATOM   122  O  OE1 . GLU A 1 15 ? -0.055  -14.885 -7.917  1.00 17.69 ? 15  GLU A OE1 1 
ATOM   123  O  OE2 . GLU A 1 15 ? -0.659  -15.357 -9.940  1.00 16.34 ? 15  GLU A OE2 1 
ATOM   124  N  N   . SER A 1 16 ? 4.628   -10.827 -9.121  1.00 4.20  ? 16  SER A N   1 
ATOM   125  C  CA  . SER A 1 16 ? 5.621   -10.163 -8.272  1.00 4.95  ? 16  SER A CA  1 
ATOM   126  C  C   . SER A 1 16 ? 5.264   -8.775  -7.753  1.00 3.62  ? 16  SER A C   1 
ATOM   127  O  O   . SER A 1 16 ? 5.566   -8.461  -6.606  1.00 3.32  ? 16  SER A O   1 
ATOM   128  C  CB  . SER A 1 16 ? 6.909   -10.117 -9.049  1.00 4.76  ? 16  SER A CB  1 
ATOM   129  O  OG  . SER A 1 16 ? 7.018   -11.456 -9.541  1.00 12.30 ? 16  SER A OG  1 
ATOM   130  N  N   . CYS A 1 17 ? 4.610   -7.911  -8.546  1.00 3.00  ? 17  CYS A N   1 
ATOM   131  C  CA  . CYS A 1 17 ? 4.150   -6.585  -8.107  1.00 3.55  ? 17  CYS A CA  1 
ATOM   132  C  C   . CYS A 1 17 ? 3.051   -6.547  -7.060  1.00 5.06  ? 17  CYS A C   1 
ATOM   133  O  O   . CYS A 1 17 ? 2.988   -5.635  -6.236  1.00 5.17  ? 17  CYS A O   1 
ATOM   134  C  CB  . CYS A 1 17 ? 3.653   -5.756  -9.302  1.00 5.01  ? 17  CYS A CB  1 
ATOM   135  S  SG  . CYS A 1 17 ? 2.419   -6.554  -10.391 1.00 3.12  ? 17  CYS A SG  1 
ATOM   136  N  N   . VAL A 1 18 ? 2.180   -7.549  -7.110  1.00 5.23  ? 18  VAL A N   1 
ATOM   137  C  CA  . VAL A 1 18 ? 1.085   -7.678  -6.167  1.00 8.09  ? 18  VAL A CA  1 
ATOM   138  C  C   . VAL A 1 18 ? 1.725   -8.219  -4.877  1.00 9.28  ? 18  VAL A C   1 
ATOM   139  O  O   . VAL A 1 18 ? 1.279   -7.898  -3.771  1.00 8.92  ? 18  VAL A O   1 
ATOM   140  C  CB  . VAL A 1 18 ? 0.021   -8.654  -6.754  1.00 8.51  ? 18  VAL A CB  1 
ATOM   141  C  CG1 . VAL A 1 18 ? -1.061  -8.883  -5.723  1.00 10.42 ? 18  VAL A CG1 1 
ATOM   142  C  CG2 . VAL A 1 18 ? -0.642  -8.081  -8.004  1.00 5.84  ? 18  VAL A CG2 1 
ATOM   143  N  N   . GLU A 1 19 ? 2.778   -9.048  -4.974  1.00 9.84  ? 19  GLU A N   1 
ATOM   144  C  CA  . GLU A 1 19 ? 3.520   -9.467  -3.788  1.00 10.44 ? 19  GLU A CA  1 
ATOM   145  C  C   . GLU A 1 19 ? 4.323   -8.314  -3.175  1.00 7.95  ? 19  GLU A C   1 
ATOM   146  O  O   . GLU A 1 19 ? 4.319   -8.133  -1.961  1.00 7.09  ? 19  GLU A O   1 
ATOM   147  C  CB  . GLU A 1 19 ? 4.499   -10.568 -4.110  1.00 14.07 ? 19  GLU A CB  1 
ATOM   148  C  CG  . GLU A 1 19 ? 3.817   -11.896 -4.404  1.00 25.23 ? 19  GLU A CG  1 
ATOM   149  C  CD  . GLU A 1 19 ? 4.823   -13.002 -4.753  1.00 31.89 ? 19  GLU A CD  1 
ATOM   150  O  OE1 . GLU A 1 19 ? 5.624   -13.388 -3.877  1.00 33.74 ? 19  GLU A OE1 1 
ATOM   151  O  OE2 . GLU A 1 19 ? 4.780   -13.478 -5.901  1.00 34.13 ? 19  GLU A OE2 1 
ATOM   152  N  N   . ILE A 1 20 ? 5.035   -7.496  -3.948  1.00 4.71  ? 20  ILE A N   1 
ATOM   153  C  CA  . ILE A 1 20 ? 5.841   -6.418  -3.391  1.00 4.45  ? 20  ILE A CA  1 
ATOM   154  C  C   . ILE A 1 20 ? 5.021   -5.214  -2.917  1.00 6.08  ? 20  ILE A C   1 
ATOM   155  O  O   . ILE A 1 20 ? 5.351   -4.611  -1.884  1.00 6.46  ? 20  ILE A O   1 
ATOM   156  C  CB  . ILE A 1 20 ? 6.867   -5.995  -4.472  1.00 3.92  ? 20  ILE A CB  1 
ATOM   157  C  CG1 . ILE A 1 20 ? 7.825   -7.155  -4.763  1.00 3.28  ? 20  ILE A CG1 1 
ATOM   158  C  CG2 . ILE A 1 20 ? 7.620   -4.767  -4.007  1.00 2.24  ? 20  ILE A CG2 1 
ATOM   159  C  CD1 . ILE A 1 20 ? 8.695   -6.974  -6.021  1.00 2.00  ? 20  ILE A CD1 1 
ATOM   160  N  N   . ALA A 1 21 ? 3.959   -4.852  -3.669  1.00 4.56  ? 21  ALA A N   1 
ATOM   161  C  CA  . ALA A 1 21 ? 3.198   -3.646  -3.423  1.00 3.16  ? 21  ALA A CA  1 
ATOM   162  C  C   . ALA A 1 21 ? 1.679   -3.899  -3.460  1.00 3.59  ? 21  ALA A C   1 
ATOM   163  O  O   . ALA A 1 21 ? 0.972   -3.454  -4.378  1.00 2.01  ? 21  ALA A O   1 
ATOM   164  C  CB  . ALA A 1 21 ? 3.627   -2.638  -4.488  1.00 2.00  ? 21  ALA A CB  1 
ATOM   165  N  N   . PRO A 1 22 ? 1.131   -4.621  -2.468  1.00 2.59  ? 22  PRO A N   1 
ATOM   166  C  CA  . PRO A 1 22 ? -0.231  -5.103  -2.480  1.00 2.00  ? 22  PRO A CA  1 
ATOM   167  C  C   . PRO A 1 22 ? -1.257  -4.017  -2.299  1.00 2.00  ? 22  PRO A C   1 
ATOM   168  O  O   . PRO A 1 22 ? -2.420  -4.258  -2.572  1.00 2.80  ? 22  PRO A O   1 
ATOM   169  C  CB  . PRO A 1 22 ? -0.277  -6.151  -1.381  1.00 3.16  ? 22  PRO A CB  1 
ATOM   170  C  CG  . PRO A 1 22 ? 0.765   -5.662  -0.389  1.00 2.58  ? 22  PRO A CG  1 
ATOM   171  C  CD  . PRO A 1 22 ? 1.855   -5.130  -1.292  1.00 2.00  ? 22  PRO A CD  1 
ATOM   172  N  N   . GLY A 1 23 ? -0.938  -2.831  -1.810  1.00 2.00  ? 23  GLY A N   1 
ATOM   173  C  CA  . GLY A 1 23 ? -1.912  -1.755  -1.740  1.00 3.14  ? 23  GLY A CA  1 
ATOM   174  C  C   . GLY A 1 23 ? -1.990  -0.977  -3.049  1.00 2.00  ? 23  GLY A C   1 
ATOM   175  O  O   . GLY A 1 23 ? -2.934  -0.234  -3.269  1.00 2.00  ? 23  GLY A O   1 
ATOM   176  N  N   . ALA A 1 24 ? -1.029  -1.128  -3.951  1.00 2.73  ? 24  ALA A N   1 
ATOM   177  C  CA  . ALA A 1 24 ? -0.991  -0.423  -5.226  1.00 3.27  ? 24  ALA A CA  1 
ATOM   178  C  C   . ALA A 1 24 ? -1.356  -1.323  -6.398  1.00 3.02  ? 24  ALA A C   1 
ATOM   179  O  O   . ALA A 1 24 ? -2.013  -0.837  -7.322  1.00 3.38  ? 24  ALA A O   1 
ATOM   180  C  CB  . ALA A 1 24 ? 0.394   0.135   -5.508  1.00 2.00  ? 24  ALA A CB  1 
ATOM   181  N  N   . PHE A 1 25 ? -1.022  -2.625  -6.399  1.00 3.26  ? 25  PHE A N   1 
ATOM   182  C  CA  . PHE A 1 25 ? -1.282  -3.509  -7.528  1.00 2.08  ? 25  PHE A CA  1 
ATOM   183  C  C   . PHE A 1 25 ? -2.246  -4.602  -7.181  1.00 2.15  ? 25  PHE A C   1 
ATOM   184  O  O   . PHE A 1 25 ? -2.233  -5.058  -6.036  1.00 3.40  ? 25  PHE A O   1 
ATOM   185  C  CB  . PHE A 1 25 ? 0.012   -4.182  -8.019  1.00 2.00  ? 25  PHE A CB  1 
ATOM   186  C  CG  . PHE A 1 25 ? 1.035   -3.193  -8.554  1.00 2.93  ? 25  PHE A CG  1 
ATOM   187  C  CD1 . PHE A 1 25 ? 0.978   -2.805  -9.885  1.00 2.00  ? 25  PHE A CD1 1 
ATOM   188  C  CD2 . PHE A 1 25 ? 1.998   -2.682  -7.701  1.00 2.00  ? 25  PHE A CD2 1 
ATOM   189  C  CE1 . PHE A 1 25 ? 1.901   -1.896  -10.351 1.00 2.21  ? 25  PHE A CE1 1 
ATOM   190  C  CE2 . PHE A 1 25 ? 2.911   -1.773  -8.189  1.00 2.00  ? 25  PHE A CE2 1 
ATOM   191  C  CZ  . PHE A 1 25 ? 2.868   -1.377  -9.510  1.00 2.00  ? 25  PHE A CZ  1 
ATOM   192  N  N   . ALA A 1 26 ? -3.071  -5.048  -8.129  1.00 2.81  ? 26  ALA A N   1 
ATOM   193  C  CA  . ALA A 1 26 ? -3.947  -6.207  -7.926  1.00 4.56  ? 26  ALA A CA  1 
ATOM   194  C  C   . ALA A 1 26 ? -4.061  -6.934  -9.270  1.00 6.76  ? 26  ALA A C   1 
ATOM   195  O  O   . ALA A 1 26 ? -3.780  -6.350  -10.327 1.00 6.89  ? 26  ALA A O   1 
ATOM   196  C  CB  . ALA A 1 26 ? -5.360  -5.813  -7.521  1.00 2.00  ? 26  ALA A CB  1 
ATOM   197  N  N   . MET A 1 27 ? -4.395  -8.219  -9.289  1.00 9.14  ? 27  MET A N   1 
ATOM   198  C  CA  . MET A 1 27 ? -4.637  -8.972  -10.522 1.00 11.42 ? 27  MET A CA  1 
ATOM   199  C  C   . MET A 1 27 ? -6.087  -8.822  -11.008 1.00 13.43 ? 27  MET A C   1 
ATOM   200  O  O   . MET A 1 27 ? -7.021  -8.870  -10.194 1.00 12.46 ? 27  MET A O   1 
ATOM   201  C  CB  . MET A 1 27 ? -4.371  -10.460 -10.294 1.00 10.98 ? 27  MET A CB  1 
ATOM   202  C  CG  . MET A 1 27 ? -2.916  -10.839 -10.071 1.00 12.14 ? 27  MET A CG  1 
ATOM   203  S  SD  . MET A 1 27 ? -1.936  -10.254 -11.472 1.00 15.84 ? 27  MET A SD  1 
ATOM   204  C  CE  . MET A 1 27 ? -2.632  -11.238 -12.763 1.00 10.88 ? 27  MET A CE  1 
ATOM   205  N  N   . ASP A 1 28 ? -6.353  -8.603  -12.299 1.00 16.03 ? 28  ASP A N   1 
ATOM   206  C  CA  . ASP A 1 28 ? -7.720  -8.570  -12.807 1.00 19.80 ? 28  ASP A CA  1 
ATOM   207  C  C   . ASP A 1 28 ? -8.185  -10.005 -13.099 1.00 19.90 ? 28  ASP A C   1 
ATOM   208  O  O   . ASP A 1 28 ? -7.760  -10.608 -14.102 1.00 18.83 ? 28  ASP A O   1 
ATOM   209  C  CB  . ASP A 1 28 ? -7.812  -7.731  -14.106 1.00 24.78 ? 28  ASP A CB  1 
ATOM   210  C  CG  . ASP A 1 28 ? -9.200  -7.511  -14.753 1.00 28.82 ? 28  ASP A CG  1 
ATOM   211  O  OD1 . ASP A 1 28 ? -10.056 -8.414  -14.815 1.00 30.90 ? 28  ASP A OD1 1 
ATOM   212  O  OD2 . ASP A 1 28 ? -9.396  -6.401  -15.249 1.00 31.66 ? 28  ASP A OD2 1 
ATOM   213  N  N   . PRO A 1 29 ? -9.167  -10.528 -12.346 1.00 20.79 ? 29  PRO A N   1 
ATOM   214  C  CA  . PRO A 1 29 ? -9.451  -11.949 -12.245 1.00 22.73 ? 29  PRO A CA  1 
ATOM   215  C  C   . PRO A 1 29 ? -9.821  -12.562 -13.592 1.00 24.98 ? 29  PRO A C   1 
ATOM   216  O  O   . PRO A 1 29 ? -9.586  -13.760 -13.832 1.00 25.18 ? 29  PRO A O   1 
ATOM   217  C  CB  . PRO A 1 29 ? -10.569 -12.037 -11.231 1.00 20.84 ? 29  PRO A CB  1 
ATOM   218  C  CG  . PRO A 1 29 ? -11.368 -10.790 -11.526 1.00 19.33 ? 29  PRO A CG  1 
ATOM   219  C  CD  . PRO A 1 29 ? -10.243 -9.778  -11.694 1.00 20.47 ? 29  PRO A CD  1 
ATOM   220  N  N   . GLU A 1 30 ? -10.354 -11.699 -14.482 1.00 25.63 ? 30  GLU A N   1 
ATOM   221  C  CA  . GLU A 1 30 ? -10.829 -12.196 -15.743 1.00 26.58 ? 30  GLU A CA  1 
ATOM   222  C  C   . GLU A 1 30 ? -9.983  -11.863 -16.963 1.00 25.86 ? 30  GLU A C   1 
ATOM   223  O  O   . GLU A 1 30 ? -10.250 -12.425 -18.029 1.00 27.02 ? 30  GLU A O   1 
ATOM   224  C  CB  . GLU A 1 30 ? -12.276 -11.712 -15.864 1.00 28.54 ? 30  GLU A CB  1 
ATOM   225  C  CG  . GLU A 1 30 ? -13.269 -12.895 -15.966 1.00 30.80 ? 30  GLU A CG  1 
ATOM   226  C  CD  . GLU A 1 30 ? -13.220 -13.954 -14.860 1.00 30.64 ? 30  GLU A CD  1 
ATOM   227  O  OE1 . GLU A 1 30 ? -13.866 -13.761 -13.823 1.00 32.35 ? 30  GLU A OE1 1 
ATOM   228  O  OE2 . GLU A 1 30 ? -12.552 -14.976 -15.051 1.00 28.97 ? 30  GLU A OE2 1 
ATOM   229  N  N   . ILE A 1 31 ? -8.990  -10.967 -16.913 1.00 23.75 ? 31  ILE A N   1 
ATOM   230  C  CA  . ILE A 1 31 ? -8.083  -10.886 -18.065 1.00 22.98 ? 31  ILE A CA  1 
ATOM   231  C  C   . ILE A 1 31 ? -6.688  -11.401 -17.706 1.00 22.80 ? 31  ILE A C   1 
ATOM   232  O  O   . ILE A 1 31 ? -5.827  -11.487 -18.575 1.00 22.68 ? 31  ILE A O   1 
ATOM   233  C  CB  . ILE A 1 31 ? -7.920  -9.435  -18.649 1.00 22.14 ? 31  ILE A CB  1 
ATOM   234  C  CG1 . ILE A 1 31 ? -7.532  -8.405  -17.595 1.00 19.53 ? 31  ILE A CG1 1 
ATOM   235  C  CG2 . ILE A 1 31 ? -9.221  -9.129  -19.385 1.00 22.98 ? 31  ILE A CG2 1 
ATOM   236  C  CD1 . ILE A 1 31 ? -7.356  -6.958  -18.088 1.00 19.51 ? 31  ILE A CD1 1 
ATOM   237  N  N   . GLU A 1 32 ? -6.452  -11.737 -16.423 1.00 22.46 ? 32  GLU A N   1 
ATOM   238  C  CA  . GLU A 1 32 ? -5.184  -12.231 -15.922 1.00 21.16 ? 32  GLU A CA  1 
ATOM   239  C  C   . GLU A 1 32 ? -3.988  -11.332 -16.182 1.00 17.94 ? 32  GLU A C   1 
ATOM   240  O  O   . GLU A 1 32 ? -2.889  -11.751 -16.534 1.00 18.07 ? 32  GLU A O   1 
ATOM   241  C  CB  . GLU A 1 32 ? -4.913  -13.601 -16.503 1.00 24.83 ? 32  GLU A CB  1 
ATOM   242  C  CG  . GLU A 1 32 ? -5.859  -14.651 -15.943 1.00 32.99 ? 32  GLU A CG  1 
ATOM   243  C  CD  . GLU A 1 32 ? -5.861  -14.737 -14.425 1.00 35.91 ? 32  GLU A CD  1 
ATOM   244  O  OE1 . GLU A 1 32 ? -4.808  -14.533 -13.806 1.00 38.16 ? 32  GLU A OE1 1 
ATOM   245  O  OE2 . GLU A 1 32 ? -6.931  -15.018 -13.878 1.00 37.68 ? 32  GLU A OE2 1 
ATOM   246  N  N   . LYS A 1 33 ? -4.186  -10.046 -15.957 1.00 14.15 ? 33  LYS A N   1 
ATOM   247  C  CA  . LYS A 1 33 ? -3.136  -9.064  -16.123 1.00 10.72 ? 33  LYS A CA  1 
ATOM   248  C  C   . LYS A 1 33 ? -3.172  -8.293  -14.818 1.00 9.45  ? 33  LYS A C   1 
ATOM   249  O  O   . LYS A 1 33 ? -4.213  -8.251  -14.153 1.00 8.52  ? 33  LYS A O   1 
ATOM   250  C  CB  . LYS A 1 33 ? -3.461  -8.139  -17.268 1.00 11.10 ? 33  LYS A CB  1 
ATOM   251  C  CG  . LYS A 1 33 ? -3.781  -8.771  -18.626 1.00 13.48 ? 33  LYS A CG  1 
ATOM   252  C  CD  . LYS A 1 33 ? -2.564  -9.476  -19.240 1.00 17.73 ? 33  LYS A CD  1 
ATOM   253  C  CE  . LYS A 1 33 ? -2.886  -9.994  -20.644 1.00 17.73 ? 33  LYS A CE  1 
ATOM   254  N  NZ  . LYS A 1 33 ? -1.736  -9.835  -21.517 1.00 16.02 ? 33  LYS A NZ  1 
ATOM   255  N  N   . ALA A 1 34 ? -2.066  -7.699  -14.399 1.00 7.08  ? 34  ALA A N   1 
ATOM   256  C  CA  . ALA A 1 34 ? -2.060  -6.887  -13.188 1.00 4.98  ? 34  ALA A CA  1 
ATOM   257  C  C   . ALA A 1 34 ? -2.531  -5.474  -13.528 1.00 4.80  ? 34  ALA A C   1 
ATOM   258  O  O   . ALA A 1 34 ? -2.461  -5.086  -14.702 1.00 5.19  ? 34  ALA A O   1 
ATOM   259  C  CB  . ALA A 1 34 ? -0.666  -6.788  -12.621 1.00 4.96  ? 34  ALA A CB  1 
ATOM   260  N  N   . TYR A 1 35 ? -3.078  -4.662  -12.626 1.00 4.65  ? 35  TYR A N   1 
ATOM   261  C  CA  . TYR A 1 35 ? -3.384  -3.267  -12.951 1.00 4.49  ? 35  TYR A CA  1 
ATOM   262  C  C   . TYR A 1 35 ? -3.171  -2.424  -11.694 1.00 2.62  ? 35  TYR A C   1 
ATOM   263  O  O   . TYR A 1 35 ? -3.111  -2.980  -10.590 1.00 2.36  ? 35  TYR A O   1 
ATOM   264  C  CB  . TYR A 1 35 ? -4.855  -3.127  -13.477 1.00 6.02  ? 35  TYR A CB  1 
ATOM   265  C  CG  . TYR A 1 35 ? -5.940  -3.486  -12.478 1.00 6.14  ? 35  TYR A CG  1 
ATOM   266  C  CD1 . TYR A 1 35 ? -6.304  -4.799  -12.286 1.00 9.26  ? 35  TYR A CD1 1 
ATOM   267  C  CD2 . TYR A 1 35 ? -6.512  -2.485  -11.720 1.00 8.67  ? 35  TYR A CD2 1 
ATOM   268  C  CE1 . TYR A 1 35 ? -7.237  -5.115  -11.316 1.00 10.52 ? 35  TYR A CE1 1 
ATOM   269  C  CE2 . TYR A 1 35 ? -7.440  -2.789  -10.749 1.00 9.60  ? 35  TYR A CE2 1 
ATOM   270  C  CZ  . TYR A 1 35 ? -7.788  -4.103  -10.552 1.00 11.02 ? 35  TYR A CZ  1 
ATOM   271  O  OH  . TYR A 1 35 ? -8.663  -4.403  -9.536  1.00 13.75 ? 35  TYR A OH  1 
ATOM   272  N  N   . VAL A 1 36 ? -3.053  -1.106  -11.780 1.00 2.00  ? 36  VAL A N   1 
ATOM   273  C  CA  . VAL A 1 36 ? -2.870  -0.295  -10.595 1.00 2.42  ? 36  VAL A CA  1 
ATOM   274  C  C   . VAL A 1 36 ? -4.222  -0.106  -9.904  1.00 2.00  ? 36  VAL A C   1 
ATOM   275  O  O   . VAL A 1 36 ? -5.134  0.498   -10.465 1.00 2.00  ? 36  VAL A O   1 
ATOM   276  C  CB  . VAL A 1 36 ? -2.243  1.079   -10.999 1.00 3.04  ? 36  VAL A CB  1 
ATOM   277  C  CG1 . VAL A 1 36 ? -2.238  2.071   -9.827  1.00 2.00  ? 36  VAL A CG1 1 
ATOM   278  C  CG2 . VAL A 1 36 ? -0.812  0.831   -11.461 1.00 2.29  ? 36  VAL A CG2 1 
ATOM   279  N  N   . LYS A 1 37 ? -4.422  -0.630  -8.701  1.00 2.00  ? 37  LYS A N   1 
ATOM   280  C  CA  . LYS A 1 37 ? -5.667  -0.346  -8.014  1.00 2.39  ? 37  LYS A CA  1 
ATOM   281  C  C   . LYS A 1 37 ? -5.577  0.942   -7.183  1.00 2.86  ? 37  LYS A C   1 
ATOM   282  O  O   . LYS A 1 37 ? -6.615  1.506   -6.800  1.00 3.83  ? 37  LYS A O   1 
ATOM   283  C  CB  . LYS A 1 37 ? -6.048  -1.504  -7.123  1.00 2.00  ? 37  LYS A CB  1 
ATOM   284  C  CG  . LYS A 1 37 ? -5.117  -1.755  -5.954  1.00 5.44  ? 37  LYS A CG  1 
ATOM   285  C  CD  . LYS A 1 37 ? -5.948  -2.573  -5.008  1.00 6.82  ? 37  LYS A CD  1 
ATOM   286  C  CE  . LYS A 1 37 ? -5.269  -2.687  -3.688  1.00 8.79  ? 37  LYS A CE  1 
ATOM   287  N  NZ  . LYS A 1 37 ? -6.248  -3.129  -2.713  1.00 11.09 ? 37  LYS A NZ  1 
ATOM   288  N  N   . ASP A 1 38 ? -4.381  1.451   -6.834  1.00 2.30  ? 38  ASP A N   1 
ATOM   289  C  CA  . ASP A 1 38 ? -4.276  2.712   -6.133  1.00 2.00  ? 38  ASP A CA  1 
ATOM   290  C  C   . ASP A 1 38 ? -2.886  3.297   -6.313  1.00 2.00  ? 38  ASP A C   1 
ATOM   291  O  O   . ASP A 1 38 ? -1.893  2.750   -5.851  1.00 2.00  ? 38  ASP A O   1 
ATOM   292  C  CB  . ASP A 1 38 ? -4.591  2.493   -4.647  1.00 2.29  ? 38  ASP A CB  1 
ATOM   293  C  CG  . ASP A 1 38 ? -4.695  3.746   -3.781  1.00 4.99  ? 38  ASP A CG  1 
ATOM   294  O  OD1 . ASP A 1 38 ? -4.631  4.858   -4.311  1.00 3.70  ? 38  ASP A OD1 1 
ATOM   295  O  OD2 . ASP A 1 38 ? -4.845  3.606   -2.565  1.00 2.21  ? 38  ASP A OD2 1 
ATOM   296  N  N   . VAL A 1 39 ? -2.809  4.474   -6.942  1.00 2.39  ? 39  VAL A N   1 
ATOM   297  C  CA  . VAL A 1 39 ? -1.572  5.198   -7.220  1.00 2.49  ? 39  VAL A CA  1 
ATOM   298  C  C   . VAL A 1 39 ? -0.846  5.694   -5.934  1.00 3.14  ? 39  VAL A C   1 
ATOM   299  O  O   . VAL A 1 39 ? 0.370   5.924   -5.896  1.00 2.00  ? 39  VAL A O   1 
ATOM   300  C  CB  . VAL A 1 39 ? -2.016  6.314   -8.210  1.00 4.15  ? 39  VAL A CB  1 
ATOM   301  C  CG1 . VAL A 1 39 ? -2.169  7.690   -7.544  1.00 3.24  ? 39  VAL A CG1 1 
ATOM   302  C  CG2 . VAL A 1 39 ? -1.024  6.306   -9.347  1.00 5.22  ? 39  VAL A CG2 1 
ATOM   303  N  N   . GLU A 1 40 ? -1.623  5.836   -4.848  1.00 2.00  ? 40  GLU A N   1 
ATOM   304  C  CA  . GLU A 1 40 ? -1.136  6.187   -3.539  1.00 2.00  ? 40  GLU A CA  1 
ATOM   305  C  C   . GLU A 1 40 ? -0.955  4.981   -2.609  1.00 2.74  ? 40  GLU A C   1 
ATOM   306  O  O   . GLU A 1 40 ? -0.595  5.153   -1.432  1.00 2.00  ? 40  GLU A O   1 
ATOM   307  C  CB  . GLU A 1 40 ? -2.088  7.146   -2.849  1.00 3.74  ? 40  GLU A CB  1 
ATOM   308  C  CG  . GLU A 1 40 ? -2.322  8.521   -3.476  1.00 7.37  ? 40  GLU A CG  1 
ATOM   309  C  CD  . GLU A 1 40 ? -1.142  9.494   -3.589  1.00 10.59 ? 40  GLU A CD  1 
ATOM   310  O  OE1 . GLU A 1 40 ? -0.125  9.341   -2.916  1.00 10.42 ? 40  GLU A OE1 1 
ATOM   311  O  OE2 . GLU A 1 40 ? -1.252  10.452  -4.359  1.00 13.79 ? 40  GLU A OE2 1 
ATOM   312  N  N   . GLY A 1 41 ? -1.137  3.750   -3.100  1.00 2.18  ? 41  GLY A N   1 
ATOM   313  C  CA  . GLY A 1 41 ? -1.133  2.563   -2.261  1.00 2.00  ? 41  GLY A CA  1 
ATOM   314  C  C   . GLY A 1 41 ? 0.239   1.989   -1.978  1.00 2.00  ? 41  GLY A C   1 
ATOM   315  O  O   . GLY A 1 41 ? 0.352   0.851   -1.536  1.00 4.09  ? 41  GLY A O   1 
ATOM   316  N  N   . ALA A 1 42 ? 1.333   2.663   -2.264  1.00 2.00  ? 42  ALA A N   1 
ATOM   317  C  CA  . ALA A 1 42 ? 2.664   2.166   -1.938  1.00 2.24  ? 42  ALA A CA  1 
ATOM   318  C  C   . ALA A 1 42 ? 3.520   3.429   -1.964  1.00 2.87  ? 42  ALA A C   1 
ATOM   319  O  O   . ALA A 1 42 ? 3.120   4.431   -2.585  1.00 2.00  ? 42  ALA A O   1 
ATOM   320  C  CB  . ALA A 1 42 ? 3.171   1.162   -2.995  1.00 2.00  ? 42  ALA A CB  1 
ATOM   321  N  N   . SER A 1 43 ? 4.632   3.466   -1.237  1.00 3.20  ? 43  SER A N   1 
ATOM   322  C  CA  . SER A 1 43 ? 5.497   4.628   -1.281  1.00 3.96  ? 43  SER A CA  1 
ATOM   323  C  C   . SER A 1 43 ? 6.165   4.619   -2.653  1.00 2.01  ? 43  SER A C   1 
ATOM   324  O  O   . SER A 1 43 ? 6.152   3.597   -3.361  1.00 2.00  ? 43  SER A O   1 
ATOM   325  C  CB  . SER A 1 43 ? 6.574   4.564   -0.199  1.00 2.00  ? 43  SER A CB  1 
ATOM   326  O  OG  . SER A 1 43 ? 7.611   3.648   -0.539  1.00 2.00  ? 43  SER A OG  1 
ATOM   327  N  N   . GLN A 1 44 ? 6.815   5.709   -3.030  1.00 3.17  ? 44  GLN A N   1 
ATOM   328  C  CA  . GLN A 1 44 ? 7.478   5.780   -4.305  1.00 5.16  ? 44  GLN A CA  1 
ATOM   329  C  C   . GLN A 1 44 ? 8.606   4.752   -4.341  1.00 5.80  ? 44  GLN A C   1 
ATOM   330  O  O   . GLN A 1 44 ? 8.785   4.124   -5.383  1.00 3.80  ? 44  GLN A O   1 
ATOM   331  C  CB  . GLN A 1 44 ? 8.003   7.174   -4.506  1.00 3.74  ? 44  GLN A CB  1 
ATOM   332  C  CG  . GLN A 1 44 ? 8.295   7.278   -5.975  1.00 8.25  ? 44  GLN A CG  1 
ATOM   333  C  CD  . GLN A 1 44 ? 8.666   8.662   -6.431  1.00 9.72  ? 44  GLN A CD  1 
ATOM   334  O  OE1 . GLN A 1 44 ? 9.636   8.831   -7.161  1.00 12.93 ? 44  GLN A OE1 1 
ATOM   335  N  NE2 . GLN A 1 44 ? 7.918   9.687   -6.042  1.00 9.70  ? 44  GLN A NE2 1 
ATOM   336  N  N   . GLU A 1 45 ? 9.346   4.469   -3.254  1.00 7.28  ? 45  GLU A N   1 
ATOM   337  C  CA  . GLU A 1 45 ? 10.405  3.452   -3.330  1.00 10.62 ? 45  GLU A CA  1 
ATOM   338  C  C   . GLU A 1 45 ? 9.891   2.019   -3.494  1.00 8.02  ? 45  GLU A C   1 
ATOM   339  O  O   . GLU A 1 45 ? 10.535  1.191   -4.155  1.00 7.55  ? 45  GLU A O   1 
ATOM   340  C  CB  . GLU A 1 45 ? 11.314  3.478   -2.098  1.00 13.69 ? 45  GLU A CB  1 
ATOM   341  C  CG  . GLU A 1 45 ? 12.058  4.810   -1.879  1.00 28.59 ? 45  GLU A CG  1 
ATOM   342  C  CD  . GLU A 1 45 ? 12.717  5.475   -3.107  1.00 36.17 ? 45  GLU A CD  1 
ATOM   343  O  OE1 . GLU A 1 45 ? 13.563  4.835   -3.752  1.00 41.75 ? 45  GLU A OE1 1 
ATOM   344  O  OE2 . GLU A 1 45 ? 12.381  6.634   -3.421  1.00 38.20 ? 45  GLU A OE2 1 
ATOM   345  N  N   . GLU A 1 46 ? 8.718   1.699   -2.941  1.00 5.27  ? 46  GLU A N   1 
ATOM   346  C  CA  . GLU A 1 46 ? 8.145   0.387   -3.089  1.00 3.08  ? 46  GLU A CA  1 
ATOM   347  C  C   . GLU A 1 46 ? 7.606   0.229   -4.505  1.00 3.01  ? 46  GLU A C   1 
ATOM   348  O  O   . GLU A 1 46 ? 7.622   -0.874  -5.065  1.00 2.00  ? 46  GLU A O   1 
ATOM   349  C  CB  . GLU A 1 46 ? 7.043   0.213   -2.042  1.00 3.39  ? 46  GLU A CB  1 
ATOM   350  C  CG  . GLU A 1 46 ? 6.435   -1.181  -2.054  1.00 2.49  ? 46  GLU A CG  1 
ATOM   351  C  CD  . GLU A 1 46 ? 5.642   -1.548  -0.811  1.00 4.56  ? 46  GLU A CD  1 
ATOM   352  O  OE1 . GLU A 1 46 ? 6.271   -1.872  0.197   1.00 5.85  ? 46  GLU A OE1 1 
ATOM   353  O  OE2 . GLU A 1 46 ? 4.412   -1.541  -0.850  1.00 2.02  ? 46  GLU A OE2 1 
ATOM   354  N  N   . VAL A 1 47 ? 7.115   1.318   -5.103  1.00 2.53  ? 47  VAL A N   1 
ATOM   355  C  CA  . VAL A 1 47 ? 6.658   1.256   -6.481  1.00 2.91  ? 47  VAL A CA  1 
ATOM   356  C  C   . VAL A 1 47 ? 7.860   0.935   -7.360  1.00 2.00  ? 47  VAL A C   1 
ATOM   357  O  O   . VAL A 1 47 ? 7.811   0.008   -8.184  1.00 2.00  ? 47  VAL A O   1 
ATOM   358  C  CB  . VAL A 1 47 ? 6.018   2.602   -6.920  1.00 2.71  ? 47  VAL A CB  1 
ATOM   359  C  CG1 . VAL A 1 47 ? 5.751   2.605   -8.418  1.00 2.00  ? 47  VAL A CG1 1 
ATOM   360  C  CG2 . VAL A 1 47 ? 4.705   2.797   -6.147  1.00 2.00  ? 47  VAL A CG2 1 
ATOM   361  N  N   . GLU A 1 48 ? 8.961   1.658   -7.144  1.00 2.00  ? 48  GLU A N   1 
ATOM   362  C  CA  . GLU A 1 48 ? 10.173  1.464   -7.924  1.00 3.17  ? 48  GLU A CA  1 
ATOM   363  C  C   . GLU A 1 48 ? 10.685  0.049   -7.787  1.00 2.00  ? 48  GLU A C   1 
ATOM   364  O  O   . GLU A 1 48 ? 11.035  -0.558  -8.799  1.00 2.00  ? 48  GLU A O   1 
ATOM   365  C  CB  . GLU A 1 48 ? 11.254  2.455   -7.491  1.00 7.52  ? 48  GLU A CB  1 
ATOM   366  C  CG  . GLU A 1 48 ? 10.911  3.838   -8.053  1.00 15.65 ? 48  GLU A CG  1 
ATOM   367  C  CD  . GLU A 1 48 ? 11.673  5.070   -7.529  1.00 21.68 ? 48  GLU A CD  1 
ATOM   368  O  OE1 . GLU A 1 48 ? 12.007  5.142   -6.334  1.00 23.22 ? 48  GLU A OE1 1 
ATOM   369  O  OE2 . GLU A 1 48 ? 11.897  5.990   -8.332  1.00 22.92 ? 48  GLU A OE2 1 
ATOM   370  N  N   . GLU A 1 49 ? 10.657  -0.521  -6.586  1.00 2.00  ? 49  GLU A N   1 
ATOM   371  C  CA  . GLU A 1 49 ? 11.056  -1.895  -6.372  1.00 2.00  ? 49  GLU A CA  1 
ATOM   372  C  C   . GLU A 1 49 ? 10.245  -2.827  -7.287  1.00 2.94  ? 49  GLU A C   1 
ATOM   373  O  O   . GLU A 1 49 ? 10.816  -3.674  -7.997  1.00 2.00  ? 49  GLU A O   1 
ATOM   374  C  CB  . GLU A 1 49 ? 10.815  -2.245  -4.912  1.00 2.64  ? 49  GLU A CB  1 
ATOM   375  C  CG  . GLU A 1 49 ? 11.147  -3.687  -4.482  1.00 2.00  ? 49  GLU A CG  1 
ATOM   376  C  CD  . GLU A 1 49 ? 10.792  -4.059  -3.049  1.00 3.61  ? 49  GLU A CD  1 
ATOM   377  O  OE1 . GLU A 1 49 ? 10.131  -3.296  -2.345  1.00 6.13  ? 49  GLU A OE1 1 
ATOM   378  O  OE2 . GLU A 1 49 ? 11.142  -5.147  -2.630  1.00 2.00  ? 49  GLU A OE2 1 
ATOM   379  N  N   . ALA A 1 50 ? 8.924   -2.609  -7.349  1.00 2.00  ? 50  ALA A N   1 
ATOM   380  C  CA  . ALA A 1 50 ? 8.059   -3.465  -8.137  1.00 2.00  ? 50  ALA A CA  1 
ATOM   381  C  C   . ALA A 1 50 ? 8.313   -3.286  -9.629  1.00 2.90  ? 50  ALA A C   1 
ATOM   382  O  O   . ALA A 1 50 ? 8.350   -4.256  -10.387 1.00 2.29  ? 50  ALA A O   1 
ATOM   383  C  CB  . ALA A 1 50 ? 6.604   -3.145  -7.800  1.00 2.33  ? 50  ALA A CB  1 
ATOM   384  N  N   . MET A 1 51 ? 8.563   -2.047  -10.046 1.00 2.72  ? 51  MET A N   1 
ATOM   385  C  CA  . MET A 1 51 ? 8.925   -1.717  -11.411 1.00 4.85  ? 51  MET A CA  1 
ATOM   386  C  C   . MET A 1 51 ? 10.251  -2.318  -11.858 1.00 4.85  ? 51  MET A C   1 
ATOM   387  O  O   . MET A 1 51 ? 10.396  -2.760  -12.997 1.00 4.31  ? 51  MET A O   1 
ATOM   388  C  CB  . MET A 1 51 ? 9.068   -0.215  -11.616 1.00 5.83  ? 51  MET A CB  1 
ATOM   389  C  CG  . MET A 1 51 ? 7.764   0.525   -11.742 1.00 9.77  ? 51  MET A CG  1 
ATOM   390  S  SD  . MET A 1 51 ? 8.013   2.311   -11.911 1.00 16.18 ? 51  MET A SD  1 
ATOM   391  C  CE  . MET A 1 51 ? 9.196   2.305   -13.228 1.00 8.64  ? 51  MET A CE  1 
ATOM   392  N  N   . ASP A 1 52 ? 11.255  -2.301  -10.988 1.00 5.37  ? 52  ASP A N   1 
ATOM   393  C  CA  . ASP A 1 52 ? 12.572  -2.831  -11.311 1.00 6.37  ? 52  ASP A CA  1 
ATOM   394  C  C   . ASP A 1 52 ? 12.548  -4.335  -11.322 1.00 5.40  ? 52  ASP A C   1 
ATOM   395  O  O   . ASP A 1 52 ? 13.367  -4.935  -12.001 1.00 7.79  ? 52  ASP A O   1 
ATOM   396  C  CB  . ASP A 1 52 ? 13.620  -2.357  -10.290 1.00 5.83  ? 52  ASP A CB  1 
ATOM   397  C  CG  . ASP A 1 52 ? 13.957  -0.878  -10.349 1.00 8.12  ? 52  ASP A CG  1 
ATOM   398  O  OD1 . ASP A 1 52 ? 13.599  -0.212  -11.318 1.00 5.02  ? 52  ASP A OD1 1 
ATOM   399  O  OD2 . ASP A 1 52 ? 14.595  -0.388  -9.415  1.00 10.67 ? 52  ASP A OD2 1 
ATOM   400  N  N   . THR A 1 53 ? 11.670  -4.957  -10.542 1.00 4.53  ? 53  THR A N   1 
ATOM   401  C  CA  . THR A 1 53 ? 11.466  -6.393  -10.546 1.00 3.37  ? 53  THR A CA  1 
ATOM   402  C  C   . THR A 1 53 ? 10.651  -6.920  -11.722 1.00 3.89  ? 53  THR A C   1 
ATOM   403  O  O   . THR A 1 53 ? 10.933  -8.050  -12.121 1.00 2.99  ? 53  THR A O   1 
ATOM   404  C  CB  . THR A 1 53 ? 10.788  -6.772  -9.236  1.00 2.00  ? 53  THR A CB  1 
ATOM   405  O  OG1 . THR A 1 53 ? 11.695  -6.343  -8.241  1.00 2.00  ? 53  THR A OG1 1 
ATOM   406  C  CG2 . THR A 1 53 ? 10.462  -8.239  -9.096  1.00 2.00  ? 53  THR A CG2 1 
ATOM   407  N  N   . CYS A 1 54 ? 9.690   -6.176  -12.301 1.00 2.44  ? 54  CYS A N   1 
ATOM   408  C  CA  . CYS A 1 54 ? 8.904   -6.681  -13.398 1.00 2.00  ? 54  CYS A CA  1 
ATOM   409  C  C   . CYS A 1 54 ? 9.721   -7.375  -14.482 1.00 3.13  ? 54  CYS A C   1 
ATOM   410  O  O   . CYS A 1 54 ? 10.445  -6.683  -15.197 1.00 2.00  ? 54  CYS A O   1 
ATOM   411  C  CB  . CYS A 1 54 ? 8.126   -5.546  -14.023 1.00 2.00  ? 54  CYS A CB  1 
ATOM   412  S  SG  . CYS A 1 54 ? 6.880   -6.229  -15.149 1.00 2.00  ? 54  CYS A SG  1 
ATOM   413  N  N   . PRO A 1 55 ? 9.606   -8.701  -14.707 1.00 3.03  ? 55  PRO A N   1 
ATOM   414  C  CA  . PRO A 1 55 ? 10.426  -9.430  -15.663 1.00 3.32  ? 55  PRO A CA  1 
ATOM   415  C  C   . PRO A 1 55 ? 10.277  -8.912  -17.079 1.00 2.89  ? 55  PRO A C   1 
ATOM   416  O  O   . PRO A 1 55 ? 11.217  -9.030  -17.862 1.00 2.59  ? 55  PRO A O   1 
ATOM   417  C  CB  . PRO A 1 55 ? 10.005  -10.899 -15.486 1.00 4.40  ? 55  PRO A CB  1 
ATOM   418  C  CG  . PRO A 1 55 ? 8.594   -10.796 -14.947 1.00 3.86  ? 55  PRO A CG  1 
ATOM   419  C  CD  . PRO A 1 55 ? 8.778   -9.642  -13.963 1.00 3.90  ? 55  PRO A CD  1 
ATOM   420  N  N   . VAL A 1 56 ? 9.118   -8.372  -17.449 1.00 2.00  ? 56  VAL A N   1 
ATOM   421  C  CA  . VAL A 1 56 ? 8.974   -7.810  -18.774 1.00 2.41  ? 56  VAL A CA  1 
ATOM   422  C  C   . VAL A 1 56 ? 8.981   -6.276  -18.790 1.00 3.72  ? 56  VAL A C   1 
ATOM   423  O  O   . VAL A 1 56 ? 8.656   -5.637  -19.789 1.00 2.53  ? 56  VAL A O   1 
ATOM   424  C  CB  . VAL A 1 56 ? 7.660   -8.354  -19.430 1.00 4.42  ? 56  VAL A CB  1 
ATOM   425  C  CG1 . VAL A 1 56 ? 7.773   -9.862  -19.572 1.00 2.00  ? 56  VAL A CG1 1 
ATOM   426  C  CG2 . VAL A 1 56 ? 6.428   -8.004  -18.609 1.00 4.96  ? 56  VAL A CG2 1 
ATOM   427  N  N   . GLN A 1 57 ? 9.359   -5.607  -17.694 1.00 4.07  ? 57  GLN A N   1 
ATOM   428  C  CA  . GLN A 1 57 ? 9.390   -4.139  -17.636 1.00 5.21  ? 57  GLN A CA  1 
ATOM   429  C  C   . GLN A 1 57 ? 8.190   -3.388  -18.248 1.00 4.77  ? 57  GLN A C   1 
ATOM   430  O  O   . GLN A 1 57 ? 8.330   -2.512  -19.112 1.00 4.85  ? 57  GLN A O   1 
ATOM   431  C  CB  . GLN A 1 57 ? 10.727  -3.658  -18.289 1.00 6.46  ? 57  GLN A CB  1 
ATOM   432  C  CG  . GLN A 1 57 ? 11.979  -4.024  -17.481 1.00 9.18  ? 57  GLN A CG  1 
ATOM   433  C  CD  . GLN A 1 57 ? 11.928  -3.454  -16.058 1.00 13.60 ? 57  GLN A CD  1 
ATOM   434  O  OE1 . GLN A 1 57 ? 11.855  -2.234  -15.862 1.00 16.04 ? 57  GLN A OE1 1 
ATOM   435  N  NE2 . GLN A 1 57 ? 11.908  -4.257  -14.997 1.00 10.55 ? 57  GLN A NE2 1 
ATOM   436  N  N   . CYS A 1 58 ? 6.974   -3.756  -17.809 1.00 4.35  ? 58  CYS A N   1 
ATOM   437  C  CA  . CYS A 1 58 ? 5.736   -3.157  -18.309 1.00 3.35  ? 58  CYS A CA  1 
ATOM   438  C  C   . CYS A 1 58 ? 5.073   -2.123  -17.398 1.00 2.62  ? 58  CYS A C   1 
ATOM   439  O  O   . CYS A 1 58 ? 4.072   -1.509  -17.780 1.00 3.53  ? 58  CYS A O   1 
ATOM   440  C  CB  . CYS A 1 58 ? 4.712   -4.254  -18.631 1.00 3.80  ? 58  CYS A CB  1 
ATOM   441  S  SG  . CYS A 1 58 ? 4.184   -5.435  -17.352 1.00 2.00  ? 58  CYS A SG  1 
ATOM   442  N  N   . ILE A 1 59 ? 5.638   -1.799  -16.242 1.00 2.00  ? 59  ILE A N   1 
ATOM   443  C  CA  . ILE A 1 59 ? 5.075   -0.777  -15.379 1.00 2.22  ? 59  ILE A CA  1 
ATOM   444  C  C   . ILE A 1 59 ? 5.951   0.443   -15.693 1.00 2.84  ? 59  ILE A C   1 
ATOM   445  O  O   . ILE A 1 59 ? 7.192   0.404   -15.654 1.00 2.00  ? 59  ILE A O   1 
ATOM   446  C  CB  . ILE A 1 59 ? 5.199   -1.182  -13.894 1.00 2.00  ? 59  ILE A CB  1 
ATOM   447  C  CG1 . ILE A 1 59 ? 4.707   -2.618  -13.713 1.00 2.00  ? 59  ILE A CG1 1 
ATOM   448  C  CG2 . ILE A 1 59 ? 4.403   -0.199  -13.026 1.00 2.00  ? 59  ILE A CG2 1 
ATOM   449  C  CD1 . ILE A 1 59 ? 5.120   -3.280  -12.403 1.00 2.00  ? 59  ILE A CD1 1 
ATOM   450  N  N   . HIS A 1 60 ? 5.287   1.521   -16.086 1.00 2.97  ? 60  HIS A N   1 
ATOM   451  C  CA  . HIS A 1 60 ? 5.974   2.709   -16.550 1.00 2.00  ? 60  HIS A CA  1 
ATOM   452  C  C   . HIS A 1 60 ? 5.519   3.907   -15.748 1.00 2.92  ? 60  HIS A C   1 
ATOM   453  O  O   . HIS A 1 60 ? 4.391   3.952   -15.259 1.00 4.21  ? 60  HIS A O   1 
ATOM   454  C  CB  . HIS A 1 60 ? 5.662   3.035   -18.011 1.00 2.00  ? 60  HIS A CB  1 
ATOM   455  C  CG  . HIS A 1 60 ? 5.888   1.896   -18.978 1.00 3.28  ? 60  HIS A CG  1 
ATOM   456  N  ND1 . HIS A 1 60 ? 4.994   0.992   -19.383 1.00 3.28  ? 60  HIS A ND1 1 
ATOM   457  C  CD2 . HIS A 1 60 ? 7.093   1.592   -19.567 1.00 2.82  ? 60  HIS A CD2 1 
ATOM   458  C  CE1 . HIS A 1 60 ? 5.625   0.173   -20.177 1.00 2.00  ? 60  HIS A CE1 1 
ATOM   459  N  NE2 . HIS A 1 60 ? 6.873   0.532   -20.282 1.00 2.22  ? 60  HIS A NE2 1 
ATOM   460  N  N   . TRP A 1 61 ? 6.373   4.904   -15.624 1.00 4.86  ? 61  TRP A N   1 
ATOM   461  C  CA  . TRP A 1 61 ? 6.007   6.160   -15.016 1.00 5.95  ? 61  TRP A CA  1 
ATOM   462  C  C   . TRP A 1 61 ? 5.329   6.932   -16.138 1.00 8.41  ? 61  TRP A C   1 
ATOM   463  O  O   . TRP A 1 61 ? 5.568   6.694   -17.329 1.00 9.45  ? 61  TRP A O   1 
ATOM   464  C  CB  . TRP A 1 61 ? 7.230   6.908   -14.564 1.00 2.70  ? 61  TRP A CB  1 
ATOM   465  C  CG  . TRP A 1 61 ? 7.899   6.358   -13.318 1.00 3.55  ? 61  TRP A CG  1 
ATOM   466  C  CD1 . TRP A 1 61 ? 9.195   5.944   -13.399 1.00 2.05  ? 61  TRP A CD1 1 
ATOM   467  C  CD2 . TRP A 1 61 ? 7.396   6.280   -12.030 1.00 2.25  ? 61  TRP A CD2 1 
ATOM   468  N  NE1 . TRP A 1 61 ? 9.527   5.623   -12.166 1.00 3.67  ? 61  TRP A NE1 1 
ATOM   469  C  CE2 . TRP A 1 61 ? 8.497   5.806   -11.330 1.00 2.89  ? 61  TRP A CE2 1 
ATOM   470  C  CE3 . TRP A 1 61 ? 6.239   6.531   -11.336 1.00 2.00  ? 61  TRP A CE3 1 
ATOM   471  C  CZ2 . TRP A 1 61 ? 8.469   5.577   -9.967  1.00 2.88  ? 61  TRP A CZ2 1 
ATOM   472  C  CZ3 . TRP A 1 61 ? 6.199   6.308   -9.970  1.00 2.00  ? 61  TRP A CZ3 1 
ATOM   473  C  CH2 . TRP A 1 61 ? 7.301   5.835   -9.282  1.00 2.82  ? 61  TRP A CH2 1 
ATOM   474  N  N   . GLU A 1 62 ? 4.473   7.872   -15.774 1.00 11.80 ? 62  GLU A N   1 
ATOM   475  C  CA  . GLU A 1 62 ? 3.766   8.701   -16.719 1.00 14.81 ? 62  GLU A CA  1 
ATOM   476  C  C   . GLU A 1 62 ? 3.812   10.053  -16.058 1.00 17.15 ? 62  GLU A C   1 
ATOM   477  O  O   . GLU A 1 62 ? 3.166   10.332  -15.046 1.00 16.15 ? 62  GLU A O   1 
ATOM   478  C  CB  . GLU A 1 62 ? 2.352   8.225   -16.853 1.00 15.84 ? 62  GLU A CB  1 
ATOM   479  C  CG  . GLU A 1 62 ? 1.410   9.229   -17.503 1.00 19.96 ? 62  GLU A CG  1 
ATOM   480  C  CD  . GLU A 1 62 ? 0.711   8.699   -18.744 1.00 22.97 ? 62  GLU A CD  1 
ATOM   481  O  OE1 . GLU A 1 62 ? -0.329  8.049   -18.589 1.00 23.94 ? 62  GLU A OE1 1 
ATOM   482  O  OE2 . GLU A 1 62 ? 1.214   8.939   -19.851 1.00 24.11 ? 62  GLU A OE2 1 
ATOM   483  N  N   . ASP A 1 63 ? 4.840   10.733  -16.530 1.00 20.68 ? 63  ASP A N   1 
ATOM   484  C  CA  . ASP A 1 63 ? 5.102   12.140  -16.190 1.00 26.65 ? 63  ASP A CA  1 
ATOM   485  C  C   . ASP A 1 63 ? 4.492   12.982  -17.304 1.00 30.41 ? 63  ASP A C   1 
ATOM   486  O  O   . ASP A 1 63 ? 4.052   14.131  -17.154 1.00 31.24 ? 63  ASP A O   1 
ATOM   487  C  CB  . ASP A 1 63 ? 6.608   12.476  -16.151 1.00 24.28 ? 63  ASP A CB  1 
ATOM   488  C  CG  . ASP A 1 63 ? 7.409   11.565  -15.239 1.00 22.54 ? 63  ASP A CG  1 
ATOM   489  O  OD1 . ASP A 1 63 ? 7.195   11.640  -14.027 1.00 19.58 ? 63  ASP A OD1 1 
ATOM   490  O  OD2 . ASP A 1 63 ? 8.224   10.789  -15.749 1.00 20.82 ? 63  ASP A OD2 1 
ATOM   491  N  N   . GLU A 1 64 ? 4.794   12.311  -18.434 1.00 35.59 ? 64  GLU A N   1 
ATOM   492  C  CA  . GLU A 1 64 ? 4.376   12.589  -19.797 1.00 39.75 ? 64  GLU A CA  1 
ATOM   493  C  C   . GLU A 1 64 ? 2.887   12.274  -20.013 1.00 40.60 ? 64  GLU A C   1 
ATOM   494  O  O   . GLU A 1 64 ? 2.190   12.027  -19.046 1.00 41.41 ? 64  GLU A O   1 
ATOM   495  C  CB  . GLU A 1 64 ? 5.252   11.734  -20.776 1.00 43.05 ? 64  GLU A CB  1 
ATOM   496  C  CG  . GLU A 1 64 ? 4.769   10.266  -20.994 1.00 46.82 ? 64  GLU A CG  1 
ATOM   497  C  CD  . GLU A 1 64 ? 5.791   9.121   -21.029 1.00 49.79 ? 64  GLU A CD  1 
ATOM   498  O  OE1 . GLU A 1 64 ? 6.732   9.154   -21.839 1.00 51.35 ? 64  GLU A OE1 1 
ATOM   499  O  OE2 . GLU A 1 64 ? 5.609   8.165   -20.258 1.00 51.99 ? 64  GLU A OE2 1 
ATOM   500  O  OXT . GLU A 1 64 ? 2.494   12.221  -21.196 0.00 41.41 ? 64  GLU A OXT 1 
ATOM   501  N  N   . ALA B 1 1  ? 13.038  4.164   6.342   1.00 36.47 ? 1   ALA B N   1 
ATOM   502  C  CA  . ALA B 1 1  ? 12.599  5.481   5.914   1.00 35.98 ? 1   ALA B CA  1 
ATOM   503  C  C   . ALA B 1 1  ? 11.543  5.882   6.958   1.00 35.06 ? 1   ALA B C   1 
ATOM   504  O  O   . ALA B 1 1  ? 11.975  6.257   8.048   1.00 33.64 ? 1   ALA B O   1 
ATOM   505  C  CB  . ALA B 1 1  ? 11.997  5.406   4.495   1.00 34.79 ? 1   ALA B CB  1 
ATOM   506  N  N   . ARG B 1 2  ? 10.227  5.726   6.735   1.00 33.25 ? 2   ARG B N   1 
ATOM   507  C  CA  . ARG B 1 2  ? 9.197   6.127   7.685   1.00 31.03 ? 2   ARG B CA  1 
ATOM   508  C  C   . ARG B 1 2  ? 9.117   5.143   8.831   1.00 28.67 ? 2   ARG B C   1 
ATOM   509  O  O   . ARG B 1 2  ? 9.366   3.955   8.608   1.00 30.38 ? 2   ARG B O   1 
ATOM   510  C  CB  . ARG B 1 2  ? 7.797   6.128   7.098   1.00 32.88 ? 2   ARG B CB  1 
ATOM   511  C  CG  . ARG B 1 2  ? 7.516   7.004   5.919   1.00 36.03 ? 2   ARG B CG  1 
ATOM   512  C  CD  . ARG B 1 2  ? 7.956   6.335   4.632   1.00 39.27 ? 2   ARG B CD  1 
ATOM   513  N  NE  . ARG B 1 2  ? 8.200   7.370   3.648   1.00 41.78 ? 2   ARG B NE  1 
ATOM   514  C  CZ  . ARG B 1 2  ? 7.219   7.969   2.977   1.00 42.99 ? 2   ARG B CZ  1 
ATOM   515  N  NH1 . ARG B 1 2  ? 5.935   7.671   3.133   1.00 43.51 ? 2   ARG B NH1 1 
ATOM   516  N  NH2 . ARG B 1 2  ? 7.534   8.959   2.159   1.00 44.60 ? 2   ARG B NH2 1 
ATOM   517  N  N   . LYS B 1 3  ? 8.786   5.599   10.032  1.00 24.11 ? 3   LYS B N   1 
ATOM   518  C  CA  . LYS B 1 3  ? 8.451   4.687   11.107  1.00 19.17 ? 3   LYS B CA  1 
ATOM   519  C  C   . LYS B 1 3  ? 7.170   5.276   11.645  1.00 14.16 ? 3   LYS B C   1 
ATOM   520  O  O   . LYS B 1 3  ? 7.088   6.479   11.940  1.00 11.39 ? 3   LYS B O   1 
ATOM   521  C  CB  . LYS B 1 3  ? 9.368   4.670   12.308  1.00 21.16 ? 3   LYS B CB  1 
ATOM   522  C  CG  . LYS B 1 3  ? 10.808  4.289   12.151  1.00 25.69 ? 3   LYS B CG  1 
ATOM   523  C  CD  . LYS B 1 3  ? 11.264  3.931   13.554  1.00 28.97 ? 3   LYS B CD  1 
ATOM   524  C  CE  . LYS B 1 3  ? 12.781  3.978   13.640  1.00 32.87 ? 3   LYS B CE  1 
ATOM   525  N  NZ  . LYS B 1 3  ? 13.188  3.861   15.029  1.00 36.34 ? 3   LYS B NZ  1 
ATOM   526  N  N   . PHE B 1 4  ? 6.161   4.440   11.717  1.00 8.84  ? 4   PHE B N   1 
ATOM   527  C  CA  . PHE B 1 4  ? 4.895   4.804   12.322  1.00 6.02  ? 4   PHE B CA  1 
ATOM   528  C  C   . PHE B 1 4  ? 4.351   3.450   12.740  1.00 4.53  ? 4   PHE B C   1 
ATOM   529  O  O   . PHE B 1 4  ? 4.702   2.416   12.161  1.00 3.12  ? 4   PHE B O   1 
ATOM   530  C  CB  . PHE B 1 4  ? 3.921   5.559   11.306  1.00 3.08  ? 4   PHE B CB  1 
ATOM   531  C  CG  . PHE B 1 4  ? 3.615   4.905   9.951   1.00 2.40  ? 4   PHE B CG  1 
ATOM   532  C  CD1 . PHE B 1 4  ? 4.480   5.072   8.888   1.00 2.00  ? 4   PHE B CD1 1 
ATOM   533  C  CD2 . PHE B 1 4  ? 2.502   4.095   9.805   1.00 2.00  ? 4   PHE B CD2 1 
ATOM   534  C  CE1 . PHE B 1 4  ? 4.257   4.435   7.693   1.00 2.00  ? 4   PHE B CE1 1 
ATOM   535  C  CE2 . PHE B 1 4  ? 2.286   3.454   8.603   1.00 2.00  ? 4   PHE B CE2 1 
ATOM   536  C  CZ  . PHE B 1 4  ? 3.161   3.621   7.550   1.00 2.47  ? 4   PHE B CZ  1 
ATOM   537  N  N   . TYR B 1 5  ? 3.518   3.466   13.770  1.00 4.52  ? 5   TYR B N   1 
ATOM   538  C  CA  . TYR B 1 5  ? 2.968   2.277   14.395  1.00 2.92  ? 5   TYR B CA  1 
ATOM   539  C  C   . TYR B 1 5  ? 1.600   2.634   15.013  1.00 2.00  ? 5   TYR B C   1 
ATOM   540  O  O   . TYR B 1 5  ? 1.247   3.814   15.176  1.00 2.00  ? 5   TYR B O   1 
ATOM   541  C  CB  . TYR B 1 5  ? 3.980   1.818   15.454  1.00 2.00  ? 5   TYR B CB  1 
ATOM   542  C  CG  . TYR B 1 5  ? 4.197   2.883   16.524  1.00 2.00  ? 5   TYR B CG  1 
ATOM   543  C  CD1 . TYR B 1 5  ? 5.153   3.883   16.379  1.00 3.67  ? 5   TYR B CD1 1 
ATOM   544  C  CD2 . TYR B 1 5  ? 3.390   2.867   17.646  1.00 2.00  ? 5   TYR B CD2 1 
ATOM   545  C  CE1 . TYR B 1 5  ? 5.281   4.857   17.363  1.00 2.00  ? 5   TYR B CE1 1 
ATOM   546  C  CE2 . TYR B 1 5  ? 3.507   3.824   18.624  1.00 2.00  ? 5   TYR B CE2 1 
ATOM   547  C  CZ  . TYR B 1 5  ? 4.443   4.813   18.474  1.00 2.61  ? 5   TYR B CZ  1 
ATOM   548  O  OH  . TYR B 1 5  ? 4.483   5.793   19.442  1.00 2.39  ? 5   TYR B OH  1 
ATOM   549  N  N   . VAL B 1 6  ? 0.823   1.636   15.409  1.00 2.00  ? 6   VAL B N   1 
ATOM   550  C  CA  . VAL B 1 6  ? -0.470  1.858   16.047  1.00 2.58  ? 6   VAL B CA  1 
ATOM   551  C  C   . VAL B 1 6  ? -0.257  1.623   17.543  1.00 3.43  ? 6   VAL B C   1 
ATOM   552  O  O   . VAL B 1 6  ? 0.438   0.661   17.929  1.00 2.95  ? 6   VAL B O   1 
ATOM   553  C  CB  . VAL B 1 6  ? -1.523  0.869   15.474  1.00 2.25  ? 6   VAL B CB  1 
ATOM   554  C  CG1 . VAL B 1 6  ? -2.839  0.933   16.257  1.00 2.00  ? 6   VAL B CG1 1 
ATOM   555  C  CG2 . VAL B 1 6  ? -1.739  1.205   13.991  1.00 2.00  ? 6   VAL B CG2 1 
ATOM   556  N  N   . ASP B 1 7  ? -0.776  2.504   18.409  1.00 2.00  ? 7   ASP B N   1 
ATOM   557  C  CA  . ASP B 1 7  ? -0.737  2.265   19.835  1.00 2.00  ? 7   ASP B CA  1 
ATOM   558  C  C   . ASP B 1 7  ? -2.005  1.446   20.055  1.00 2.73  ? 7   ASP B C   1 
ATOM   559  O  O   . ASP B 1 7  ? -3.150  1.925   20.161  1.00 2.00  ? 7   ASP B O   1 
ATOM   560  C  CB  . ASP B 1 7  ? -0.778  3.586   20.617  1.00 3.57  ? 7   ASP B CB  1 
ATOM   561  C  CG  . ASP B 1 7  ? -1.086  3.519   22.116  1.00 3.21  ? 7   ASP B CG  1 
ATOM   562  O  OD1 . ASP B 1 7  ? -0.914  2.483   22.749  1.00 2.00  ? 7   ASP B OD1 1 
ATOM   563  O  OD2 . ASP B 1 7  ? -1.537  4.531   22.648  1.00 4.15  ? 7   ASP B OD2 1 
ATOM   564  N  N   . GLN B 1 8  ? -1.769  0.145   20.165  1.00 2.12  ? 8   GLN B N   1 
ATOM   565  C  CA  . GLN B 1 8  ? -2.872  -0.803  20.258  1.00 3.88  ? 8   GLN B CA  1 
ATOM   566  C  C   . GLN B 1 8  ? -3.694  -0.684  21.544  1.00 3.85  ? 8   GLN B C   1 
ATOM   567  O  O   . GLN B 1 8  ? -4.879  -1.039  21.529  1.00 4.06  ? 8   GLN B O   1 
ATOM   568  C  CB  . GLN B 1 8  ? -2.313  -2.232  20.077  1.00 2.66  ? 8   GLN B CB  1 
ATOM   569  C  CG  . GLN B 1 8  ? -1.865  -2.466  18.630  1.00 2.33  ? 8   GLN B CG  1 
ATOM   570  C  CD  . GLN B 1 8  ? -1.453  -3.889  18.316  1.00 2.98  ? 8   GLN B CD  1 
ATOM   571  O  OE1 . GLN B 1 8  ? -0.905  -4.587  19.165  1.00 7.30  ? 8   GLN B OE1 1 
ATOM   572  N  NE2 . GLN B 1 8  ? -1.651  -4.396  17.113  1.00 3.47  ? 8   GLN B NE2 1 
ATOM   573  N  N   . ASP B 1 9  ? -3.181  -0.119  22.646  1.00 4.12  ? 9   ASP B N   1 
ATOM   574  C  CA  . ASP B 1 9  ? -3.997  0.136   23.836  1.00 4.98  ? 9   ASP B CA  1 
ATOM   575  C  C   . ASP B 1 9  ? -5.207  1.014   23.581  1.00 3.63  ? 9   ASP B C   1 
ATOM   576  O  O   . ASP B 1 9  ? -6.207  0.933   24.272  1.00 4.64  ? 9   ASP B O   1 
ATOM   577  C  CB  . ASP B 1 9  ? -3.202  0.833   24.923  1.00 8.24  ? 9   ASP B CB  1 
ATOM   578  C  CG  . ASP B 1 9  ? -2.229  -0.028  25.706  1.00 10.68 ? 9   ASP B CG  1 
ATOM   579  O  OD1 . ASP B 1 9  ? -2.298  -1.252  25.659  1.00 13.96 ? 9   ASP B OD1 1 
ATOM   580  O  OD2 . ASP B 1 9  ? -1.394  0.540   26.399  1.00 16.48 ? 9   ASP B OD2 1 
ATOM   581  N  N   . GLU B 1 10 ? -5.094  1.890   22.601  1.00 2.00  ? 10  GLU B N   1 
ATOM   582  C  CA  . GLU B 1 10 ? -6.119  2.844   22.328  1.00 3.40  ? 10  GLU B CA  1 
ATOM   583  C  C   . GLU B 1 10 ? -7.003  2.500   21.157  1.00 4.98  ? 10  GLU B C   1 
ATOM   584  O  O   . GLU B 1 10 ? -8.132  3.023   21.058  1.00 7.70  ? 10  GLU B O   1 
ATOM   585  C  CB  . GLU B 1 10 ? -5.467  4.174   22.085  1.00 5.44  ? 10  GLU B CB  1 
ATOM   586  C  CG  . GLU B 1 10 ? -5.078  4.896   23.361  1.00 6.33  ? 10  GLU B CG  1 
ATOM   587  C  CD  . GLU B 1 10 ? -6.257  5.305   24.243  1.00 8.18  ? 10  GLU B CD  1 
ATOM   588  O  OE1 . GLU B 1 10 ? -7.228  5.865   23.718  1.00 8.75  ? 10  GLU B OE1 1 
ATOM   589  O  OE2 . GLU B 1 10 ? -6.207  5.084   25.458  1.00 7.55  ? 10  GLU B OE2 1 
ATOM   590  N  N   . CYS B 1 11 ? -6.503  1.617   20.295  1.00 3.68  ? 11  CYS B N   1 
ATOM   591  C  CA  . CYS B 1 11 ? -7.171  1.284   19.070  1.00 2.44  ? 11  CYS B CA  1 
ATOM   592  C  C   . CYS B 1 11 ? -8.554  0.761   19.373  1.00 2.00  ? 11  CYS B C   1 
ATOM   593  O  O   . CYS B 1 11 ? -8.701  -0.162  20.160  1.00 2.11  ? 11  CYS B O   1 
ATOM   594  C  CB  . CYS B 1 11 ? -6.372  0.206   18.275  1.00 2.00  ? 11  CYS B CB  1 
ATOM   595  S  SG  . CYS B 1 11 ? -7.179  -0.253  16.689  1.00 6.39  ? 11  CYS B SG  1 
ATOM   596  N  N   . ILE B 1 12 ? -9.594  1.328   18.778  1.00 3.61  ? 12  ILE B N   1 
ATOM   597  C  CA  . ILE B 1 12 ? -10.944 0.803   18.951  1.00 4.76  ? 12  ILE B CA  1 
ATOM   598  C  C   . ILE B 1 12 ? -11.387 -0.110  17.791  1.00 4.30  ? 12  ILE B C   1 
ATOM   599  O  O   . ILE B 1 12 ? -12.574 -0.327  17.551  1.00 5.27  ? 12  ILE B O   1 
ATOM   600  C  CB  . ILE B 1 12 ? -11.927 2.018   19.130  1.00 5.84  ? 12  ILE B CB  1 
ATOM   601  C  CG1 . ILE B 1 12 ? -11.917 2.973   17.951  1.00 4.73  ? 12  ILE B CG1 1 
ATOM   602  C  CG2 . ILE B 1 12 ? -11.535 2.723   20.425  1.00 8.07  ? 12  ILE B CG2 1 
ATOM   603  C  CD1 . ILE B 1 12 ? -13.006 4.050   18.007  1.00 5.01  ? 12  ILE B CD1 1 
ATOM   604  N  N   . ALA B 1 13 ? -10.476 -0.708  17.024  1.00 3.87  ? 13  ALA B N   1 
ATOM   605  C  CA  . ALA B 1 13 ? -10.824 -1.518  15.851  1.00 2.83  ? 13  ALA B CA  1 
ATOM   606  C  C   . ALA B 1 13 ? -11.869 -1.075  14.811  1.00 2.30  ? 13  ALA B C   1 
ATOM   607  O  O   . ALA B 1 13 ? -12.532 -1.872  14.146  1.00 2.02  ? 13  ALA B O   1 
ATOM   608  C  CB  . ALA B 1 13 ? -11.203 -2.898  16.367  1.00 2.50  ? 13  ALA B CB  1 
ATOM   609  N  N   . CYS B 1 14 ? -12.140 0.231   14.688  1.00 2.64  ? 14  CYS B N   1 
ATOM   610  C  CA  . CYS B 1 14 ? -12.982 0.751   13.599  1.00 3.67  ? 14  CYS B CA  1 
ATOM   611  C  C   . CYS B 1 14 ? -12.632 0.338   12.138  1.00 5.44  ? 14  CYS B C   1 
ATOM   612  O  O   . CYS B 1 14 ? -13.442 0.512   11.220  1.00 4.92  ? 14  CYS B O   1 
ATOM   613  C  CB  . CYS B 1 14 ? -12.990 2.299   13.647  1.00 2.06  ? 14  CYS B CB  1 
ATOM   614  S  SG  . CYS B 1 14 ? -11.441 3.096   13.087  1.00 5.26  ? 14  CYS B SG  1 
ATOM   615  N  N   . GLU B 1 15 ? -11.388 -0.096  11.869  1.00 6.26  ? 15  GLU B N   1 
ATOM   616  C  CA  . GLU B 1 15 ? -10.884 -0.447  10.549  1.00 7.38  ? 15  GLU B CA  1 
ATOM   617  C  C   . GLU B 1 15 ? -10.723 0.619   9.478   1.00 7.86  ? 15  GLU B C   1 
ATOM   618  O  O   . GLU B 1 15 ? -10.302 0.271   8.368   1.00 8.87  ? 15  GLU B O   1 
ATOM   619  C  CB  . GLU B 1 15 ? -11.730 -1.559  9.956   1.00 11.03 ? 15  GLU B CB  1 
ATOM   620  C  CG  . GLU B 1 15 ? -11.660 -2.868  10.742  1.00 16.00 ? 15  GLU B CG  1 
ATOM   621  C  CD  . GLU B 1 15 ? -12.353 -3.999  10.005  1.00 20.40 ? 15  GLU B CD  1 
ATOM   622  O  OE1 . GLU B 1 15 ? -13.581 -3.977  9.914   1.00 23.58 ? 15  GLU B OE1 1 
ATOM   623  O  OE2 . GLU B 1 15 ? -11.666 -4.893  9.506   1.00 23.08 ? 15  GLU B OE2 1 
ATOM   624  N  N   . SER B 1 16 ? -10.978 1.910   9.733   1.00 6.22  ? 16  SER B N   1 
ATOM   625  C  CA  . SER B 1 16 ? -10.733 2.957   8.761   1.00 6.47  ? 16  SER B CA  1 
ATOM   626  C  C   . SER B 1 16 ? -9.321  2.944   8.213   1.00 6.64  ? 16  SER B C   1 
ATOM   627  O  O   . SER B 1 16 ? -9.179  2.996   6.988   1.00 7.77  ? 16  SER B O   1 
ATOM   628  C  CB  . SER B 1 16 ? -11.028 4.322   9.377   1.00 8.58  ? 16  SER B CB  1 
ATOM   629  O  OG  . SER B 1 16 ? -12.378 4.380   9.866   1.00 11.49 ? 16  SER B OG  1 
ATOM   630  N  N   . CYS B 1 17 ? -8.262  2.841   9.036   1.00 6.21  ? 17  CYS B N   1 
ATOM   631  C  CA  . CYS B 1 17 ? -6.897  2.684   8.509   1.00 4.42  ? 17  CYS B CA  1 
ATOM   632  C  C   . CYS B 1 17 ? -6.601  1.495   7.579   1.00 5.60  ? 17  CYS B C   1 
ATOM   633  O  O   . CYS B 1 17 ? -5.821  1.613   6.627   1.00 3.66  ? 17  CYS B O   1 
ATOM   634  C  CB  . CYS B 1 17 ? -5.920  2.634   9.670   1.00 3.66  ? 17  CYS B CB  1 
ATOM   635  S  SG  . CYS B 1 17 ? -6.220  1.374   10.957  1.00 3.33  ? 17  CYS B SG  1 
ATOM   636  N  N   . VAL B 1 18 ? -7.194  0.316   7.774   1.00 7.02  ? 18  VAL B N   1 
ATOM   637  C  CA  . VAL B 1 18 ? -6.889  -0.781  6.869   1.00 9.07  ? 18  VAL B CA  1 
ATOM   638  C  C   . VAL B 1 18 ? -7.752  -0.562  5.608   1.00 9.24  ? 18  VAL B C   1 
ATOM   639  O  O   . VAL B 1 18 ? -7.372  -1.062  4.548   1.00 8.32  ? 18  VAL B O   1 
ATOM   640  C  CB  . VAL B 1 18 ? -7.178  -2.174  7.549   1.00 9.66  ? 18  VAL B CB  1 
ATOM   641  C  CG1 . VAL B 1 18 ? -6.606  -2.189  8.950   1.00 7.63  ? 18  VAL B CG1 1 
ATOM   642  C  CG2 . VAL B 1 18 ? -8.640  -2.438  7.695   1.00 11.95 ? 18  VAL B CG2 1 
ATOM   643  N  N   . GLU B 1 19 ? -8.882  0.191   5.680   1.00 8.16  ? 19  GLU B N   1 
ATOM   644  C  CA  . GLU B 1 19 ? -9.722  0.521   4.525   1.00 7.91  ? 19  GLU B CA  1 
ATOM   645  C  C   . GLU B 1 19 ? -9.050  1.545   3.639   1.00 6.45  ? 19  GLU B C   1 
ATOM   646  O  O   . GLU B 1 19 ? -9.057  1.416   2.410   1.00 4.35  ? 19  GLU B O   1 
ATOM   647  C  CB  . GLU B 1 19 ? -11.088 1.096   4.944   1.00 10.52 ? 19  GLU B CB  1 
ATOM   648  C  CG  . GLU B 1 19 ? -12.179 0.045   5.227   1.00 19.72 ? 19  GLU B CG  1 
ATOM   649  C  CD  . GLU B 1 19 ? -13.340 0.501   6.139   1.00 24.64 ? 19  GLU B CD  1 
ATOM   650  O  OE1 . GLU B 1 19 ? -13.684 1.699   6.158   1.00 24.94 ? 19  GLU B OE1 1 
ATOM   651  O  OE2 . GLU B 1 19 ? -13.887 -0.355  6.854   1.00 25.48 ? 19  GLU B OE2 1 
ATOM   652  N  N   . ILE B 1 20 ? -8.468  2.577   4.253   1.00 4.94  ? 20  ILE B N   1 
ATOM   653  C  CA  . ILE B 1 20 ? -7.758  3.610   3.518   1.00 4.71  ? 20  ILE B CA  1 
ATOM   654  C  C   . ILE B 1 20 ? -6.389  3.145   3.001   1.00 5.14  ? 20  ILE B C   1 
ATOM   655  O  O   . ILE B 1 20 ? -6.070  3.413   1.833   1.00 5.54  ? 20  ILE B O   1 
ATOM   656  C  CB  . ILE B 1 20 ? -7.621  4.881   4.437   1.00 3.79  ? 20  ILE B CB  1 
ATOM   657  C  CG1 . ILE B 1 20 ? -8.960  5.568   4.534   1.00 2.10  ? 20  ILE B CG1 1 
ATOM   658  C  CG2 . ILE B 1 20 ? -6.620  5.877   3.880   1.00 3.33  ? 20  ILE B CG2 1 
ATOM   659  C  CD1 . ILE B 1 20 ? -9.072  6.589   5.680   1.00 3.53  ? 20  ILE B CD1 1 
ATOM   660  N  N   . ALA B 1 21 ? -5.552  2.477   3.810   1.00 4.90  ? 21  ALA B N   1 
ATOM   661  C  CA  . ALA B 1 21 ? -4.221  2.087   3.392   1.00 3.00  ? 21  ALA B CA  1 
ATOM   662  C  C   . ALA B 1 21 ? -3.945  0.580   3.598   1.00 2.00  ? 21  ALA B C   1 
ATOM   663  O  O   . ALA B 1 21 ? -3.174  0.168   4.471   1.00 2.02  ? 21  ALA B O   1 
ATOM   664  C  CB  . ALA B 1 21 ? -3.266  2.994   4.172   1.00 2.00  ? 21  ALA B CB  1 
ATOM   665  N  N   . PRO B 1 22 ? -4.536  -0.326  2.817   1.00 2.00  ? 22  PRO B N   1 
ATOM   666  C  CA  . PRO B 1 22 ? -4.464  -1.761  3.035   1.00 2.00  ? 22  PRO B CA  1 
ATOM   667  C  C   . PRO B 1 22 ? -3.097  -2.375  2.843   1.00 2.00  ? 22  PRO B C   1 
ATOM   668  O  O   . PRO B 1 22 ? -2.866  -3.498  3.286   1.00 2.00  ? 22  PRO B O   1 
ATOM   669  C  CB  . PRO B 1 22 ? -5.471  -2.352  2.089   1.00 2.00  ? 22  PRO B CB  1 
ATOM   670  C  CG  . PRO B 1 22 ? -5.472  -1.395  0.952   1.00 2.00  ? 22  PRO B CG  1 
ATOM   671  C  CD  . PRO B 1 22 ? -5.347  -0.037  1.640   1.00 2.00  ? 22  PRO B CD  1 
ATOM   672  N  N   . GLY B 1 23 ? -2.197  -1.716  2.137   1.00 2.00  ? 23  GLY B N   1 
ATOM   673  C  CA  . GLY B 1 23 ? -0.867  -2.254  1.968   1.00 2.13  ? 23  GLY B CA  1 
ATOM   674  C  C   . GLY B 1 23 ? 0.011   -1.913  3.166   1.00 2.50  ? 23  GLY B C   1 
ATOM   675  O  O   . GLY B 1 23 ? 1.068   -2.519  3.317   1.00 2.00  ? 23  GLY B O   1 
ATOM   676  N  N   . ALA B 1 24 ? -0.369  -0.946  4.021   1.00 2.80  ? 24  ALA B N   1 
ATOM   677  C  CA  . ALA B 1 24 ? 0.408   -0.545  5.192   1.00 2.14  ? 24  ALA B CA  1 
ATOM   678  C  C   . ALA B 1 24 ? -0.229  -1.044  6.477   1.00 2.00  ? 24  ALA B C   1 
ATOM   679  O  O   . ALA B 1 24 ? 0.513   -1.342  7.415   1.00 2.00  ? 24  ALA B O   1 
ATOM   680  C  CB  . ALA B 1 24 ? 0.517   0.977   5.302   1.00 2.00  ? 24  ALA B CB  1 
ATOM   681  N  N   . PHE B 1 25 ? -1.562  -1.193  6.580   1.00 2.00  ? 25  PHE B N   1 
ATOM   682  C  CA  . PHE B 1 25 ? -2.203  -1.614  7.822   1.00 3.34  ? 25  PHE B CA  1 
ATOM   683  C  C   . PHE B 1 25 ? -2.970  -2.921  7.682   1.00 2.94  ? 25  PHE B C   1 
ATOM   684  O  O   . PHE B 1 25 ? -3.506  -3.208  6.603   1.00 3.55  ? 25  PHE B O   1 
ATOM   685  C  CB  . PHE B 1 25 ? -3.199  -0.564  8.318   1.00 2.81  ? 25  PHE B CB  1 
ATOM   686  C  CG  . PHE B 1 25 ? -2.601  0.784   8.653   1.00 2.41  ? 25  PHE B CG  1 
ATOM   687  C  CD1 . PHE B 1 25 ? -2.486  1.740   7.664   1.00 2.00  ? 25  PHE B CD1 1 
ATOM   688  C  CD2 . PHE B 1 25 ? -2.178  1.033   9.956   1.00 2.00  ? 25  PHE B CD2 1 
ATOM   689  C  CE1 . PHE B 1 25 ? -1.935  2.967   8.000   1.00 2.79  ? 25  PHE B CE1 1 
ATOM   690  C  CE2 . PHE B 1 25 ? -1.636  2.255   10.276  1.00 2.00  ? 25  PHE B CE2 1 
ATOM   691  C  CZ  . PHE B 1 25 ? -1.521  3.211   9.298   1.00 2.00  ? 25  PHE B CZ  1 
ATOM   692  N  N   . ALA B 1 26 ? -3.043  -3.695  8.767   1.00 2.00  ? 26  ALA B N   1 
ATOM   693  C  CA  . ALA B 1 26 ? -3.843  -4.907  8.794   1.00 2.57  ? 26  ALA B CA  1 
ATOM   694  C  C   . ALA B 1 26 ? -4.454  -5.111  10.177  1.00 3.96  ? 26  ALA B C   1 
ATOM   695  O  O   . ALA B 1 26 ? -3.966  -4.552  11.168  1.00 2.00  ? 26  ALA B O   1 
ATOM   696  C  CB  . ALA B 1 26 ? -3.007  -6.134  8.502   1.00 2.00  ? 26  ALA B CB  1 
ATOM   697  N  N   . MET B 1 27 ? -5.539  -5.884  10.289  1.00 7.23  ? 27  MET B N   1 
ATOM   698  C  CA  . MET B 1 27 ? -6.073  -6.245  11.600  1.00 8.94  ? 27  MET B CA  1 
ATOM   699  C  C   . MET B 1 27 ? -5.350  -7.485  12.118  1.00 10.84 ? 27  MET B C   1 
ATOM   700  O  O   . MET B 1 27 ? -5.094  -8.438  11.368  1.00 11.80 ? 27  MET B O   1 
ATOM   701  C  CB  . MET B 1 27 ? -7.547  -6.588  11.558  1.00 6.79  ? 27  MET B CB  1 
ATOM   702  C  CG  . MET B 1 27 ? -8.434  -5.430  11.237  1.00 8.13  ? 27  MET B CG  1 
ATOM   703  S  SD  . MET B 1 27 ? -8.100  -4.060  12.367  1.00 16.04 ? 27  MET B SD  1 
ATOM   704  C  CE  . MET B 1 27 ? -8.872  -4.652  13.842  1.00 8.56  ? 27  MET B CE  1 
ATOM   705  N  N   . ASP B 1 28 ? -4.962  -7.476  13.391  1.00 10.66 ? 28  ASP B N   1 
ATOM   706  C  CA  . ASP B 1 28 ? -4.436  -8.658  14.030  1.00 12.30 ? 28  ASP B CA  1 
ATOM   707  C  C   . ASP B 1 28 ? -5.707  -9.374  14.536  1.00 15.20 ? 28  ASP B C   1 
ATOM   708  O  O   . ASP B 1 28 ? -6.329  -8.948  15.534  1.00 14.56 ? 28  ASP B O   1 
ATOM   709  C  CB  . ASP B 1 28 ? -3.509  -8.219  15.157  1.00 13.23 ? 28  ASP B CB  1 
ATOM   710  C  CG  . ASP B 1 28 ? -2.938  -9.309  16.057  1.00 15.84 ? 28  ASP B CG  1 
ATOM   711  O  OD1 . ASP B 1 28 ? -3.427  -10.437 16.065  1.00 19.93 ? 28  ASP B OD1 1 
ATOM   712  O  OD2 . ASP B 1 28 ? -1.994  -9.017  16.791  1.00 18.29 ? 28  ASP B OD2 1 
ATOM   713  N  N   . PRO B 1 29 ? -6.126  -10.489 13.921  1.00 14.66 ? 29  PRO B N   1 
ATOM   714  C  CA  . PRO B 1 29 ? -7.436  -11.093 14.138  1.00 16.40 ? 29  PRO B CA  1 
ATOM   715  C  C   . PRO B 1 29 ? -7.607  -11.582 15.579  1.00 18.01 ? 29  PRO B C   1 
ATOM   716  O  O   . PRO B 1 29 ? -8.687  -11.592 16.156  1.00 19.08 ? 29  PRO B O   1 
ATOM   717  C  CB  . PRO B 1 29 ? -7.471  -12.184 13.121  1.00 15.73 ? 29  PRO B CB  1 
ATOM   718  C  CG  . PRO B 1 29 ? -6.040  -12.653 13.049  1.00 15.18 ? 29  PRO B CG  1 
ATOM   719  C  CD  . PRO B 1 29 ? -5.304  -11.324 13.057  1.00 15.12 ? 29  PRO B CD  1 
ATOM   720  N  N   . GLU B 1 30 ? -6.474  -11.919 16.194  1.00 18.41 ? 30  GLU B N   1 
ATOM   721  C  CA  . GLU B 1 30 ? -6.433  -12.443 17.537  1.00 18.58 ? 30  GLU B CA  1 
ATOM   722  C  C   . GLU B 1 30 ? -6.876  -11.492 18.638  1.00 18.15 ? 30  GLU B C   1 
ATOM   723  O  O   . GLU B 1 30 ? -7.520  -11.899 19.611  1.00 18.44 ? 30  GLU B O   1 
ATOM   724  C  CB  . GLU B 1 30 ? -5.027  -12.896 17.804  1.00 20.85 ? 30  GLU B CB  1 
ATOM   725  C  CG  . GLU B 1 30 ? -5.088  -13.835 18.980  1.00 26.56 ? 30  GLU B CG  1 
ATOM   726  C  CD  . GLU B 1 30 ? -3.754  -14.268 19.521  1.00 29.98 ? 30  GLU B CD  1 
ATOM   727  O  OE1 . GLU B 1 30 ? -2.871  -14.609 18.719  1.00 31.88 ? 30  GLU B OE1 1 
ATOM   728  O  OE2 . GLU B 1 30 ? -3.637  -14.251 20.752  1.00 31.82 ? 30  GLU B OE2 1 
ATOM   729  N  N   . ILE B 1 31 ? -6.413  -10.241 18.531  1.00 17.60 ? 31  ILE B N   1 
ATOM   730  C  CA  . ILE B 1 31 ? -6.717  -9.236  19.543  1.00 14.99 ? 31  ILE B CA  1 
ATOM   731  C  C   . ILE B 1 31 ? -7.650  -8.176  18.986  1.00 15.24 ? 31  ILE B C   1 
ATOM   732  O  O   . ILE B 1 31 ? -8.080  -7.291  19.718  1.00 15.64 ? 31  ILE B O   1 
ATOM   733  C  CB  . ILE B 1 31 ? -5.404  -8.568  20.073  1.00 13.63 ? 31  ILE B CB  1 
ATOM   734  C  CG1 . ILE B 1 31 ? -4.614  -7.947  18.937  1.00 11.01 ? 31  ILE B CG1 1 
ATOM   735  C  CG2 . ILE B 1 31 ? -4.558  -9.631  20.816  1.00 12.85 ? 31  ILE B CG2 1 
ATOM   736  C  CD1 . ILE B 1 31 ? -3.419  -7.138  19.429  1.00 9.57  ? 31  ILE B CD1 1 
ATOM   737  N  N   . GLU B 1 32 ? -7.993  -8.326  17.702  1.00 14.29 ? 32  GLU B N   1 
ATOM   738  C  CA  . GLU B 1 32 ? -8.734  -7.367  16.922  1.00 15.64 ? 32  GLU B CA  1 
ATOM   739  C  C   . GLU B 1 32 ? -8.297  -5.905  17.176  1.00 14.23 ? 32  GLU B C   1 
ATOM   740  O  O   . GLU B 1 32 ? -9.030  -5.008  17.589  1.00 14.01 ? 32  GLU B O   1 
ATOM   741  C  CB  . GLU B 1 32 ? -10.248 -7.666  17.169  1.00 20.33 ? 32  GLU B CB  1 
ATOM   742  C  CG  . GLU B 1 32 ? -10.777 -8.681  16.086  1.00 27.86 ? 32  GLU B CG  1 
ATOM   743  C  CD  . GLU B 1 32 ? -12.035 -9.572  16.314  1.00 32.21 ? 32  GLU B CD  1 
ATOM   744  O  OE1 . GLU B 1 32 ? -12.692 -9.467  17.355  1.00 33.66 ? 32  GLU B OE1 1 
ATOM   745  O  OE2 . GLU B 1 32 ? -12.363 -10.401 15.445  1.00 33.32 ? 32  GLU B OE2 1 
ATOM   746  N  N   . LYS B 1 33 ? -7.011  -5.664  16.865  1.00 9.64  ? 33  LYS B N   1 
ATOM   747  C  CA  . LYS B 1 33 ? -6.408  -4.345  16.911  1.00 6.87  ? 33  LYS B CA  1 
ATOM   748  C  C   . LYS B 1 33 ? -5.652  -4.159  15.613  1.00 5.23  ? 33  LYS B C   1 
ATOM   749  O  O   . LYS B 1 33 ? -5.213  -5.116  15.002  1.00 3.16  ? 33  LYS B O   1 
ATOM   750  C  CB  . LYS B 1 33 ? -5.407  -4.191  18.030  1.00 7.13  ? 33  LYS B CB  1 
ATOM   751  C  CG  . LYS B 1 33 ? -5.990  -3.471  19.230  1.00 10.80 ? 33  LYS B CG  1 
ATOM   752  C  CD  . LYS B 1 33 ? -6.643  -4.392  20.228  1.00 12.59 ? 33  LYS B CD  1 
ATOM   753  C  CE  . LYS B 1 33 ? -7.654  -3.621  21.076  1.00 12.49 ? 33  LYS B CE  1 
ATOM   754  N  NZ  . LYS B 1 33 ? -6.996  -2.830  22.088  1.00 13.96 ? 33  LYS B NZ  1 
ATOM   755  N  N   . ALA B 1 34 ? -5.463  -2.930  15.175  1.00 3.50  ? 34  ALA B N   1 
ATOM   756  C  CA  . ALA B 1 34 ? -4.764  -2.677  13.939  1.00 2.26  ? 34  ALA B CA  1 
ATOM   757  C  C   . ALA B 1 34 ? -3.254  -2.618  14.198  1.00 4.51  ? 34  ALA B C   1 
ATOM   758  O  O   . ALA B 1 34 ? -2.850  -2.401  15.358  1.00 4.27  ? 34  ALA B O   1 
ATOM   759  C  CB  . ALA B 1 34 ? -5.235  -1.363  13.378  1.00 2.00  ? 34  ALA B CB  1 
ATOM   760  N  N   . TYR B 1 35 ? -2.389  -2.901  13.204  1.00 3.70  ? 35  TYR B N   1 
ATOM   761  C  CA  . TYR B 1 35 ? -0.950  -2.709  13.355  1.00 2.78  ? 35  TYR B CA  1 
ATOM   762  C  C   . TYR B 1 35 ? -0.364  -2.440  11.964  1.00 2.00  ? 35  TYR B C   1 
ATOM   763  O  O   . TYR B 1 35 ? -1.014  -2.630  10.924  1.00 2.00  ? 35  TYR B O   1 
ATOM   764  C  CB  . TYR B 1 35 ? -0.317  -3.966  14.042  1.00 5.66  ? 35  TYR B CB  1 
ATOM   765  C  CG  . TYR B 1 35 ? -0.258  -5.181  13.142  1.00 6.34  ? 35  TYR B CG  1 
ATOM   766  C  CD1 . TYR B 1 35 ? -1.365  -5.989  12.968  1.00 7.82  ? 35  TYR B CD1 1 
ATOM   767  C  CD2 . TYR B 1 35 ? 0.908   -5.405  12.437  1.00 7.43  ? 35  TYR B CD2 1 
ATOM   768  C  CE1 . TYR B 1 35 ? -1.306  -7.025  12.047  1.00 9.69  ? 35  TYR B CE1 1 
ATOM   769  C  CE2 . TYR B 1 35 ? 0.965   -6.434  11.525  1.00 9.94  ? 35  TYR B CE2 1 
ATOM   770  C  CZ  . TYR B 1 35 ? -0.137  -7.232  11.330  1.00 10.52 ? 35  TYR B CZ  1 
ATOM   771  O  OH  . TYR B 1 35 ? -0.065  -8.222  10.370  1.00 12.89 ? 35  TYR B OH  1 
ATOM   772  N  N   . VAL B 1 36 ? 0.852   -1.933  11.895  1.00 2.00  ? 36  VAL B N   1 
ATOM   773  C  CA  . VAL B 1 36 ? 1.479   -1.594  10.638  1.00 2.00  ? 36  VAL B CA  1 
ATOM   774  C  C   . VAL B 1 36 ? 2.180   -2.837  10.098  1.00 2.55  ? 36  VAL B C   1 
ATOM   775  O  O   . VAL B 1 36 ? 3.163   -3.313  10.649  1.00 2.69  ? 36  VAL B O   1 
ATOM   776  C  CB  . VAL B 1 36 ? 2.491   -0.460  10.863  1.00 2.00  ? 36  VAL B CB  1 
ATOM   777  C  CG1 . VAL B 1 36 ? 3.185   -0.110  9.561   1.00 2.00  ? 36  VAL B CG1 1 
ATOM   778  C  CG2 . VAL B 1 36 ? 1.771   0.761   11.385  1.00 2.00  ? 36  VAL B CG2 1 
ATOM   779  N  N   . LYS B 1 37 ? 1.705   -3.403  8.998   1.00 3.66  ? 37  LYS B N   1 
ATOM   780  C  CA  . LYS B 1 37 ? 2.361   -4.559  8.398   1.00 4.00  ? 37  LYS B CA  1 
ATOM   781  C  C   . LYS B 1 37 ? 3.481   -4.154  7.417   1.00 2.63  ? 37  LYS B C   1 
ATOM   782  O  O   . LYS B 1 37 ? 4.327   -4.956  7.021   1.00 3.12  ? 37  LYS B O   1 
ATOM   783  C  CB  . LYS B 1 37 ? 1.302   -5.419  7.676   1.00 3.94  ? 37  LYS B CB  1 
ATOM   784  C  CG  . LYS B 1 37 ? 0.591   -4.668  6.545   1.00 7.73  ? 37  LYS B CG  1 
ATOM   785  C  CD  . LYS B 1 37 ? -0.206  -5.518  5.590   1.00 9.54  ? 37  LYS B CD  1 
ATOM   786  C  CE  . LYS B 1 37 ? 0.714   -6.177  4.587   1.00 13.33 ? 37  LYS B CE  1 
ATOM   787  N  NZ  . LYS B 1 37 ? -0.079  -6.914  3.626   1.00 16.46 ? 37  LYS B NZ  1 
ATOM   788  N  N   . ASP B 1 38 ? 3.572   -2.900  6.962   1.00 2.00  ? 38  ASP B N   1 
ATOM   789  C  CA  . ASP B 1 38 ? 4.599   -2.484  6.025   1.00 2.00  ? 38  ASP B CA  1 
ATOM   790  C  C   . ASP B 1 38 ? 4.613   -0.974  6.012   1.00 2.19  ? 38  ASP B C   1 
ATOM   791  O  O   . ASP B 1 38 ? 3.703   -0.317  5.497   1.00 2.07  ? 38  ASP B O   1 
ATOM   792  C  CB  . ASP B 1 38 ? 4.289   -2.991  4.611   1.00 2.00  ? 38  ASP B CB  1 
ATOM   793  C  CG  . ASP B 1 38 ? 5.363   -2.728  3.570   1.00 2.01  ? 38  ASP B CG  1 
ATOM   794  O  OD1 . ASP B 1 38 ? 6.405   -2.161  3.895   1.00 3.52  ? 38  ASP B OD1 1 
ATOM   795  O  OD2 . ASP B 1 38 ? 5.155   -3.103  2.426   1.00 2.00  ? 38  ASP B OD2 1 
ATOM   796  N  N   . VAL B 1 39 ? 5.697   -0.417  6.530   1.00 2.00  ? 39  VAL B N   1 
ATOM   797  C  CA  . VAL B 1 39 ? 5.899   1.017   6.628   1.00 2.00  ? 39  VAL B CA  1 
ATOM   798  C  C   . VAL B 1 39 ? 6.020   1.704   5.254   1.00 2.68  ? 39  VAL B C   1 
ATOM   799  O  O   . VAL B 1 39 ? 5.796   2.903   5.140   1.00 2.00  ? 39  VAL B O   1 
ATOM   800  C  CB  . VAL B 1 39 ? 7.131   1.116   7.558   1.00 2.87  ? 39  VAL B CB  1 
ATOM   801  C  CG1 . VAL B 1 39 ? 8.382   1.619   6.850   1.00 2.00  ? 39  VAL B CG1 1 
ATOM   802  C  CG2 . VAL B 1 39 ? 6.662   1.902   8.770   1.00 2.41  ? 39  VAL B CG2 1 
ATOM   803  N  N   . GLU B 1 40 ? 6.378   0.970   4.187   1.00 2.60  ? 40  GLU B N   1 
ATOM   804  C  CA  . GLU B 1 40 ? 6.419   1.517   2.842   1.00 3.11  ? 40  GLU B CA  1 
ATOM   805  C  C   . GLU B 1 40 ? 5.153   1.153   2.063   1.00 5.07  ? 40  GLU B C   1 
ATOM   806  O  O   . GLU B 1 40 ? 5.071   1.419   0.859   1.00 6.47  ? 40  GLU B O   1 
ATOM   807  C  CB  . GLU B 1 40 ? 7.610   0.979   2.039   1.00 4.61  ? 40  GLU B CB  1 
ATOM   808  C  CG  . GLU B 1 40 ? 9.035   1.260   2.490   1.00 4.32  ? 40  GLU B CG  1 
ATOM   809  C  CD  . GLU B 1 40 ? 9.348   2.724   2.709   1.00 7.75  ? 40  GLU B CD  1 
ATOM   810  O  OE1 . GLU B 1 40 ? 9.103   3.542   1.823   1.00 4.55  ? 40  GLU B OE1 1 
ATOM   811  O  OE2 . GLU B 1 40 ? 9.841   3.040   3.791   1.00 10.97 ? 40  GLU B OE2 1 
ATOM   812  N  N   . GLY B 1 41 ? 4.128   0.566   2.705   1.00 4.44  ? 41  GLY B N   1 
ATOM   813  C  CA  . GLY B 1 41 ? 2.925   0.079   2.056   1.00 2.82  ? 41  GLY B CA  1 
ATOM   814  C  C   . GLY B 1 41 ? 1.894   1.146   1.712   1.00 3.19  ? 41  GLY B C   1 
ATOM   815  O  O   . GLY B 1 41 ? 0.749   0.813   1.405   1.00 2.57  ? 41  GLY B O   1 
ATOM   816  N  N   . ALA B 1 42 ? 2.208   2.432   1.744   1.00 3.57  ? 42  ALA B N   1 
ATOM   817  C  CA  . ALA B 1 42 ? 1.288   3.497   1.359   1.00 2.67  ? 42  ALA B CA  1 
ATOM   818  C  C   . ALA B 1 42 ? 2.147   4.718   1.110   1.00 2.00  ? 42  ALA B C   1 
ATOM   819  O  O   . ALA B 1 42 ? 3.322   4.716   1.489   1.00 2.00  ? 42  ALA B O   1 
ATOM   820  C  CB  . ALA B 1 42 ? 0.307   3.793   2.481   1.00 2.00  ? 42  ALA B CB  1 
ATOM   821  N  N   . SER B 1 43 ? 1.693   5.738   0.383   1.00 2.00  ? 43  SER B N   1 
ATOM   822  C  CA  . SER B 1 43 ? 2.522   6.920   0.225   1.00 3.17  ? 43  SER B CA  1 
ATOM   823  C  C   . SER B 1 43 ? 2.430   7.702   1.511   1.00 2.48  ? 43  SER B C   1 
ATOM   824  O  O   . SER B 1 43 ? 1.478   7.458   2.262   1.00 2.40  ? 43  SER B O   1 
ATOM   825  C  CB  . SER B 1 43 ? 2.026   7.801   -0.868  1.00 3.48  ? 43  SER B CB  1 
ATOM   826  O  OG  . SER B 1 43 ? 0.665   8.124   -0.577  1.00 4.94  ? 43  SER B OG  1 
ATOM   827  N  N   . GLN B 1 44 ? 3.280   8.686   1.746   1.00 3.96  ? 44  GLN B N   1 
ATOM   828  C  CA  . GLN B 1 44 ? 3.229   9.503   2.932   1.00 7.58  ? 44  GLN B CA  1 
ATOM   829  C  C   . GLN B 1 44 ? 1.865   10.174  3.081   1.00 7.33  ? 44  GLN B C   1 
ATOM   830  O  O   . GLN B 1 44 ? 1.297   10.215  4.171   1.00 5.44  ? 44  GLN B O   1 
ATOM   831  C  CB  . GLN B 1 44 ? 4.308   10.578  2.885   1.00 10.10 ? 44  GLN B CB  1 
ATOM   832  C  CG  . GLN B 1 44 ? 4.658   10.913  4.317   1.00 15.67 ? 44  GLN B CG  1 
ATOM   833  C  CD  . GLN B 1 44 ? 5.270   12.277  4.565   1.00 22.72 ? 44  GLN B CD  1 
ATOM   834  O  OE1 . GLN B 1 44 ? 5.179   13.241  3.795   1.00 25.50 ? 44  GLN B OE1 1 
ATOM   835  N  NE2 . GLN B 1 44 ? 5.884   12.406  5.728   1.00 26.28 ? 44  GLN B NE2 1 
ATOM   836  N  N   . GLU B 1 45 ? 1.275   10.632  1.975   1.00 9.93  ? 45  GLU B N   1 
ATOM   837  C  CA  . GLU B 1 45 ? -0.048  11.271  1.977   1.00 11.72 ? 45  GLU B CA  1 
ATOM   838  C  C   . GLU B 1 45 ? -1.190  10.322  2.321   1.00 8.91  ? 45  GLU B C   1 
ATOM   839  O  O   . GLU B 1 45 ? -2.143  10.704  3.032   1.00 8.14  ? 45  GLU B O   1 
ATOM   840  C  CB  . GLU B 1 45 ? -0.361  11.904  0.611   1.00 14.81 ? 45  GLU B CB  1 
ATOM   841  C  CG  . GLU B 1 45 ? 0.788   12.790  0.104   1.00 26.30 ? 45  GLU B CG  1 
ATOM   842  C  CD  . GLU B 1 45 ? 1.396   13.816  1.073   1.00 33.09 ? 45  GLU B CD  1 
ATOM   843  O  OE1 . GLU B 1 45 ? 0.674   14.433  1.881   1.00 36.46 ? 45  GLU B OE1 1 
ATOM   844  O  OE2 . GLU B 1 45 ? 2.626   14.024  0.998   1.00 35.54 ? 45  GLU B OE2 1 
ATOM   845  N  N   . GLU B 1 46 ? -1.105  9.081   1.834   1.00 5.51  ? 46  GLU B N   1 
ATOM   846  C  CA  . GLU B 1 46 ? -2.103  8.100   2.198   1.00 5.42  ? 46  GLU B CA  1 
ATOM   847  C  C   . GLU B 1 46 ? -1.974  7.722   3.687   1.00 3.91  ? 46  GLU B C   1 
ATOM   848  O  O   . GLU B 1 46 ? -2.992  7.541   4.369   1.00 2.00  ? 46  GLU B O   1 
ATOM   849  C  CB  . GLU B 1 46 ? -1.941  6.890   1.282   1.00 4.22  ? 46  GLU B CB  1 
ATOM   850  C  CG  . GLU B 1 46 ? -3.045  5.894   1.580   1.00 3.81  ? 46  GLU B CG  1 
ATOM   851  C  CD  . GLU B 1 46 ? -3.278  4.847   0.511   1.00 5.81  ? 46  GLU B CD  1 
ATOM   852  O  OE1 . GLU B 1 46 ? -4.002  5.153   -0.438  1.00 6.07  ? 46  GLU B OE1 1 
ATOM   853  O  OE2 . GLU B 1 46 ? -2.763  3.739   0.638   1.00 2.70  ? 46  GLU B OE2 1 
ATOM   854  N  N   . VAL B 1 47 ? -0.752  7.648   4.234   1.00 2.63  ? 47  VAL B N   1 
ATOM   855  C  CA  . VAL B 1 47 ? -0.575  7.369   5.653   1.00 3.10  ? 47  VAL B CA  1 
ATOM   856  C  C   . VAL B 1 47 ? -1.165  8.529   6.471   1.00 2.79  ? 47  VAL B C   1 
ATOM   857  O  O   . VAL B 1 47 ? -1.848  8.301   7.478   1.00 2.00  ? 47  VAL B O   1 
ATOM   858  C  CB  . VAL B 1 47 ? 0.917   7.182   5.958   1.00 2.88  ? 47  VAL B CB  1 
ATOM   859  C  CG1 . VAL B 1 47 ? 1.085   7.047   7.470   1.00 2.00  ? 47  VAL B CG1 1 
ATOM   860  C  CG2 . VAL B 1 47 ? 1.458   5.912   5.270   1.00 2.00  ? 47  VAL B CG2 1 
ATOM   861  N  N   . GLU B 1 48 ? -0.972  9.776   6.055   1.00 2.85  ? 48  GLU B N   1 
ATOM   862  C  CA  . GLU B 1 48 ? -1.578  10.905  6.752   1.00 6.92  ? 48  GLU B CA  1 
ATOM   863  C  C   . GLU B 1 48 ? -3.096  10.829  6.747   1.00 6.81  ? 48  GLU B C   1 
ATOM   864  O  O   . GLU B 1 48 ? -3.720  11.122  7.780   1.00 6.97  ? 48  GLU B O   1 
ATOM   865  C  CB  . GLU B 1 48 ? -1.255  12.226  6.133   1.00 8.91  ? 48  GLU B CB  1 
ATOM   866  C  CG  . GLU B 1 48 ? 0.166   12.626  6.371   1.00 14.98 ? 48  GLU B CG  1 
ATOM   867  C  CD  . GLU B 1 48 ? 0.472   14.014  5.809   1.00 20.12 ? 48  GLU B CD  1 
ATOM   868  O  OE1 . GLU B 1 48 ? 0.016   14.390  4.713   1.00 20.08 ? 48  GLU B OE1 1 
ATOM   869  O  OE2 . GLU B 1 48 ? 1.187   14.725  6.506   1.00 21.96 ? 48  GLU B OE2 1 
ATOM   870  N  N   . GLU B 1 49 ? -3.702  10.441  5.604   1.00 5.09  ? 49  GLU B N   1 
ATOM   871  C  CA  . GLU B 1 49 ? -5.140  10.284  5.533   1.00 3.00  ? 49  GLU B CA  1 
ATOM   872  C  C   . GLU B 1 49 ? -5.565  9.310   6.632   1.00 2.28  ? 49  GLU B C   1 
ATOM   873  O  O   . GLU B 1 49 ? -6.463  9.644   7.406   1.00 2.00  ? 49  GLU B O   1 
ATOM   874  C  CB  . GLU B 1 49 ? -5.515  9.764   4.157   1.00 2.00  ? 49  GLU B CB  1 
ATOM   875  C  CG  . GLU B 1 49 ? -7.000  9.763   3.800   1.00 2.00  ? 49  GLU B CG  1 
ATOM   876  C  CD  . GLU B 1 49 ? -7.335  9.147   2.442   1.00 3.41  ? 49  GLU B CD  1 
ATOM   877  O  OE1 . GLU B 1 49 ? -6.441  8.876   1.646   1.00 4.34  ? 49  GLU B OE1 1 
ATOM   878  O  OE2 . GLU B 1 49 ? -8.505  8.903   2.170   1.00 2.85  ? 49  GLU B OE2 1 
ATOM   879  N  N   . ALA B 1 50 ? -4.879  8.176   6.796   1.00 2.00  ? 50  ALA B N   1 
ATOM   880  C  CA  . ALA B 1 50 ? -5.232  7.207   7.813   1.00 2.00  ? 50  ALA B CA  1 
ATOM   881  C  C   . ALA B 1 50 ? -5.022  7.738   9.233   1.00 3.18  ? 50  ALA B C   1 
ATOM   882  O  O   . ALA B 1 50 ? -5.907  7.582   10.085  1.00 2.00  ? 50  ALA B O   1 
ATOM   883  C  CB  . ALA B 1 50 ? -4.408  5.944   7.624   1.00 2.00  ? 50  ALA B CB  1 
ATOM   884  N  N   . MET B 1 51 ? -3.904  8.420   9.507   1.00 2.44  ? 51  MET B N   1 
ATOM   885  C  CA  . MET B 1 51 ? -3.625  9.019   10.805  1.00 3.13  ? 51  MET B CA  1 
ATOM   886  C  C   . MET B 1 51 ? -4.639  10.065  11.235  1.00 4.11  ? 51  MET B C   1 
ATOM   887  O  O   . MET B 1 51 ? -5.098  10.062  12.383  1.00 4.47  ? 51  MET B O   1 
ATOM   888  C  CB  . MET B 1 51 ? -2.256  9.695   10.824  1.00 4.40  ? 51  MET B CB  1 
ATOM   889  C  CG  . MET B 1 51 ? -1.188  8.628   10.838  1.00 7.91  ? 51  MET B CG  1 
ATOM   890  S  SD  . MET B 1 51 ? 0.498   9.261   10.890  1.00 12.84 ? 51  MET B SD  1 
ATOM   891  C  CE  . MET B 1 51 ? 0.392   10.129  12.431  1.00 12.90 ? 51  MET B CE  1 
ATOM   892  N  N   . ASP B 1 52 ? -4.976  10.976  10.319  1.00 3.73  ? 52  ASP B N   1 
ATOM   893  C  CA  . ASP B 1 52 ? -5.941  12.034  10.567  1.00 3.57  ? 52  ASP B CA  1 
ATOM   894  C  C   . ASP B 1 52 ? -7.343  11.495  10.691  1.00 2.19  ? 52  ASP B C   1 
ATOM   895  O  O   . ASP B 1 52 ? -8.136  12.070  11.418  1.00 3.29  ? 52  ASP B O   1 
ATOM   896  C  CB  . ASP B 1 52 ? -5.915  13.048  9.445   1.00 5.46  ? 52  ASP B CB  1 
ATOM   897  C  CG  . ASP B 1 52 ? -4.656  13.902  9.386   1.00 8.95  ? 52  ASP B CG  1 
ATOM   898  O  OD1 . ASP B 1 52 ? -3.969  14.046  10.400  1.00 9.33  ? 52  ASP B OD1 1 
ATOM   899  O  OD2 . ASP B 1 52 ? -4.376  14.441  8.309   1.00 10.04 ? 52  ASP B OD2 1 
ATOM   900  N  N   . THR B 1 53 ? -7.686  10.419  9.986   1.00 2.00  ? 53  THR B N   1 
ATOM   901  C  CA  . THR B 1 53 ? -8.971  9.782   10.133  1.00 2.38  ? 53  THR B CA  1 
ATOM   902  C  C   . THR B 1 53 ? -9.094  8.965   11.404  1.00 3.25  ? 53  THR B C   1 
ATOM   903  O  O   . THR B 1 53 ? -10.233 8.833   11.872  1.00 6.01  ? 53  THR B O   1 
ATOM   904  C  CB  . THR B 1 53 ? -9.236  8.880   8.906   1.00 2.00  ? 53  THR B CB  1 
ATOM   905  O  OG1 . THR B 1 53 ? -9.262  9.757   7.788   1.00 2.00  ? 53  THR B OG1 1 
ATOM   906  C  CG2 . THR B 1 53 ? -10.522 8.068   9.020   1.00 2.00  ? 53  THR B CG2 1 
ATOM   907  N  N   . CYS B 1 54 ? -8.009  8.447   11.996  1.00 3.33  ? 54  CYS B N   1 
ATOM   908  C  CA  . CYS B 1 54 ? -8.112  7.595   13.167  1.00 4.19  ? 54  CYS B CA  1 
ATOM   909  C  C   . CYS B 1 54 ? -8.948  8.225   14.281  1.00 4.03  ? 54  CYS B C   1 
ATOM   910  O  O   . CYS B 1 54 ? -8.453  9.162   14.902  1.00 6.33  ? 54  CYS B O   1 
ATOM   911  C  CB  . CYS B 1 54 ? -6.712  7.254   13.738  1.00 2.00  ? 54  CYS B CB  1 
ATOM   912  S  SG  . CYS B 1 54 ? -6.848  5.997   15.069  1.00 2.00  ? 54  CYS B SG  1 
ATOM   913  N  N   . PRO B 1 55 ? -10.156 7.745   14.631  1.00 4.55  ? 55  PRO B N   1 
ATOM   914  C  CA  . PRO B 1 55 ? -11.008 8.309   15.689  1.00 4.32  ? 55  PRO B CA  1 
ATOM   915  C  C   . PRO B 1 55 ? -10.366 8.502   17.055  1.00 4.68  ? 55  PRO B C   1 
ATOM   916  O  O   . PRO B 1 55 ? -10.714 9.413   17.796  1.00 4.71  ? 55  PRO B O   1 
ATOM   917  C  CB  . PRO B 1 55 ? -12.205 7.380   15.719  1.00 4.91  ? 55  PRO B CB  1 
ATOM   918  C  CG  . PRO B 1 55 ? -11.704 6.092   15.078  1.00 4.85  ? 55  PRO B CG  1 
ATOM   919  C  CD  . PRO B 1 55 ? -10.846 6.640   13.967  1.00 3.79  ? 55  PRO B CD  1 
ATOM   920  N  N   . VAL B 1 56 ? -9.404  7.650   17.438  1.00 4.35  ? 56  VAL B N   1 
ATOM   921  C  CA  . VAL B 1 56 ? -8.719  7.828   18.705  1.00 4.10  ? 56  VAL B CA  1 
ATOM   922  C  C   . VAL B 1 56 ? -7.307  8.368   18.591  1.00 3.59  ? 56  VAL B C   1 
ATOM   923  O  O   . VAL B 1 56 ? -6.584  8.387   19.586  1.00 2.18  ? 56  VAL B O   1 
ATOM   924  C  CB  . VAL B 1 56 ? -8.700  6.474   19.505  1.00 6.47  ? 56  VAL B CB  1 
ATOM   925  C  CG1 . VAL B 1 56 ? -10.113 6.277   20.050  1.00 5.83  ? 56  VAL B CG1 1 
ATOM   926  C  CG2 . VAL B 1 56 ? -8.313  5.261   18.666  1.00 6.34  ? 56  VAL B CG2 1 
ATOM   927  N  N   . GLN B 1 57 ? -6.894  8.848   17.411  1.00 3.55  ? 57  GLN B N   1 
ATOM   928  C  CA  . GLN B 1 57 ? -5.551  9.371   17.178  1.00 3.70  ? 57  GLN B CA  1 
ATOM   929  C  C   . GLN B 1 57 ? -4.431  8.511   17.771  1.00 4.41  ? 57  GLN B C   1 
ATOM   930  O  O   . GLN B 1 57 ? -3.530  8.951   18.499  1.00 3.89  ? 57  GLN B O   1 
ATOM   931  C  CB  . GLN B 1 57 ? -5.548  10.802  17.727  1.00 4.22  ? 57  GLN B CB  1 
ATOM   932  C  CG  . GLN B 1 57 ? -6.389  11.725  16.859  1.00 9.78  ? 57  GLN B CG  1 
ATOM   933  C  CD  . GLN B 1 57 ? -5.797  11.988  15.465  1.00 13.31 ? 57  GLN B CD  1 
ATOM   934  O  OE1 . GLN B 1 57 ? -4.772  12.655  15.309  1.00 15.34 ? 57  GLN B OE1 1 
ATOM   935  N  NE2 . GLN B 1 57 ? -6.390  11.479  14.391  1.00 13.90 ? 57  GLN B NE2 1 
ATOM   936  N  N   . CYS B 1 58 ? -4.504  7.206   17.468  1.00 4.98  ? 58  CYS B N   1 
ATOM   937  C  CA  . CYS B 1 58 ? -3.585  6.257   18.088  1.00 3.62  ? 58  CYS B CA  1 
ATOM   938  C  C   . CYS B 1 58 ? -2.505  5.770   17.130  1.00 3.87  ? 58  CYS B C   1 
ATOM   939  O  O   . CYS B 1 58 ? -1.652  4.952   17.525  1.00 2.90  ? 58  CYS B O   1 
ATOM   940  C  CB  . CYS B 1 58 ? -4.380  5.074   18.632  1.00 3.28  ? 58  CYS B CB  1 
ATOM   941  S  SG  . CYS B 1 58 ? -5.165  3.975   17.424  1.00 4.51  ? 58  CYS B SG  1 
ATOM   942  N  N   . ILE B 1 59 ? -2.429  6.328   15.916  1.00 2.80  ? 59  ILE B N   1 
ATOM   943  C  CA  . ILE B 1 59 ? -1.421  5.967   14.941  1.00 3.09  ? 59  ILE B CA  1 
ATOM   944  C  C   . ILE B 1 59 ? -0.389  7.092   15.064  1.00 3.45  ? 59  ILE B C   1 
ATOM   945  O  O   . ILE B 1 59 ? -0.712  8.277   14.885  1.00 2.33  ? 59  ILE B O   1 
ATOM   946  C  CB  . ILE B 1 59 ? -1.991  5.916   13.485  1.00 2.00  ? 59  ILE B CB  1 
ATOM   947  C  CG1 . ILE B 1 59 ? -3.226  5.035   13.377  1.00 2.00  ? 59  ILE B CG1 1 
ATOM   948  C  CG2 . ILE B 1 59 ? -0.917  5.345   12.580  1.00 2.00  ? 59  ILE B CG2 1 
ATOM   949  C  CD1 . ILE B 1 59 ? -3.931  5.147   12.019  1.00 2.00  ? 59  ILE B CD1 1 
ATOM   950  N  N   . HIS B 1 60 ? 0.869   6.769   15.388  1.00 3.50  ? 60  HIS B N   1 
ATOM   951  C  CA  . HIS B 1 60 ? 1.860   7.804   15.620  1.00 3.57  ? 60  HIS B CA  1 
ATOM   952  C  C   . HIS B 1 60 ? 3.084   7.632   14.744  1.00 5.06  ? 60  HIS B C   1 
ATOM   953  O  O   . HIS B 1 60 ? 3.381   6.544   14.250  1.00 4.64  ? 60  HIS B O   1 
ATOM   954  C  CB  . HIS B 1 60 ? 2.339   7.814   17.088  1.00 3.34  ? 60  HIS B CB  1 
ATOM   955  C  CG  . HIS B 1 60 ? 1.219   7.977   18.130  1.00 4.68  ? 60  HIS B CG  1 
ATOM   956  N  ND1 . HIS B 1 60 ? 0.638   9.075   18.620  1.00 3.39  ? 60  HIS B ND1 1 
ATOM   957  C  CD2 . HIS B 1 60 ? 0.573   6.914   18.699  1.00 2.20  ? 60  HIS B CD2 1 
ATOM   958  C  CE1 . HIS B 1 60 ? -0.335  8.721   19.419  1.00 2.00  ? 60  HIS B CE1 1 
ATOM   959  N  NE2 . HIS B 1 60 ? -0.352  7.429   19.452  1.00 2.99  ? 60  HIS B NE2 1 
ATOM   960  N  N   . TRP B 1 61 ? 3.760   8.756   14.535  1.00 4.80  ? 61  TRP B N   1 
ATOM   961  C  CA  . TRP B 1 61 ? 5.061   8.813   13.916  1.00 7.13  ? 61  TRP B CA  1 
ATOM   962  C  C   . TRP B 1 61 ? 6.017   8.431   15.023  1.00 10.90 ? 61  TRP B C   1 
ATOM   963  O  O   . TRP B 1 61 ? 5.739   8.663   16.212  1.00 10.98 ? 61  TRP B O   1 
ATOM   964  C  CB  . TRP B 1 61 ? 5.450   10.214  13.476  1.00 3.39  ? 61  TRP B CB  1 
ATOM   965  C  CG  . TRP B 1 61 ? 4.668   10.626  12.267  1.00 3.52  ? 61  TRP B CG  1 
ATOM   966  C  CD1 . TRP B 1 61 ? 3.756   11.637  12.331  1.00 3.61  ? 61  TRP B CD1 1 
ATOM   967  C  CD2 . TRP B 1 61 ? 4.753   10.027  11.030  1.00 4.39  ? 61  TRP B CD2 1 
ATOM   968  N  NE1 . TRP B 1 61 ? 3.252   11.686  11.122  1.00 4.74  ? 61  TRP B NE1 1 
ATOM   969  C  CE2 . TRP B 1 61 ? 3.814   10.759  10.321  1.00 4.54  ? 61  TRP B CE2 1 
ATOM   970  C  CE3 . TRP B 1 61 ? 5.473   9.024   10.409  1.00 3.39  ? 61  TRP B CE3 1 
ATOM   971  C  CZ2 . TRP B 1 61 ? 3.578   10.481  8.982   1.00 5.59  ? 61  TRP B CZ2 1 
ATOM   972  C  CZ3 . TRP B 1 61 ? 5.234   8.750   9.070   1.00 2.00  ? 61  TRP B CZ3 1 
ATOM   973  C  CH2 . TRP B 1 61 ? 4.298   9.467   8.366   1.00 2.00  ? 61  TRP B CH2 1 
ATOM   974  N  N   . GLU B 1 62 ? 7.144   7.843   14.682  1.00 15.84 ? 62  GLU B N   1 
ATOM   975  C  CA  . GLU B 1 62 ? 8.111   7.577   15.702  1.00 22.13 ? 62  GLU B CA  1 
ATOM   976  C  C   . GLU B 1 62 ? 8.910   8.866   15.762  1.00 26.59 ? 62  GLU B C   1 
ATOM   977  O  O   . GLU B 1 62 ? 9.314   9.414   14.728  1.00 28.45 ? 62  GLU B O   1 
ATOM   978  C  CB  . GLU B 1 62 ? 9.001   6.444   15.314  1.00 23.41 ? 62  GLU B CB  1 
ATOM   979  C  CG  . GLU B 1 62 ? 9.923   6.028   16.451  1.00 23.70 ? 62  GLU B CG  1 
ATOM   980  C  CD  . GLU B 1 62 ? 9.218   5.329   17.598  1.00 24.08 ? 62  GLU B CD  1 
ATOM   981  O  OE1 . GLU B 1 62 ? 8.670   4.245   17.356  1.00 22.95 ? 62  GLU B OE1 1 
ATOM   982  O  OE2 . GLU B 1 62 ? 9.228   5.849   18.721  1.00 25.98 ? 62  GLU B OE2 1 
ATOM   983  N  N   . ASP B 1 63 ? 8.976   9.282   17.033  1.00 29.88 ? 63  ASP B N   1 
ATOM   984  C  CA  . ASP B 1 63 ? 9.660   10.445  17.600  1.00 36.19 ? 63  ASP B CA  1 
ATOM   985  C  C   . ASP B 1 63 ? 8.665   11.456  18.179  1.00 37.81 ? 63  ASP B C   1 
ATOM   986  O  O   . ASP B 1 63 ? 9.098   12.436  18.788  1.00 39.07 ? 63  ASP B O   1 
ATOM   987  C  CB  . ASP B 1 63 ? 10.542  11.246  16.591  1.00 39.55 ? 63  ASP B CB  1 
ATOM   988  C  CG  . ASP B 1 63 ? 12.044  11.291  16.894  1.00 42.15 ? 63  ASP B CG  1 
ATOM   989  O  OD1 . ASP B 1 63 ? 12.436  11.504  18.053  1.00 43.02 ? 63  ASP B OD1 1 
ATOM   990  O  OD2 . ASP B 1 63 ? 12.817  11.128  15.943  1.00 42.81 ? 63  ASP B OD2 1 
ATOM   991  N  N   . GLU B 1 64 ? 7.347   11.240  18.016  1.00 38.78 ? 64  GLU B N   1 
ATOM   992  C  CA  . GLU B 1 64 ? 6.316   12.134  18.519  1.00 39.22 ? 64  GLU B CA  1 
ATOM   993  C  C   . GLU B 1 64 ? 6.411   12.465  20.011  1.00 40.71 ? 64  GLU B C   1 
ATOM   994  O  O   . GLU B 1 64 ? 6.335   11.537  20.827  1.00 42.66 ? 64  GLU B O   1 
ATOM   995  C  CB  . GLU B 1 64 ? 4.936   11.525  18.229  1.00 37.70 ? 64  GLU B CB  1 
ATOM   996  C  CG  . GLU B 1 64 ? 4.327   11.869  16.879  1.00 36.94 ? 64  GLU B CG  1 
ATOM   997  C  CD  . GLU B 1 64 ? 2.811   11.646  16.815  1.00 36.73 ? 64  GLU B CD  1 
ATOM   998  O  OE1 . GLU B 1 64 ? 2.103   11.883  17.798  1.00 37.31 ? 64  GLU B OE1 1 
ATOM   999  O  OE2 . GLU B 1 64 ? 2.316   11.245  15.766  1.00 37.04 ? 64  GLU B OE2 1 
ATOM   1000 O  OXT . GLU B 1 64 ? 6.566   13.685  20.268  0.00 42.66 ? 64  GLU B OXT 1 
HETATM 1001 FE FE1 . SF4 C 2 .  ? 2.679   -8.186  -14.828 1.00 4.98  ? 65  SF4 A FE1 1 
HETATM 1002 FE FE2 . SF4 C 2 .  ? 3.256   -7.283  -12.319 1.00 5.64  ? 65  SF4 A FE2 1 
HETATM 1003 FE FE3 . SF4 C 2 .  ? 4.593   -9.498  -13.270 1.00 5.68  ? 65  SF4 A FE3 1 
HETATM 1004 FE FE4 . SF4 C 2 .  ? 5.115   -7.127  -14.343 1.00 4.59  ? 65  SF4 A FE4 1 
HETATM 1005 S  S1  . SF4 C 2 .  ? 5.504   -7.717  -12.122 1.00 2.00  ? 65  SF4 A S1  1 
HETATM 1006 S  S2  . SF4 C 2 .  ? 4.692   -9.073  -15.534 1.00 2.00  ? 65  SF4 A S2  1 
HETATM 1007 S  S3  . SF4 C 2 .  ? 3.085   -6.020  -14.240 1.00 2.82  ? 65  SF4 A S3  1 
HETATM 1008 S  S4  . SF4 C 2 .  ? 2.361   -9.375  -12.864 1.00 5.29  ? 65  SF4 A S4  1 
HETATM 1009 S  S   . SO4 D 3 .  ? 6.202   8.765   -0.798  1.00 8.69  ? 65  SO4 B S   1 
HETATM 1010 O  O1  . SO4 D 3 .  ? 5.819   8.123   -1.989  1.00 10.82 ? 65  SO4 B O1  1 
HETATM 1011 O  O2  . SO4 D 3 .  ? 5.619   8.053   0.261   1.00 13.80 ? 65  SO4 B O2  1 
HETATM 1012 O  O3  . SO4 D 3 .  ? 7.603   8.718   -0.674  1.00 11.10 ? 65  SO4 B O3  1 
HETATM 1013 O  O4  . SO4 D 3 .  ? 5.741   10.086  -0.817  1.00 8.16  ? 65  SO4 B O4  1 
HETATM 1014 FE FE1 . SF4 E 2 .  ? -7.487  1.344   15.297  1.00 5.39  ? 66  SF4 B FE1 1 
HETATM 1015 FE FE2 . SF4 E 2 .  ? -6.986  1.948   12.712  1.00 4.66  ? 66  SF4 B FE2 1 
HETATM 1016 FE FE3 . SF4 E 2 .  ? -9.478  2.550   13.727  1.00 5.67  ? 66  SF4 B FE3 1 
HETATM 1017 FE FE4 . SF4 E 2 .  ? -7.378  3.958   14.486  1.00 5.17  ? 66  SF4 B FE4 1 
HETATM 1018 S  S1  . SF4 E 2 .  ? -8.232  3.845   12.322  1.00 3.39  ? 66  SF4 B S1  1 
HETATM 1019 S  S2  . SF4 E 2 .  ? -8.947  3.022   15.921  1.00 2.00  ? 66  SF4 B S2  1 
HETATM 1020 S  S3  . SF4 E 2 .  ? -5.650  2.422   14.494  1.00 2.00  ? 66  SF4 B S3  1 
HETATM 1021 S  S4  . SF4 E 2 .  ? -8.573  0.456   13.478  1.00 3.58  ? 66  SF4 B S4  1 
HETATM 1022 O  O   . HOH F 4 .  ? 8.656   -2.225  -15.268 1.00 2.00  ? 66  HOH A O   1 
HETATM 1023 O  O   . HOH F 4 .  ? 5.802   -2.173  -21.628 1.00 2.00  ? 67  HOH A O   1 
HETATM 1024 O  O   . HOH F 4 .  ? -3.578  2.424   -14.031 1.00 20.27 ? 68  HOH A O   1 
HETATM 1025 O  O   . HOH F 4 .  ? 5.642   -10.051 -23.242 1.00 21.58 ? 69  HOH A O   1 
HETATM 1026 O  O   . HOH F 4 .  ? 9.165   4.498   -17.560 1.00 9.77  ? 70  HOH A O   1 
HETATM 1027 O  O   . HOH F 4 .  ? 1.553   -1.757  -1.061  1.00 3.60  ? 71  HOH A O   1 
HETATM 1028 O  O   . HOH F 4 .  ? 2.990   6.233   -4.822  1.00 19.97 ? 72  HOH A O   1 
HETATM 1029 O  O   . HOH F 4 .  ? -4.763  1.087   -1.595  1.00 7.40  ? 73  HOH A O   1 
HETATM 1030 O  O   . HOH F 4 .  ? 4.858   6.888   -6.848  1.00 11.17 ? 74  HOH A O   1 
HETATM 1031 O  O   . HOH F 4 .  ? -7.674  -4.070  -15.574 1.00 26.27 ? 75  HOH A O   1 
HETATM 1032 O  O   . HOH F 4 .  ? -3.352  -0.025  -17.160 1.00 26.03 ? 76  HOH A O   1 
HETATM 1033 O  O   . HOH F 4 .  ? -5.812  -13.951 -11.393 1.00 20.68 ? 77  HOH A O   1 
HETATM 1034 O  O   . HOH F 4 .  ? 5.099   -9.040  -26.036 1.00 25.05 ? 78  HOH A O   1 
HETATM 1035 O  O   . HOH F 4 .  ? 12.608  -0.396  -13.827 1.00 20.75 ? 79  HOH A O   1 
HETATM 1036 O  O   . HOH F 4 .  ? -3.416  12.412  -4.760  1.00 11.84 ? 80  HOH A O   1 
HETATM 1037 O  O   . HOH F 4 .  ? -2.415  11.107  -6.917  1.00 19.97 ? 81  HOH A O   1 
HETATM 1038 O  O   . HOH F 4 .  ? -9.389  -1.523  -6.143  1.00 32.12 ? 82  HOH A O   1 
HETATM 1039 O  O   . HOH F 4 .  ? -4.851  -4.710  -0.991  1.00 19.32 ? 83  HOH A O   1 
HETATM 1040 O  O   . HOH F 4 .  ? 5.378   13.584  -13.180 1.00 24.39 ? 84  HOH A O   1 
HETATM 1041 O  O   . HOH F 4 .  ? -2.488  -1.279  -21.078 1.00 32.57 ? 85  HOH A O   1 
HETATM 1042 O  O   . HOH F 4 .  ? 4.581   16.976  -16.855 1.00 30.99 ? 86  HOH A O   1 
HETATM 1043 O  O   . HOH F 4 .  ? 14.479  -6.919  -13.731 1.00 24.52 ? 87  HOH A O   1 
HETATM 1044 O  O   . HOH F 4 .  ? -2.857  -0.010  -14.532 1.00 3.42  ? 88  HOH A O   1 
HETATM 1045 O  O   . HOH F 4 .  ? -9.100  -15.312 -11.495 1.00 22.85 ? 89  HOH A O   1 
HETATM 1046 O  O   . HOH F 4 .  ? -3.520  -6.639  -3.648  1.00 13.48 ? 90  HOH A O   1 
HETATM 1047 O  O   . HOH F 4 .  ? -8.817  0.613   -4.506  1.00 20.93 ? 91  HOH A O   1 
HETATM 1048 O  O   . HOH F 4 .  ? 2.988   11.953  -13.068 1.00 16.94 ? 92  HOH A O   1 
HETATM 1049 O  O   . HOH F 4 .  ? -1.138  -8.764  -25.911 1.00 40.09 ? 93  HOH A O   1 
HETATM 1050 O  O   . HOH F 4 .  ? 6.355   5.083   -20.888 1.00 28.06 ? 94  HOH A O   1 
HETATM 1051 O  O   . HOH F 4 .  ? -1.498  13.397  -2.394  1.00 34.47 ? 95  HOH A O   1 
HETATM 1052 O  O   . HOH F 4 .  ? 2.026   -14.294 -5.570  1.00 22.22 ? 96  HOH A O   1 
HETATM 1053 O  O   . HOH F 4 .  ? 9.280   -6.471  -22.931 1.00 30.03 ? 97  HOH A O   1 
HETATM 1054 O  O   . HOH F 4 .  ? -5.902  -6.113  -21.824 1.00 23.99 ? 98  HOH A O   1 
HETATM 1055 O  O   . HOH F 4 .  ? -0.022  -9.519  -1.782  1.00 25.09 ? 99  HOH A O   1 
HETATM 1056 O  O   . HOH F 4 .  ? 9.184   10.588  -3.503  1.00 35.53 ? 100 HOH A O   1 
HETATM 1057 O  O   . HOH F 4 .  ? 9.485   -4.750  -0.072  1.00 7.22  ? 101 HOH A O   1 
HETATM 1058 O  O   . HOH F 4 .  ? 6.854   -4.711  0.462   1.00 12.25 ? 102 HOH A O   1 
HETATM 1059 O  O   . HOH G 4 .  ? 3.944   9.086   -3.813  1.00 10.23 ? 67  HOH B O   1 
HETATM 1060 O  O   . HOH G 4 .  ? -7.167  4.398   -0.519  1.00 9.09  ? 68  HOH B O   1 
HETATM 1061 O  O   . HOH G 4 .  ? -3.834  8.785   14.614  1.00 2.00  ? 69  HOH B O   1 
HETATM 1062 O  O   . HOH G 4 .  ? -2.041  0.872   0.992   1.00 3.75  ? 70  HOH B O   1 
HETATM 1063 O  O   . HOH G 4 .  ? 2.106   -1.098  14.424  1.00 2.00  ? 71  HOH B O   1 
HETATM 1064 O  O   . HOH G 4 .  ? -2.163  6.772   21.357  1.00 2.03  ? 72  HOH B O   1 
HETATM 1065 O  O   . HOH G 4 .  ? -5.142  -5.183  5.111   1.00 11.30 ? 73  HOH B O   1 
HETATM 1066 O  O   . HOH G 4 .  ? -6.521  -6.661  7.692   1.00 22.09 ? 74  HOH B O   1 
HETATM 1067 O  O   . HOH G 4 .  ? 0.269   -7.115  16.331  1.00 6.92  ? 75  HOH B O   1 
HETATM 1068 O  O   . HOH G 4 .  ? 2.622   -3.835  1.532   1.00 17.11 ? 76  HOH B O   1 
HETATM 1069 O  O   . HOH G 4 .  ? 9.217   6.579   -0.975  1.00 5.09  ? 77  HOH B O   1 
HETATM 1070 O  O   . HOH G 4 .  ? -12.362 10.182  13.409  1.00 7.48  ? 78  HOH B O   1 
HETATM 1071 O  O   . HOH G 4 .  ? 4.781   5.298   3.734   1.00 9.66  ? 79  HOH B O   1 
HETATM 1072 O  O   . HOH G 4 .  ? 0.695   -7.135  19.149  1.00 14.74 ? 80  HOH B O   1 
HETATM 1073 O  O   . HOH G 4 .  ? 2.548   -9.206  9.120   1.00 13.78 ? 81  HOH B O   1 
HETATM 1074 O  O   . HOH G 4 .  ? 1.617   -1.790  16.952  1.00 14.24 ? 82  HOH B O   1 
HETATM 1075 O  O   . HOH G 4 .  ? -3.810  13.042  3.340   1.00 10.81 ? 83  HOH B O   1 
HETATM 1076 O  O   . HOH G 4 .  ? -9.497  4.395   23.235  1.00 8.04  ? 84  HOH B O   1 
HETATM 1077 O  O   . HOH G 4 .  ? 0.938   -1.259  20.847  1.00 6.54  ? 85  HOH B O   1 
HETATM 1078 O  O   . HOH G 4 .  ? -7.293  8.805   22.247  1.00 8.65  ? 86  HOH B O   1 
HETATM 1079 O  O   . HOH G 4 .  ? -5.214  13.858  5.707   1.00 19.24 ? 87  HOH B O   1 
HETATM 1080 O  O   . HOH G 4 .  ? -3.310  -8.319  5.022   1.00 18.39 ? 88  HOH B O   1 
HETATM 1081 O  O   . HOH G 4 .  ? -0.653  13.532  9.796   1.00 36.04 ? 89  HOH B O   1 
HETATM 1082 O  O   . HOH G 4 .  ? -9.715  0.068   23.479  1.00 12.60 ? 90  HOH B O   1 
HETATM 1083 O  O   . HOH G 4 .  ? -9.798  12.344  15.231  1.00 17.57 ? 91  HOH B O   1 
HETATM 1084 O  O   . HOH G 4 .  ? -9.629  -0.499  0.079   1.00 29.04 ? 92  HOH B O   1 
HETATM 1085 O  O   . HOH G 4 .  ? -2.402  -6.195  1.840   1.00 27.27 ? 93  HOH B O   1 
HETATM 1086 O  O   . HOH G 4 .  ? 6.399   2.832   20.820  1.00 25.59 ? 94  HOH B O   1 
HETATM 1087 O  O   . HOH G 4 .  ? 12.806  2.241   0.685   1.00 27.34 ? 95  HOH B O   1 
HETATM 1088 O  O   . HOH G 4 .  ? -5.802  -6.490  23.589  1.00 40.32 ? 96  HOH B O   1 
HETATM 1089 O  O   . HOH G 4 .  ? 4.608   8.020   5.522   1.00 36.57 ? 97  HOH B O   1 
HETATM 1090 O  O   . HOH G 4 .  ? -8.140  1.632   26.788  1.00 36.36 ? 98  HOH B O   1 
HETATM 1091 O  O   . HOH G 4 .  ? -10.714 -5.192  6.914   1.00 40.45 ? 99  HOH B O   1 
# 
